data_5OU5
#
_entry.id   5OU5
#
_cell.length_a   135.961
_cell.length_b   147.155
_cell.length_c   261.615
_cell.angle_alpha   90.00
_cell.angle_beta   90.00
_cell.angle_gamma   90.00
#
_symmetry.space_group_name_H-M   'I 21 21 21'
#
loop_
_entity.id
_entity.type
_entity.pdbx_description
1 polymer 'Malic enzyme'
2 non-polymer 'SODIUM ION'
3 non-polymer 'POTASSIUM ION'
4 water water
#
_entity_poly.entity_id   1
_entity_poly.type   'polypeptide(L)'
_entity_poly.pdbx_seq_one_letter_code
;HAMVSNAETETEKEQEEAAAASEELPVMPWATSVASGYTLLRDPHHNKGLAFTEEERDGHYLRGLLPPAVLSQELQIKKF
MNTLRQYQTPLQRYIAMMNLQETDERLFYKLLIDNVVELLPFVYTPTVGEACQKYGSIFGRPQGLYVSLKDKGKVLEVLR
NWPHRNIQVICVTDGERILGLGDLGCQGMGIPVGKLALYTALGGVDPSVCLPITIDVGTNNEKLLNDEFYIGLRQKRATG
EEYDELIEEFMSAVKQFYGEKVLIQFEDFANHNAFDLLEKYSKSHLVFNDDIQGTASVVLAGLLAALKMVGGTLAEQTYL
FLGAGEAGTGIAELIALEISKQTNAPIEECRKKVWLVDSKGLIVDSRKGSLQPFKKPWAHEHEPLKTLYDAVQSIKPTVL
IGTSGVGRTFTKEIIEAMSSFNERPIIFSLSNPTSHSECTAEQAYTWSQGRSIFASGSPFAPVEYEGKTFVPGQSNNAYI
FPGLGLGLVISGAVRVHEDMLLAASKALADQATQDNFEKGSIFPPFTSIRKISAHIAAAVAAKAYELGLATRLPPPSDLV
KYAENCMYTPVYRNYR
;
_entity_poly.pdbx_strand_id   A,B,C,D
#
loop_
_chem_comp.id
_chem_comp.type
_chem_comp.name
_chem_comp.formula
K non-polymer 'POTASSIUM ION' 'K 1'
NA non-polymer 'SODIUM ION' 'Na 1'
#
# COMPACT_ATOMS: atom_id res chain seq x y z
N GLU A 24 -15.48 -7.56 20.74
CA GLU A 24 -15.49 -6.06 20.63
C GLU A 24 -14.17 -5.34 21.12
N LEU A 25 -13.03 -6.03 21.06
CA LEU A 25 -11.72 -5.32 21.06
C LEU A 25 -11.64 -4.41 19.83
N PRO A 26 -11.05 -3.22 19.98
CA PRO A 26 -10.69 -2.51 18.75
C PRO A 26 -9.75 -3.35 17.87
N VAL A 27 -9.83 -3.16 16.57
CA VAL A 27 -8.96 -3.90 15.67
C VAL A 27 -8.17 -2.91 14.79
N MET A 28 -6.97 -3.29 14.39
CA MET A 28 -6.25 -2.61 13.34
C MET A 28 -6.75 -3.06 11.93
N PRO A 29 -7.14 -2.14 11.05
CA PRO A 29 -7.47 -2.56 9.66
C PRO A 29 -6.20 -2.64 8.83
N TRP A 30 -5.82 -3.82 8.41
CA TRP A 30 -4.65 -4.07 7.58
C TRP A 30 -5.16 -4.23 6.13
N ALA A 31 -4.44 -3.65 5.18
CA ALA A 31 -4.66 -3.78 3.72
C ALA A 31 -3.62 -4.76 3.26
N THR A 32 -3.97 -5.57 2.29
CA THR A 32 -3.10 -6.53 1.70
C THR A 32 -2.88 -6.17 0.23
N SER A 33 -1.64 -6.31 -0.24
CA SER A 33 -1.34 -6.07 -1.64
C SER A 33 -0.15 -6.89 -2.09
N VAL A 34 0.03 -6.98 -3.39
CA VAL A 34 1.12 -7.75 -3.92
C VAL A 34 2.36 -6.89 -3.84
N ALA A 35 3.42 -7.39 -3.22
CA ALA A 35 4.68 -6.64 -3.15
C ALA A 35 5.41 -6.61 -4.48
N SER A 36 5.77 -5.40 -4.89
CA SER A 36 6.53 -5.15 -6.09
C SER A 36 7.57 -4.10 -5.87
N GLY A 37 8.55 -4.04 -6.79
CA GLY A 37 9.47 -2.91 -6.89
C GLY A 37 10.22 -2.75 -5.59
N TYR A 38 10.43 -1.51 -5.21
CA TYR A 38 11.12 -1.22 -3.93
C TYR A 38 10.37 -1.70 -2.69
N THR A 39 9.06 -1.81 -2.75
CA THR A 39 8.32 -2.43 -1.64
C THR A 39 8.79 -3.84 -1.33
N LEU A 40 9.00 -4.62 -2.40
CA LEU A 40 9.55 -5.94 -2.27
C LEU A 40 11.01 -5.87 -1.75
N LEU A 41 11.83 -4.98 -2.33
CA LEU A 41 13.27 -4.92 -1.95
C LEU A 41 13.48 -4.51 -0.48
N ARG A 42 12.55 -3.71 0.05
CA ARG A 42 12.60 -3.16 1.40
C ARG A 42 11.89 -3.99 2.48
N ASP A 43 11.30 -5.07 2.07
CA ASP A 43 10.66 -5.99 2.99
C ASP A 43 11.62 -7.20 3.23
N PRO A 44 12.20 -7.28 4.42
CA PRO A 44 13.12 -8.36 4.82
C PRO A 44 12.57 -9.78 4.68
N HIS A 45 11.27 -9.94 4.87
CA HIS A 45 10.59 -11.19 4.73
C HIS A 45 10.58 -11.67 3.28
N HIS A 46 10.63 -10.80 2.30
CA HIS A 46 10.61 -11.21 0.91
C HIS A 46 11.84 -10.87 0.09
N ASN A 47 12.64 -9.96 0.55
CA ASN A 47 13.74 -9.50 -0.24
C ASN A 47 14.70 -10.65 -0.44
N LYS A 48 15.05 -10.89 -1.68
CA LYS A 48 16.06 -11.89 -2.07
C LYS A 48 17.36 -11.22 -2.56
N GLY A 49 17.38 -9.90 -2.63
CA GLY A 49 18.53 -9.17 -3.21
C GLY A 49 18.89 -9.62 -4.63
N LEU A 50 20.16 -9.93 -4.84
CA LEU A 50 20.60 -10.39 -6.17
C LEU A 50 20.12 -11.76 -6.56
N ALA A 51 19.46 -12.46 -5.65
CA ALA A 51 18.93 -13.75 -5.92
C ALA A 51 17.55 -13.76 -6.55
N PHE A 52 16.89 -12.60 -6.69
CA PHE A 52 15.71 -12.54 -7.52
C PHE A 52 16.04 -13.08 -8.92
N THR A 53 15.20 -13.98 -9.42
CA THR A 53 15.43 -14.58 -10.72
C THR A 53 15.00 -13.65 -11.81
N GLU A 54 15.43 -14.00 -13.01
CA GLU A 54 15.01 -13.33 -14.22
C GLU A 54 13.48 -13.13 -14.28
N GLU A 55 12.69 -14.17 -14.04
CA GLU A 55 11.25 -14.13 -14.14
C GLU A 55 10.64 -13.25 -13.00
N GLU A 56 11.15 -13.43 -11.78
CA GLU A 56 10.75 -12.59 -10.63
C GLU A 56 10.97 -11.15 -10.97
N ARG A 57 12.13 -10.83 -11.57
CA ARG A 57 12.45 -9.44 -11.87
C ARG A 57 11.51 -8.82 -12.90
N ASP A 58 11.17 -9.59 -13.93
CA ASP A 58 10.26 -9.15 -15.01
C ASP A 58 8.82 -9.12 -14.52
N GLY A 59 8.41 -10.05 -13.63
CA GLY A 59 7.08 -9.90 -13.05
C GLY A 59 6.90 -8.85 -11.92
N HIS A 60 7.96 -8.32 -11.32
CA HIS A 60 7.82 -7.45 -10.13
C HIS A 60 8.55 -6.15 -10.25
N TYR A 61 8.78 -5.69 -11.46
CA TYR A 61 9.25 -4.37 -11.71
C TYR A 61 10.58 -4.13 -11.02
N LEU A 62 11.44 -5.14 -11.02
CA LEU A 62 12.77 -5.04 -10.47
C LEU A 62 13.80 -4.82 -11.53
N ARG A 63 13.46 -4.99 -12.81
CA ARG A 63 14.47 -4.78 -13.88
C ARG A 63 15.06 -3.39 -13.75
N GLY A 64 16.35 -3.29 -13.80
CA GLY A 64 17.04 -1.98 -13.68
C GLY A 64 17.37 -1.60 -12.25
N LEU A 65 16.48 -1.96 -11.31
CA LEU A 65 16.68 -1.62 -9.89
C LEU A 65 17.76 -2.49 -9.31
N LEU A 66 18.03 -3.61 -9.93
CA LEU A 66 19.16 -4.46 -9.56
C LEU A 66 20.10 -4.58 -10.73
N PRO A 67 21.39 -4.89 -10.49
CA PRO A 67 22.31 -5.08 -11.64
C PRO A 67 21.98 -6.35 -12.37
N PRO A 68 22.50 -6.52 -13.59
CA PRO A 68 22.07 -7.68 -14.39
C PRO A 68 22.30 -9.05 -13.79
N ALA A 69 23.38 -9.26 -13.07
CA ALA A 69 23.68 -10.68 -12.71
C ALA A 69 22.80 -11.21 -11.58
N VAL A 70 22.42 -12.47 -11.72
CA VAL A 70 21.67 -13.24 -10.77
C VAL A 70 22.68 -14.07 -9.95
N LEU A 71 22.60 -13.95 -8.63
CA LEU A 71 23.44 -14.58 -7.68
C LEU A 71 22.64 -15.57 -6.84
N SER A 72 23.14 -16.78 -6.65
CA SER A 72 22.49 -17.80 -5.84
C SER A 72 22.54 -17.45 -4.31
N GLN A 73 21.63 -18.01 -3.58
CA GLN A 73 21.62 -17.87 -2.13
C GLN A 73 22.93 -18.32 -1.53
N GLU A 74 23.50 -19.41 -2.04
CA GLU A 74 24.74 -19.98 -1.50
CA GLU A 74 24.80 -19.97 -1.47
C GLU A 74 25.93 -18.98 -1.74
N LEU A 75 25.93 -18.32 -2.93
CA LEU A 75 26.98 -17.27 -3.16
C LEU A 75 26.79 -16.03 -2.36
N GLN A 76 25.55 -15.75 -1.98
CA GLN A 76 25.30 -14.61 -1.17
C GLN A 76 25.84 -14.86 0.23
N ILE A 77 25.66 -16.06 0.74
CA ILE A 77 26.23 -16.45 2.03
C ILE A 77 27.75 -16.28 2.02
N LYS A 78 28.38 -16.80 0.98
CA LYS A 78 29.83 -16.73 0.89
C LYS A 78 30.31 -15.26 0.87
N LYS A 79 29.65 -14.41 0.07
CA LYS A 79 29.98 -13.01 0.00
C LYS A 79 29.83 -12.38 1.37
N PHE A 80 28.73 -12.64 2.06
CA PHE A 80 28.52 -11.94 3.34
C PHE A 80 29.54 -12.47 4.35
N MET A 81 29.81 -13.77 4.33
CA MET A 81 30.75 -14.29 5.34
C MET A 81 32.13 -13.63 5.13
N ASN A 82 32.49 -13.40 3.85
CA ASN A 82 33.76 -12.78 3.46
C ASN A 82 33.93 -11.39 4.03
N THR A 83 32.93 -10.53 3.92
CA THR A 83 33.05 -9.23 4.54
C THR A 83 32.90 -9.31 6.07
N LEU A 84 32.06 -10.21 6.56
CA LEU A 84 31.90 -10.30 8.03
C LEU A 84 33.25 -10.62 8.77
N ARG A 85 34.09 -11.50 8.23
CA ARG A 85 35.36 -11.86 8.86
C ARG A 85 36.38 -10.73 8.77
N GLN A 86 36.18 -9.74 7.91
CA GLN A 86 37.08 -8.58 7.93
C GLN A 86 36.77 -7.54 9.06
N TYR A 87 35.62 -7.66 9.74
CA TYR A 87 35.34 -6.76 10.84
C TYR A 87 36.17 -7.27 11.99
N GLN A 88 36.98 -6.40 12.58
CA GLN A 88 37.90 -6.81 13.60
C GLN A 88 37.25 -7.01 14.99
N THR A 89 36.19 -6.28 15.36
CA THR A 89 35.65 -6.47 16.72
C THR A 89 34.38 -7.33 16.71
N PRO A 90 34.16 -8.12 17.76
CA PRO A 90 32.93 -8.89 17.79
C PRO A 90 31.67 -8.00 17.66
N LEU A 91 31.64 -6.84 18.26
CA LEU A 91 30.46 -5.94 18.18
C LEU A 91 30.14 -5.46 16.77
N GLN A 92 31.14 -5.20 15.97
CA GLN A 92 30.88 -4.87 14.56
C GLN A 92 30.26 -6.06 13.85
N ARG A 93 30.66 -7.27 14.20
CA ARG A 93 30.08 -8.40 13.53
C ARG A 93 28.63 -8.60 13.99
N TYR A 94 28.31 -8.38 15.26
CA TYR A 94 26.93 -8.44 15.77
C TYR A 94 26.07 -7.41 14.97
N ILE A 95 26.61 -6.21 14.79
CA ILE A 95 25.94 -5.14 14.07
C ILE A 95 25.62 -5.49 12.62
N ALA A 96 26.57 -6.04 11.92
CA ALA A 96 26.35 -6.42 10.54
C ALA A 96 25.35 -7.60 10.46
N MET A 97 25.34 -8.51 11.44
CA MET A 97 24.37 -9.59 11.46
C MET A 97 22.91 -9.03 11.69
N MET A 98 22.74 -8.13 12.62
CA MET A 98 21.42 -7.59 12.90
C MET A 98 20.92 -6.77 11.70
N ASN A 99 21.84 -6.07 11.02
CA ASN A 99 21.48 -5.34 9.86
C ASN A 99 21.04 -6.32 8.76
N LEU A 100 21.71 -7.46 8.63
CA LEU A 100 21.28 -8.45 7.68
C LEU A 100 19.87 -9.05 8.05
N GLN A 101 19.71 -9.38 9.31
CA GLN A 101 18.43 -9.87 9.77
C GLN A 101 17.26 -8.93 9.38
N GLU A 102 17.50 -7.65 9.45
CA GLU A 102 16.49 -6.67 9.09
C GLU A 102 16.49 -6.24 7.60
N THR A 103 17.23 -6.93 6.72
CA THR A 103 17.22 -6.59 5.29
C THR A 103 16.86 -7.78 4.42
N ASP A 104 17.34 -8.96 4.76
CA ASP A 104 17.03 -10.17 4.04
C ASP A 104 17.00 -11.31 5.06
N GLU A 105 15.80 -11.66 5.47
CA GLU A 105 15.66 -12.53 6.61
C GLU A 105 15.99 -13.97 6.28
N ARG A 106 15.68 -14.40 5.08
CA ARG A 106 16.07 -15.72 4.74
C ARG A 106 17.56 -15.97 4.57
N LEU A 107 18.29 -15.00 4.05
CA LEU A 107 19.68 -15.10 3.96
C LEU A 107 20.25 -15.12 5.37
N PHE A 108 19.73 -14.26 6.25
CA PHE A 108 20.24 -14.20 7.62
C PHE A 108 20.20 -15.59 8.22
N TYR A 109 19.05 -16.28 8.09
CA TYR A 109 18.87 -17.54 8.73
C TYR A 109 19.61 -18.65 8.08
N LYS A 110 19.72 -18.65 6.76
CA LYS A 110 20.50 -19.71 6.09
C LYS A 110 21.97 -19.51 6.44
N LEU A 111 22.44 -18.28 6.39
CA LEU A 111 23.80 -18.01 6.83
C LEU A 111 24.12 -18.49 8.27
N LEU A 112 23.24 -18.17 9.22
CA LEU A 112 23.48 -18.55 10.60
C LEU A 112 23.51 -20.06 10.80
N ILE A 113 22.52 -20.74 10.22
CA ILE A 113 22.36 -22.15 10.32
C ILE A 113 23.64 -22.82 9.78
N ASP A 114 24.04 -22.46 8.54
CA ASP A 114 25.15 -23.09 7.86
C ASP A 114 26.52 -22.74 8.50
N ASN A 115 26.60 -21.69 9.35
CA ASN A 115 27.83 -21.25 9.98
C ASN A 115 27.68 -21.08 11.50
N VAL A 116 26.88 -21.94 12.08
CA VAL A 116 26.37 -21.70 13.44
C VAL A 116 27.47 -21.74 14.47
N VAL A 117 28.44 -22.65 14.29
CA VAL A 117 29.53 -22.76 15.25
C VAL A 117 30.35 -21.48 15.28
N GLU A 118 30.69 -20.98 14.10
CA GLU A 118 31.46 -19.71 14.00
C GLU A 118 30.65 -18.46 14.43
N LEU A 119 29.36 -18.44 14.16
CA LEU A 119 28.56 -17.21 14.31
C LEU A 119 27.84 -17.05 15.64
N LEU A 120 27.55 -18.16 16.30
CA LEU A 120 26.86 -18.14 17.58
C LEU A 120 27.47 -17.18 18.66
N PRO A 121 28.81 -17.10 18.81
CA PRO A 121 29.43 -16.11 19.76
C PRO A 121 29.26 -14.66 19.44
N PHE A 122 28.90 -14.37 18.20
CA PHE A 122 28.63 -13.00 17.74
C PHE A 122 27.19 -12.54 17.81
N VAL A 123 26.23 -13.45 17.62
CA VAL A 123 24.77 -13.10 17.74
C VAL A 123 24.20 -13.48 19.10
N TYR A 124 24.94 -14.28 19.88
CA TYR A 124 24.54 -14.75 21.19
C TYR A 124 25.68 -14.53 22.21
N THR A 125 25.78 -15.26 23.32
CA THR A 125 26.85 -15.04 24.32
C THR A 125 28.22 -15.40 23.69
N PRO A 126 29.27 -14.59 23.86
CA PRO A 126 29.32 -13.42 24.71
C PRO A 126 28.86 -12.09 24.12
N THR A 127 28.88 -11.94 22.81
CA THR A 127 28.74 -10.59 22.18
C THR A 127 27.41 -9.92 22.46
N VAL A 128 26.35 -10.69 22.64
CA VAL A 128 25.06 -10.09 22.89
C VAL A 128 25.04 -9.28 24.17
N GLY A 129 25.81 -9.73 25.14
CA GLY A 129 26.00 -9.00 26.35
C GLY A 129 26.59 -7.61 26.16
N GLU A 130 27.65 -7.51 25.37
CA GLU A 130 28.19 -6.23 24.99
C GLU A 130 27.19 -5.39 24.16
N ALA A 131 26.49 -6.05 23.23
CA ALA A 131 25.44 -5.35 22.51
C ALA A 131 24.45 -4.74 23.48
N CYS A 132 23.98 -5.48 24.49
CA CYS A 132 23.03 -4.91 25.44
C CYS A 132 23.64 -3.72 26.23
N GLN A 133 24.89 -3.84 26.70
CA GLN A 133 25.52 -2.71 27.40
C GLN A 133 25.62 -1.48 26.52
N LYS A 134 25.89 -1.66 25.22
CA LYS A 134 26.03 -0.53 24.32
C LYS A 134 24.86 -0.31 23.36
N TYR A 135 23.69 -0.85 23.69
CA TYR A 135 22.56 -0.94 22.73
C TYR A 135 22.12 0.41 22.23
N GLY A 136 22.08 1.42 23.09
CA GLY A 136 21.68 2.73 22.63
C GLY A 136 22.70 3.34 21.66
N SER A 137 23.99 3.11 21.88
CA SER A 137 24.97 3.73 21.00
C SER A 137 25.08 3.07 19.60
N ILE A 138 24.56 1.86 19.42
CA ILE A 138 24.61 1.15 18.14
C ILE A 138 23.26 0.94 17.54
N PHE A 139 22.23 1.51 18.18
CA PHE A 139 20.88 1.25 17.78
C PHE A 139 20.71 1.69 16.32
N GLY A 140 20.29 0.78 15.46
CA GLY A 140 20.04 1.07 14.05
C GLY A 140 18.63 0.76 13.62
N ARG A 141 18.43 -0.41 13.03
CA ARG A 141 17.12 -0.82 12.54
C ARG A 141 16.32 -1.39 13.71
N PRO A 142 15.04 -0.99 13.86
CA PRO A 142 14.25 -1.36 15.00
C PRO A 142 13.99 -2.84 15.03
N GLN A 143 14.07 -3.47 16.20
CA GLN A 143 13.70 -4.89 16.32
C GLN A 143 12.91 -5.07 17.58
N GLY A 144 11.93 -5.91 17.55
CA GLY A 144 11.08 -6.17 18.66
C GLY A 144 10.06 -5.09 18.99
N LEU A 145 9.27 -5.37 20.02
CA LEU A 145 8.27 -4.48 20.51
C LEU A 145 8.63 -4.06 21.93
N TYR A 146 8.58 -2.74 22.16
CA TYR A 146 8.77 -2.13 23.51
C TYR A 146 7.43 -1.76 24.12
N VAL A 147 7.16 -2.28 25.31
CA VAL A 147 5.95 -1.90 26.05
C VAL A 147 6.47 -1.19 27.31
N SER A 148 6.08 0.05 27.55
CA SER A 148 6.54 0.74 28.75
C SER A 148 5.49 1.09 29.75
N LEU A 149 5.91 1.64 30.87
CA LEU A 149 4.97 2.17 31.88
C LEU A 149 4.04 3.23 31.28
N LYS A 150 4.56 4.01 30.35
CA LYS A 150 3.78 5.03 29.64
CA LYS A 150 3.75 5.02 29.67
C LYS A 150 2.64 4.43 28.79
N ASP A 151 2.66 3.12 28.53
CA ASP A 151 1.56 2.47 27.85
C ASP A 151 0.52 1.87 28.79
N LYS A 152 0.59 2.15 30.09
CA LYS A 152 -0.38 1.64 31.05
CA LYS A 152 -0.38 1.60 31.03
C LYS A 152 -1.80 1.94 30.56
N GLY A 153 -2.69 0.95 30.63
CA GLY A 153 -4.06 1.08 30.08
C GLY A 153 -4.18 0.93 28.57
N LYS A 154 -3.05 0.77 27.86
CA LYS A 154 -3.04 0.75 26.39
C LYS A 154 -2.11 -0.29 25.85
N VAL A 155 -1.84 -1.33 26.60
CA VAL A 155 -0.96 -2.37 26.17
C VAL A 155 -1.49 -3.05 24.95
N LEU A 156 -2.76 -3.38 24.97
CA LEU A 156 -3.42 -4.09 23.92
C LEU A 156 -3.30 -3.41 22.60
N GLU A 157 -3.43 -2.04 22.56
CA GLU A 157 -3.20 -1.07 21.54
CA GLU A 157 -3.12 -0.84 21.59
C GLU A 157 -1.66 -0.91 20.85
N VAL A 158 -0.77 -1.17 21.82
CA VAL A 158 0.61 -1.31 21.35
C VAL A 158 0.81 -2.61 20.59
N LEU A 159 0.24 -3.69 21.09
CA LEU A 159 0.40 -5.02 20.45
C LEU A 159 -0.18 -5.04 19.06
N ARG A 160 -1.24 -4.27 18.85
CA ARG A 160 -1.86 -4.16 17.54
C ARG A 160 -1.01 -3.53 16.47
N ASN A 161 0.02 -2.78 16.85
CA ASN A 161 0.93 -2.21 15.88
C ASN A 161 1.89 -3.24 15.29
N TRP A 162 2.02 -4.43 15.89
CA TRP A 162 2.94 -5.44 15.34
C TRP A 162 2.34 -6.02 14.07
N PRO A 163 3.04 -5.98 12.91
CA PRO A 163 2.40 -6.39 11.65
C PRO A 163 2.23 -7.91 11.39
N HIS A 164 2.64 -8.80 12.28
CA HIS A 164 2.43 -10.23 12.05
C HIS A 164 1.43 -10.65 13.10
N ARG A 165 0.32 -11.12 12.61
CA ARG A 165 -0.83 -11.40 13.43
C ARG A 165 -0.77 -12.73 14.26
N ASN A 166 -0.16 -13.76 13.68
CA ASN A 166 -0.28 -15.15 14.11
C ASN A 166 0.93 -15.46 15.03
N ILE A 167 0.98 -14.88 16.22
CA ILE A 167 2.13 -15.04 17.08
C ILE A 167 2.00 -16.29 17.91
N GLN A 168 3.03 -17.14 17.91
CA GLN A 168 3.08 -18.38 18.70
C GLN A 168 4.15 -18.39 19.75
N VAL A 169 5.23 -17.60 19.57
CA VAL A 169 6.28 -17.53 20.57
C VAL A 169 6.65 -16.10 20.91
N ILE A 170 6.47 -15.73 22.18
CA ILE A 170 6.93 -14.48 22.72
C ILE A 170 8.15 -14.72 23.63
N CYS A 171 9.19 -13.90 23.45
CA CYS A 171 10.27 -13.86 24.43
CA CYS A 171 10.31 -13.83 24.41
C CYS A 171 10.33 -12.44 24.97
N VAL A 172 10.26 -12.37 26.29
CA VAL A 172 10.09 -11.13 27.01
C VAL A 172 11.04 -10.97 28.19
N THR A 173 11.55 -9.78 28.32
CA THR A 173 12.47 -9.42 29.43
C THR A 173 12.06 -8.06 30.03
N ASP A 174 12.44 -7.78 31.29
CA ASP A 174 12.44 -6.36 31.82
C ASP A 174 13.83 -5.78 31.96
N GLY A 175 14.80 -6.53 31.52
CA GLY A 175 16.21 -6.16 31.55
C GLY A 175 16.88 -6.01 32.89
N GLU A 176 16.25 -6.47 33.95
CA GLU A 176 16.81 -6.32 35.26
C GLU A 176 18.06 -7.15 35.54
N ARG A 177 18.16 -8.33 34.96
CA ARG A 177 19.29 -9.18 35.15
C ARG A 177 19.77 -9.79 33.86
N ILE A 178 20.50 -9.03 33.07
CA ILE A 178 20.98 -9.48 31.78
C ILE A 178 22.24 -10.30 31.97
N LEU A 179 22.23 -11.55 31.60
CA LEU A 179 23.35 -12.42 31.83
C LEU A 179 23.88 -12.18 33.27
N GLY A 180 25.18 -11.97 33.47
CA GLY A 180 25.73 -11.56 34.79
C GLY A 180 26.05 -10.08 34.84
N LEU A 181 25.47 -9.29 33.94
CA LEU A 181 25.84 -7.91 33.77
C LEU A 181 24.91 -6.99 34.55
N GLY A 182 23.94 -7.53 35.29
CA GLY A 182 22.98 -6.69 36.02
C GLY A 182 21.96 -5.98 35.14
N ASP A 183 21.51 -4.85 35.67
CA ASP A 183 20.38 -4.08 35.21
C ASP A 183 20.80 -3.26 34.00
N LEU A 184 20.27 -3.62 32.84
CA LEU A 184 20.50 -2.79 31.63
C LEU A 184 19.23 -2.17 31.09
N GLY A 185 18.17 -2.23 31.87
CA GLY A 185 16.94 -1.53 31.51
C GLY A 185 16.40 -1.93 30.14
N CYS A 186 15.99 -0.93 29.39
CA CYS A 186 15.34 -1.12 28.14
C CYS A 186 16.35 -1.62 27.05
N GLN A 187 17.63 -1.53 27.34
CA GLN A 187 18.65 -2.09 26.47
C GLN A 187 18.78 -3.59 26.57
N GLY A 188 17.97 -4.22 27.42
CA GLY A 188 17.95 -5.65 27.44
C GLY A 188 17.31 -6.32 26.22
N MET A 189 16.74 -5.53 25.29
CA MET A 189 16.05 -6.04 24.13
C MET A 189 16.90 -7.01 23.32
N GLY A 190 18.20 -6.82 23.24
CA GLY A 190 19.10 -7.76 22.48
C GLY A 190 18.98 -9.20 22.95
N ILE A 191 18.65 -9.42 24.21
CA ILE A 191 18.43 -10.81 24.68
C ILE A 191 17.24 -11.50 24.02
N PRO A 192 15.99 -10.96 24.13
CA PRO A 192 14.90 -11.70 23.41
C PRO A 192 15.07 -11.75 21.88
N VAL A 193 15.70 -10.73 21.30
CA VAL A 193 15.90 -10.71 19.86
C VAL A 193 16.83 -11.85 19.47
N GLY A 194 17.95 -11.97 20.21
CA GLY A 194 18.82 -13.15 20.20
C GLY A 194 18.20 -14.50 20.39
N LYS A 195 17.40 -14.63 21.46
CA LYS A 195 16.78 -15.91 21.78
C LYS A 195 15.89 -16.39 20.67
N LEU A 196 15.09 -15.48 20.07
CA LEU A 196 14.15 -15.88 19.05
C LEU A 196 14.81 -16.19 17.73
N ALA A 197 15.92 -15.53 17.42
CA ALA A 197 16.70 -15.92 16.26
C ALA A 197 17.17 -17.34 16.37
N LEU A 198 17.50 -17.76 17.60
CA LEU A 198 17.88 -19.13 17.83
C LEU A 198 16.68 -20.10 17.80
N TYR A 199 15.50 -19.65 18.23
CA TYR A 199 14.29 -20.45 18.03
C TYR A 199 14.16 -20.83 16.55
N THR A 200 14.45 -19.91 15.65
CA THR A 200 14.36 -20.13 14.24
C THR A 200 15.51 -20.94 13.69
N ALA A 201 16.72 -20.50 13.95
CA ALA A 201 17.86 -21.14 13.39
C ALA A 201 18.13 -22.56 13.93
N LEU A 202 18.09 -22.72 15.26
CA LEU A 202 18.32 -23.97 15.96
C LEU A 202 17.11 -24.89 16.06
N GLY A 203 15.93 -24.29 16.25
CA GLY A 203 14.71 -24.95 16.56
C GLY A 203 13.77 -25.12 15.39
N GLY A 204 13.98 -24.37 14.32
CA GLY A 204 13.09 -24.41 13.17
C GLY A 204 11.74 -23.73 13.43
N VAL A 205 11.64 -22.84 14.40
CA VAL A 205 10.40 -22.08 14.52
C VAL A 205 10.33 -20.94 13.48
N ASP A 206 9.19 -20.82 12.81
CA ASP A 206 9.00 -19.79 11.81
C ASP A 206 9.21 -18.38 12.48
N PRO A 207 10.13 -17.56 11.91
CA PRO A 207 10.37 -16.21 12.45
C PRO A 207 9.15 -15.26 12.43
N SER A 208 8.20 -15.50 11.53
CA SER A 208 7.03 -14.64 11.42
CA SER A 208 7.02 -14.63 11.43
C SER A 208 6.09 -14.81 12.61
N VAL A 209 6.27 -15.89 13.38
CA VAL A 209 5.43 -16.17 14.55
C VAL A 209 6.12 -15.91 15.90
N CYS A 210 7.30 -15.25 15.83
CA CYS A 210 8.14 -14.89 16.95
C CYS A 210 8.00 -13.41 17.24
N LEU A 211 7.90 -13.07 18.52
CA LEU A 211 7.78 -11.71 18.95
C LEU A 211 8.68 -11.39 20.14
N PRO A 212 9.76 -10.62 19.93
CA PRO A 212 10.60 -10.14 21.01
C PRO A 212 9.98 -8.94 21.65
N ILE A 213 9.88 -8.97 22.97
CA ILE A 213 9.33 -7.90 23.73
C ILE A 213 10.21 -7.49 24.90
N THR A 214 10.36 -6.19 25.09
CA THR A 214 10.98 -5.66 26.29
C THR A 214 9.94 -4.84 27.00
N ILE A 215 9.73 -5.10 28.26
CA ILE A 215 8.90 -4.29 29.11
C ILE A 215 9.82 -3.27 29.84
N ASP A 216 9.62 -1.96 29.62
CA ASP A 216 10.44 -0.87 30.20
C ASP A 216 9.69 -0.21 31.39
N VAL A 217 10.14 -0.54 32.62
CA VAL A 217 9.63 0.02 33.86
C VAL A 217 10.68 0.89 34.54
N GLY A 218 11.63 1.37 33.78
CA GLY A 218 12.75 2.14 34.33
C GLY A 218 13.98 1.27 34.58
N THR A 219 15.03 1.87 35.14
CA THR A 219 16.29 1.18 35.42
C THR A 219 16.92 1.81 36.62
N ASN A 220 17.57 0.98 37.44
CA ASN A 220 18.39 1.47 38.54
C ASN A 220 19.85 1.62 38.14
N ASN A 221 20.15 1.55 36.85
CA ASN A 221 21.52 1.71 36.38
C ASN A 221 21.79 3.19 36.17
N GLU A 222 22.61 3.77 37.03
CA GLU A 222 22.94 5.21 37.05
C GLU A 222 23.66 5.64 35.80
N LYS A 223 24.58 4.82 35.37
CA LYS A 223 25.31 5.15 34.19
C LYS A 223 24.30 5.30 33.02
N LEU A 224 23.30 4.41 32.93
CA LEU A 224 22.37 4.51 31.80
C LEU A 224 21.40 5.67 31.95
N LEU A 225 20.97 5.95 33.17
CA LEU A 225 20.10 7.12 33.41
C LEU A 225 20.74 8.43 33.01
N ASN A 226 22.07 8.52 33.09
CA ASN A 226 22.81 9.72 32.67
C ASN A 226 23.40 9.64 31.24
N ASP A 227 23.13 8.59 30.50
CA ASP A 227 23.72 8.43 29.14
C ASP A 227 22.70 9.00 28.13
N GLU A 228 23.19 9.91 27.34
CA GLU A 228 22.33 10.60 26.35
C GLU A 228 21.76 9.69 25.27
N PHE A 229 22.39 8.54 25.03
CA PHE A 229 21.90 7.50 24.13
C PHE A 229 21.06 6.35 24.74
N TYR A 230 20.81 6.39 26.06
CA TYR A 230 19.97 5.37 26.64
C TYR A 230 18.56 5.46 25.97
N ILE A 231 17.99 4.32 25.59
CA ILE A 231 16.81 4.32 24.70
C ILE A 231 15.55 4.21 25.53
N GLY A 232 15.67 4.14 26.85
CA GLY A 232 14.48 3.82 27.71
C GLY A 232 13.97 4.99 28.53
N LEU A 233 12.99 4.73 29.37
CA LEU A 233 12.48 5.73 30.31
C LEU A 233 13.58 6.10 31.29
N ARG A 234 13.88 7.40 31.42
CA ARG A 234 14.83 7.87 32.40
C ARG A 234 14.19 7.99 33.76
N GLN A 235 13.92 6.87 34.43
CA GLN A 235 13.52 6.89 35.82
C GLN A 235 14.00 5.64 36.42
N LYS A 236 13.94 5.61 37.73
CA LYS A 236 14.29 4.41 38.48
C LYS A 236 13.20 3.34 38.27
N ARG A 237 13.51 2.06 38.53
CA ARG A 237 12.58 0.97 38.33
C ARG A 237 11.35 1.10 39.20
N ALA A 238 10.17 0.93 38.60
CA ALA A 238 8.94 0.81 39.40
C ALA A 238 8.92 -0.57 40.08
N THR A 239 8.28 -0.66 41.26
CA THR A 239 8.24 -1.83 42.10
C THR A 239 6.80 -1.95 42.62
N GLY A 240 6.51 -3.00 43.40
CA GLY A 240 5.20 -3.17 44.07
C GLY A 240 4.06 -3.22 43.07
N GLU A 241 2.95 -2.60 43.46
CA GLU A 241 1.74 -2.53 42.65
C GLU A 241 1.90 -1.95 41.26
N GLU A 242 2.67 -0.87 41.13
CA GLU A 242 2.87 -0.24 39.86
C GLU A 242 3.49 -1.28 38.85
N TYR A 243 4.48 -2.04 39.29
CA TYR A 243 5.05 -3.05 38.47
C TYR A 243 4.06 -4.20 38.15
N ASP A 244 3.41 -4.75 39.18
CA ASP A 244 2.55 -5.91 39.02
C ASP A 244 1.35 -5.62 38.14
N GLU A 245 0.78 -4.41 38.26
CA GLU A 245 -0.31 -4.03 37.42
C GLU A 245 0.08 -3.99 35.92
N LEU A 246 1.29 -3.52 35.60
CA LEU A 246 1.71 -3.44 34.21
C LEU A 246 1.91 -4.85 33.69
N ILE A 247 2.55 -5.72 34.47
CA ILE A 247 2.76 -7.09 34.03
C ILE A 247 1.43 -7.80 33.82
N GLU A 248 0.53 -7.66 34.77
CA GLU A 248 -0.79 -8.23 34.69
C GLU A 248 -1.57 -7.75 33.38
N GLU A 249 -1.56 -6.44 33.10
CA GLU A 249 -2.17 -5.93 31.90
C GLU A 249 -1.50 -6.56 30.63
N PHE A 250 -0.19 -6.71 30.64
CA PHE A 250 0.52 -7.30 29.53
C PHE A 250 0.09 -8.73 29.30
N MET A 251 0.06 -9.52 30.37
CA MET A 251 -0.21 -10.94 30.26
C MET A 251 -1.68 -11.19 29.88
N SER A 252 -2.56 -10.38 30.42
CA SER A 252 -3.92 -10.40 29.98
C SER A 252 -4.10 -10.00 28.49
N ALA A 253 -3.36 -9.02 28.02
CA ALA A 253 -3.46 -8.56 26.64
C ALA A 253 -2.95 -9.63 25.69
N VAL A 254 -1.86 -10.30 26.07
CA VAL A 254 -1.34 -11.37 25.27
C VAL A 254 -2.37 -12.49 25.07
N LYS A 255 -2.99 -12.91 26.20
CA LYS A 255 -4.01 -13.94 26.16
C LYS A 255 -5.16 -13.47 25.22
N GLN A 256 -5.68 -12.25 25.41
CA GLN A 256 -6.82 -11.74 24.61
C GLN A 256 -6.49 -11.66 23.11
N PHE A 257 -5.26 -11.24 22.80
CA PHE A 257 -4.92 -10.98 21.44
C PHE A 257 -4.41 -12.22 20.77
N TYR A 258 -3.64 -13.06 21.44
CA TYR A 258 -3.01 -14.21 20.80
C TYR A 258 -3.57 -15.60 21.17
N GLY A 259 -4.54 -15.65 22.08
CA GLY A 259 -5.20 -16.92 22.50
C GLY A 259 -4.44 -17.66 23.61
N GLU A 260 -4.87 -18.89 23.83
CA GLU A 260 -4.48 -19.69 24.98
C GLU A 260 -3.16 -20.40 24.75
N LYS A 261 -2.80 -20.64 23.48
CA LYS A 261 -1.64 -21.48 23.10
C LYS A 261 -0.32 -20.77 22.80
N VAL A 262 -0.30 -19.47 22.93
CA VAL A 262 0.90 -18.69 22.73
C VAL A 262 1.92 -19.00 23.85
N LEU A 263 3.12 -19.41 23.45
CA LEU A 263 4.21 -19.60 24.41
C LEU A 263 4.83 -18.24 24.86
N ILE A 264 4.84 -18.01 26.17
CA ILE A 264 5.59 -16.90 26.73
C ILE A 264 6.85 -17.34 27.50
N GLN A 265 8.00 -16.96 26.97
CA GLN A 265 9.27 -17.27 27.54
C GLN A 265 9.80 -16.08 28.24
N PHE A 266 9.99 -16.20 29.54
CA PHE A 266 10.60 -15.12 30.34
C PHE A 266 12.09 -15.22 30.38
N GLU A 267 12.78 -14.11 30.20
CA GLU A 267 14.21 -13.99 30.17
C GLU A 267 14.68 -12.83 31.04
N ASP A 268 15.67 -13.14 31.86
CA ASP A 268 16.51 -12.15 32.53
C ASP A 268 15.75 -11.12 33.43
N PHE A 269 14.75 -11.64 34.12
CA PHE A 269 14.12 -10.97 35.23
C PHE A 269 14.96 -11.26 36.47
N ALA A 270 14.92 -10.35 37.45
CA ALA A 270 15.50 -10.62 38.77
C ALA A 270 14.78 -11.76 39.50
N ASN A 271 15.46 -12.34 40.50
CA ASN A 271 14.98 -13.51 41.28
C ASN A 271 13.57 -13.40 41.80
N HIS A 272 13.25 -12.40 42.59
CA HIS A 272 11.92 -12.27 43.16
C HIS A 272 10.90 -12.30 42.02
N ASN A 273 11.04 -11.39 41.04
CA ASN A 273 10.04 -11.31 39.94
C ASN A 273 9.94 -12.59 39.15
N ALA A 274 11.07 -13.17 38.80
CA ALA A 274 11.07 -14.35 37.99
C ALA A 274 10.30 -15.48 38.60
N PHE A 275 10.45 -15.66 39.92
CA PHE A 275 9.74 -16.69 40.67
C PHE A 275 8.27 -16.37 40.77
N ASP A 276 7.94 -15.16 41.19
CA ASP A 276 6.52 -14.74 41.28
C ASP A 276 5.80 -14.85 39.92
N LEU A 277 6.44 -14.45 38.83
CA LEU A 277 5.78 -14.56 37.52
C LEU A 277 5.53 -15.96 37.15
N LEU A 278 6.51 -16.84 37.39
CA LEU A 278 6.32 -18.20 37.02
C LEU A 278 5.20 -18.81 37.90
N GLU A 279 5.17 -18.45 39.18
CA GLU A 279 4.17 -18.99 40.12
C GLU A 279 2.75 -18.57 39.71
N LYS A 280 2.55 -17.28 39.43
CA LYS A 280 1.19 -16.77 38.97
C LYS A 280 0.81 -17.27 37.56
N TYR A 281 1.63 -17.00 36.55
CA TYR A 281 1.19 -17.22 35.17
C TYR A 281 1.26 -18.64 34.65
N SER A 282 2.00 -19.52 35.32
CA SER A 282 2.02 -20.91 34.89
C SER A 282 0.71 -21.63 35.21
N LYS A 283 -0.15 -21.03 36.00
CA LYS A 283 -1.53 -21.58 36.14
C LYS A 283 -2.53 -21.09 35.10
N SER A 284 -2.28 -19.93 34.47
CA SER A 284 -3.23 -19.31 33.55
C SER A 284 -2.73 -19.31 32.10
N HIS A 285 -1.40 -19.48 31.88
CA HIS A 285 -0.78 -19.38 30.58
C HIS A 285 0.26 -20.48 30.37
N LEU A 286 0.71 -20.58 29.11
CA LEU A 286 1.80 -21.42 28.70
C LEU A 286 3.06 -20.61 28.86
N VAL A 287 3.80 -20.86 29.95
CA VAL A 287 4.93 -20.07 30.24
C VAL A 287 6.16 -20.94 30.56
N PHE A 288 7.33 -20.39 30.27
CA PHE A 288 8.58 -21.01 30.53
C PHE A 288 9.54 -19.91 30.97
N ASN A 289 10.27 -20.09 32.05
CA ASN A 289 11.37 -19.19 32.42
C ASN A 289 12.68 -19.90 32.08
N ASP A 290 13.45 -19.28 31.21
CA ASP A 290 14.63 -19.89 30.56
C ASP A 290 15.74 -20.06 31.60
N ASP A 291 15.85 -19.11 32.52
CA ASP A 291 16.87 -19.13 33.53
C ASP A 291 16.57 -20.19 34.60
N ILE A 292 15.32 -20.33 35.05
CA ILE A 292 14.93 -21.27 36.12
C ILE A 292 14.77 -22.68 35.52
N GLN A 293 14.08 -22.80 34.39
CA GLN A 293 13.73 -24.08 33.81
C GLN A 293 14.63 -24.51 32.66
N GLY A 294 15.02 -23.61 31.79
CA GLY A 294 15.86 -23.98 30.63
C GLY A 294 17.24 -24.40 31.05
N THR A 295 17.87 -23.54 31.85
CA THR A 295 19.13 -23.83 32.41
C THR A 295 19.13 -25.12 33.26
N ALA A 296 18.11 -25.35 34.09
CA ALA A 296 18.02 -26.56 34.88
C ALA A 296 18.04 -27.77 33.98
N SER A 297 17.28 -27.70 32.88
CA SER A 297 17.18 -28.79 31.91
C SER A 297 18.47 -29.08 31.18
N VAL A 298 19.17 -28.05 30.71
CA VAL A 298 20.43 -28.31 30.04
C VAL A 298 21.56 -28.85 31.01
N VAL A 299 21.55 -28.38 32.25
CA VAL A 299 22.52 -28.81 33.20
C VAL A 299 22.23 -30.28 33.52
N LEU A 300 20.98 -30.60 33.81
CA LEU A 300 20.63 -32.00 33.97
C LEU A 300 21.14 -32.89 32.83
N ALA A 301 20.96 -32.46 31.57
CA ALA A 301 21.40 -33.26 30.41
C ALA A 301 22.89 -33.42 30.44
N GLY A 302 23.59 -32.34 30.76
CA GLY A 302 25.01 -32.36 30.85
C GLY A 302 25.47 -33.35 31.95
N LEU A 303 24.77 -33.43 33.08
CA LEU A 303 25.05 -34.40 34.13
C LEU A 303 24.77 -35.85 33.71
N LEU A 304 23.64 -36.10 33.05
CA LEU A 304 23.36 -37.42 32.52
C LEU A 304 24.46 -37.87 31.52
N ALA A 305 24.89 -36.98 30.63
CA ALA A 305 26.01 -37.31 29.74
C ALA A 305 27.36 -37.46 30.47
N ALA A 306 27.67 -36.60 31.44
CA ALA A 306 28.94 -36.69 32.16
C ALA A 306 29.05 -38.06 32.89
N LEU A 307 27.93 -38.57 33.40
CA LEU A 307 27.91 -39.81 34.11
C LEU A 307 27.97 -40.98 33.13
N LYS A 308 27.44 -40.79 31.92
CA LYS A 308 27.57 -41.77 30.86
C LYS A 308 29.02 -41.91 30.42
N MET A 309 29.82 -40.84 30.44
CA MET A 309 31.23 -40.96 30.08
C MET A 309 32.02 -41.56 31.27
N VAL A 310 31.92 -40.98 32.46
CA VAL A 310 32.73 -41.45 33.62
C VAL A 310 32.09 -42.48 34.60
N GLY A 311 30.94 -43.08 34.25
CA GLY A 311 30.20 -43.97 35.17
C GLY A 311 29.61 -43.35 36.45
N GLY A 312 28.67 -44.05 37.06
CA GLY A 312 28.02 -43.55 38.28
C GLY A 312 26.58 -43.23 38.01
N THR A 313 25.86 -43.00 39.11
CA THR A 313 24.47 -42.66 39.07
C THR A 313 24.32 -41.23 39.57
N LEU A 314 23.15 -40.67 39.30
CA LEU A 314 22.85 -39.31 39.70
C LEU A 314 22.67 -39.27 41.23
N ALA A 315 21.93 -40.24 41.75
CA ALA A 315 21.82 -40.44 43.21
C ALA A 315 23.14 -40.61 44.01
N GLU A 316 24.21 -41.13 43.41
CA GLU A 316 25.50 -41.30 44.12
C GLU A 316 26.32 -40.02 44.28
N GLN A 317 25.99 -38.95 43.55
CA GLN A 317 26.78 -37.71 43.59
C GLN A 317 26.45 -36.84 44.76
N THR A 318 27.41 -35.99 45.10
CA THR A 318 27.28 -34.90 46.04
C THR A 318 27.46 -33.57 45.23
N TYR A 319 26.51 -32.66 45.37
CA TYR A 319 26.47 -31.47 44.51
C TYR A 319 26.72 -30.30 45.35
N LEU A 320 27.61 -29.41 44.91
CA LEU A 320 27.78 -28.08 45.51
C LEU A 320 27.60 -26.96 44.48
N PHE A 321 26.73 -26.00 44.81
CA PHE A 321 26.42 -24.88 43.90
C PHE A 321 27.00 -23.66 44.48
N LEU A 322 27.74 -22.92 43.67
CA LEU A 322 27.96 -21.50 43.97
C LEU A 322 26.89 -20.63 43.27
N GLY A 323 26.08 -19.93 44.06
CA GLY A 323 24.94 -19.17 43.58
C GLY A 323 23.64 -19.89 43.83
N ALA A 324 22.77 -19.25 44.59
CA ALA A 324 21.51 -19.84 45.00
C ALA A 324 20.34 -18.90 44.74
N GLY A 325 20.25 -18.38 43.52
CA GLY A 325 19.01 -17.77 43.03
C GLY A 325 18.32 -18.70 42.04
N GLU A 326 17.83 -18.10 40.93
CA GLU A 326 16.92 -18.72 39.95
C GLU A 326 17.50 -19.92 39.35
N ALA A 327 18.63 -19.74 38.69
CA ALA A 327 19.28 -20.87 38.04
C ALA A 327 19.72 -21.95 39.08
N GLY A 328 20.40 -21.53 40.15
CA GLY A 328 20.96 -22.46 41.17
C GLY A 328 19.90 -23.39 41.76
N THR A 329 18.94 -22.80 42.45
CA THR A 329 17.80 -23.53 43.04
C THR A 329 16.98 -24.30 42.03
N GLY A 330 16.76 -23.73 40.84
CA GLY A 330 16.07 -24.44 39.79
C GLY A 330 16.79 -25.65 39.24
N ILE A 331 18.09 -25.52 39.00
CA ILE A 331 18.86 -26.68 38.59
C ILE A 331 18.77 -27.74 39.71
N ALA A 332 18.95 -27.31 40.96
CA ALA A 332 19.04 -28.26 42.07
C ALA A 332 17.70 -29.02 42.20
N GLU A 333 16.60 -28.31 41.97
CA GLU A 333 15.29 -28.90 42.11
C GLU A 333 15.06 -29.94 41.05
N LEU A 334 15.59 -29.70 39.86
CA LEU A 334 15.36 -30.58 38.77
C LEU A 334 16.22 -31.82 38.97
N ILE A 335 17.44 -31.65 39.45
CA ILE A 335 18.33 -32.76 39.75
C ILE A 335 17.71 -33.63 40.81
N ALA A 336 17.23 -32.99 41.88
CA ALA A 336 16.53 -33.75 42.92
C ALA A 336 15.31 -34.48 42.38
N LEU A 337 14.58 -33.84 41.45
CA LEU A 337 13.40 -34.44 40.90
C LEU A 337 13.77 -35.70 40.11
N GLU A 338 14.85 -35.64 39.35
CA GLU A 338 15.21 -36.77 38.53
C GLU A 338 15.77 -37.89 39.45
N ILE A 339 16.53 -37.52 40.48
CA ILE A 339 16.88 -38.49 41.54
C ILE A 339 15.63 -39.22 42.08
N SER A 340 14.54 -38.51 42.43
CA SER A 340 13.31 -39.17 42.84
C SER A 340 12.69 -40.10 41.80
N LYS A 341 12.85 -39.81 40.53
CA LYS A 341 12.26 -40.67 39.50
C LYS A 341 13.07 -41.99 39.38
N GLN A 342 14.38 -41.87 39.42
CA GLN A 342 15.29 -43.00 39.24
C GLN A 342 15.40 -43.90 40.49
N THR A 343 15.27 -43.32 41.70
CA THR A 343 15.36 -44.05 42.97
C THR A 343 13.98 -44.39 43.53
N ASN A 344 12.93 -43.72 43.08
CA ASN A 344 11.60 -43.92 43.61
C ASN A 344 11.43 -43.40 45.07
N ALA A 345 12.38 -42.61 45.56
CA ALA A 345 12.39 -42.11 46.97
C ALA A 345 11.62 -40.81 47.02
N PRO A 346 11.13 -40.39 48.21
CA PRO A 346 10.43 -39.11 48.32
C PRO A 346 11.36 -37.93 48.04
N ILE A 347 10.82 -36.87 47.48
CA ILE A 347 11.64 -35.74 47.02
C ILE A 347 12.58 -35.22 48.13
N GLU A 348 12.14 -35.20 49.41
CA GLU A 348 12.92 -34.62 50.52
C GLU A 348 14.23 -35.39 50.80
N GLU A 349 14.15 -36.71 50.68
CA GLU A 349 15.33 -37.58 50.70
C GLU A 349 16.33 -37.29 49.56
N CYS A 350 15.81 -36.97 48.37
CA CYS A 350 16.64 -36.78 47.16
C CYS A 350 17.44 -35.47 47.16
N ARG A 351 17.06 -34.53 48.02
CA ARG A 351 17.78 -33.32 48.18
C ARG A 351 18.96 -33.42 49.15
N LYS A 352 19.15 -34.52 49.87
CA LYS A 352 20.09 -34.50 51.03
C LYS A 352 21.57 -34.23 50.66
N LYS A 353 22.02 -34.63 49.46
CA LYS A 353 23.41 -34.34 49.03
C LYS A 353 23.53 -33.20 47.99
N VAL A 354 22.64 -32.21 48.08
CA VAL A 354 22.68 -31.01 47.20
C VAL A 354 22.81 -29.83 48.11
N TRP A 355 23.88 -29.10 47.96
CA TRP A 355 24.24 -28.02 48.86
C TRP A 355 24.45 -26.80 48.01
N LEU A 356 24.09 -25.62 48.54
CA LEU A 356 24.29 -24.35 47.82
C LEU A 356 24.96 -23.35 48.72
N VAL A 357 25.86 -22.57 48.13
CA VAL A 357 26.51 -21.45 48.80
C VAL A 357 26.01 -20.17 48.17
N ASP A 358 25.55 -19.22 48.97
CA ASP A 358 25.17 -17.86 48.53
C ASP A 358 26.25 -16.87 49.03
N SER A 359 25.94 -15.56 48.98
CA SER A 359 26.86 -14.49 49.45
C SER A 359 27.19 -14.53 50.95
N LYS A 360 26.32 -15.10 51.76
CA LYS A 360 26.58 -15.19 53.19
C LYS A 360 27.23 -16.51 53.52
N GLY A 361 27.33 -17.40 52.54
CA GLY A 361 27.95 -18.71 52.75
C GLY A 361 27.06 -19.93 52.52
N LEU A 362 27.42 -21.04 53.16
CA LEU A 362 26.69 -22.29 53.00
C LEU A 362 25.31 -22.11 53.54
N ILE A 363 24.37 -22.74 52.84
CA ILE A 363 22.98 -22.68 53.19
C ILE A 363 22.73 -23.90 54.04
N VAL A 364 22.34 -23.67 55.30
CA VAL A 364 22.36 -24.69 56.34
C VAL A 364 21.27 -24.41 57.36
N ASP A 365 20.90 -25.46 58.10
CA ASP A 365 19.76 -25.38 59.04
C ASP A 365 19.87 -24.21 60.03
N SER A 366 21.06 -23.93 60.55
CA SER A 366 21.21 -22.87 61.55
C SER A 366 20.85 -21.49 61.02
N ARG A 367 20.78 -21.32 59.70
CA ARG A 367 20.30 -20.08 59.08
C ARG A 367 18.80 -20.06 58.72
N LYS A 368 18.06 -21.17 58.88
CA LYS A 368 16.62 -21.26 58.51
C LYS A 368 15.82 -20.01 58.95
N GLY A 369 16.18 -19.47 60.13
CA GLY A 369 15.74 -18.16 60.60
C GLY A 369 15.40 -17.14 59.52
N SER A 370 16.29 -16.97 58.53
CA SER A 370 16.15 -15.85 57.61
C SER A 370 16.63 -16.10 56.18
N LEU A 371 16.25 -17.22 55.59
CA LEU A 371 16.46 -17.45 54.14
C LEU A 371 15.21 -17.08 53.35
N GLN A 372 15.40 -16.45 52.20
CA GLN A 372 14.35 -16.36 51.16
C GLN A 372 13.70 -17.73 50.89
N PRO A 373 12.39 -17.75 50.50
CA PRO A 373 11.64 -19.02 50.52
C PRO A 373 12.27 -20.11 49.63
N PHE A 374 12.72 -19.73 48.42
CA PHE A 374 13.28 -20.68 47.49
C PHE A 374 14.57 -21.40 47.94
N LYS A 375 15.19 -20.97 49.06
CA LYS A 375 16.42 -21.58 49.60
C LYS A 375 16.18 -22.57 50.76
N LYS A 376 15.10 -22.38 51.50
CA LYS A 376 14.81 -23.25 52.67
C LYS A 376 14.93 -24.77 52.46
N PRO A 377 14.34 -25.34 51.37
CA PRO A 377 14.42 -26.80 51.17
C PRO A 377 15.88 -27.32 51.05
N TRP A 378 16.85 -26.42 50.78
CA TRP A 378 18.23 -26.79 50.65
C TRP A 378 19.07 -26.68 51.95
N ALA A 379 18.47 -26.21 53.04
CA ALA A 379 19.18 -25.98 54.29
C ALA A 379 19.23 -27.26 55.14
N HIS A 380 20.33 -27.99 55.01
CA HIS A 380 20.56 -29.21 55.80
C HIS A 380 21.34 -28.89 57.06
N GLU A 381 21.30 -29.83 58.00
CA GLU A 381 22.01 -29.74 59.27
C GLU A 381 23.47 -29.86 58.98
N HIS A 382 24.21 -28.81 59.30
CA HIS A 382 25.65 -28.73 59.02
C HIS A 382 26.23 -27.46 59.66
N GLU A 383 27.52 -27.56 60.00
CA GLU A 383 28.31 -26.41 60.48
C GLU A 383 28.23 -25.24 59.48
N PRO A 384 28.01 -23.98 59.96
CA PRO A 384 28.10 -22.82 59.03
C PRO A 384 29.52 -22.58 58.47
N LEU A 385 29.59 -22.15 57.21
CA LEU A 385 30.85 -21.96 56.52
C LEU A 385 30.72 -20.73 55.65
N LYS A 386 31.77 -19.92 55.68
CA LYS A 386 31.73 -18.58 55.18
C LYS A 386 31.98 -18.60 53.66
N THR A 387 32.93 -19.44 53.21
CA THR A 387 33.47 -19.29 51.87
C THR A 387 33.26 -20.52 51.07
N LEU A 388 33.30 -20.37 49.76
CA LEU A 388 33.17 -21.47 48.85
C LEU A 388 34.27 -22.49 49.14
N TYR A 389 35.51 -22.02 49.27
CA TYR A 389 36.66 -22.93 49.53
C TYR A 389 36.46 -23.81 50.79
N ASP A 390 36.05 -23.21 51.90
CA ASP A 390 35.76 -24.02 53.13
C ASP A 390 34.64 -25.02 52.88
N ALA A 391 33.59 -24.63 52.12
CA ALA A 391 32.47 -25.58 51.78
C ALA A 391 32.94 -26.66 50.85
N VAL A 392 33.77 -26.33 49.86
CA VAL A 392 34.33 -27.39 49.03
C VAL A 392 35.17 -28.41 49.87
N GLN A 393 35.95 -27.90 50.84
CA GLN A 393 36.76 -28.75 51.73
C GLN A 393 35.87 -29.60 52.62
N SER A 394 34.83 -29.01 53.23
CA SER A 394 33.99 -29.79 54.15
C SER A 394 32.99 -30.77 53.46
N ILE A 395 32.41 -30.38 52.31
CA ILE A 395 31.35 -31.20 51.69
C ILE A 395 31.91 -32.19 50.71
N LYS A 396 33.07 -31.88 50.11
CA LYS A 396 33.78 -32.80 49.18
C LYS A 396 32.89 -33.31 48.01
N PRO A 397 32.28 -32.38 47.27
CA PRO A 397 31.40 -32.70 46.18
C PRO A 397 32.08 -33.44 45.05
N THR A 398 31.33 -34.28 44.35
CA THR A 398 31.78 -34.84 43.08
C THR A 398 31.49 -33.84 41.94
N VAL A 399 30.56 -32.89 42.21
CA VAL A 399 30.02 -31.95 41.21
C VAL A 399 29.94 -30.49 41.77
N LEU A 400 30.61 -29.59 41.07
CA LEU A 400 30.61 -28.14 41.36
C LEU A 400 29.97 -27.36 40.22
N ILE A 401 28.99 -26.53 40.58
CA ILE A 401 28.12 -25.82 39.59
C ILE A 401 28.08 -24.37 39.99
N GLY A 402 28.66 -23.52 39.16
CA GLY A 402 28.65 -22.09 39.43
C GLY A 402 27.63 -21.35 38.56
N THR A 403 26.78 -20.57 39.22
CA THR A 403 25.80 -19.69 38.60
C THR A 403 25.73 -18.33 39.29
N SER A 404 26.79 -17.91 39.98
CA SER A 404 26.77 -16.67 40.78
C SER A 404 26.67 -15.39 39.91
N GLY A 405 27.08 -15.45 38.65
CA GLY A 405 27.23 -14.26 37.85
C GLY A 405 28.50 -13.47 38.17
N VAL A 406 29.44 -14.06 38.93
CA VAL A 406 30.61 -13.36 39.43
C VAL A 406 31.85 -14.09 38.91
N GLY A 407 32.69 -13.38 38.18
CA GLY A 407 33.83 -14.03 37.52
C GLY A 407 34.95 -14.45 38.45
N ARG A 408 35.68 -15.48 38.05
CA ARG A 408 37.00 -15.84 38.67
CA ARG A 408 36.97 -15.90 38.65
C ARG A 408 36.85 -16.32 40.11
N THR A 409 35.78 -17.01 40.35
CA THR A 409 35.29 -17.37 41.66
C THR A 409 35.62 -18.88 41.87
N PHE A 410 35.85 -19.63 40.78
CA PHE A 410 36.43 -20.99 40.83
C PHE A 410 37.97 -20.87 40.68
N THR A 411 38.62 -20.63 41.84
CA THR A 411 40.08 -20.35 41.96
C THR A 411 40.92 -21.60 41.71
N LYS A 412 42.18 -21.44 41.35
CA LYS A 412 43.18 -22.56 41.43
C LYS A 412 43.03 -23.43 42.69
N GLU A 413 42.96 -22.79 43.86
CA GLU A 413 42.83 -23.56 45.15
C GLU A 413 41.60 -24.49 45.11
N ILE A 414 40.50 -23.97 44.56
CA ILE A 414 39.22 -24.73 44.47
C ILE A 414 39.32 -25.83 43.44
N ILE A 415 39.83 -25.54 42.27
CA ILE A 415 39.89 -26.64 41.27
C ILE A 415 40.86 -27.75 41.74
N GLU A 416 41.99 -27.35 42.37
CA GLU A 416 43.00 -28.34 42.89
C GLU A 416 42.34 -29.20 43.95
N ALA A 417 41.64 -28.59 44.92
CA ALA A 417 40.79 -29.37 45.87
C ALA A 417 39.79 -30.38 45.23
N MET A 418 38.95 -29.86 44.32
CA MET A 418 38.03 -30.74 43.56
C MET A 418 38.80 -31.86 42.85
N SER A 419 39.96 -31.52 42.31
CA SER A 419 40.81 -32.55 41.65
C SER A 419 41.50 -33.49 42.68
N SER A 420 41.87 -32.98 43.85
CA SER A 420 42.45 -33.82 44.93
C SER A 420 41.52 -34.94 45.44
N PHE A 421 40.20 -34.71 45.57
CA PHE A 421 39.32 -35.80 46.14
C PHE A 421 38.32 -36.49 45.21
N ASN A 422 38.47 -36.24 43.91
CA ASN A 422 37.71 -36.98 42.88
C ASN A 422 38.76 -37.26 41.82
N GLU A 423 38.59 -38.36 41.13
CA GLU A 423 39.40 -38.74 39.99
C GLU A 423 39.02 -37.85 38.77
N ARG A 424 37.71 -37.74 38.49
CA ARG A 424 37.13 -36.91 37.42
C ARG A 424 36.09 -35.90 38.00
N PRO A 425 36.54 -34.79 38.64
CA PRO A 425 35.59 -33.79 39.10
C PRO A 425 34.80 -33.11 37.96
N ILE A 426 33.49 -32.95 38.17
CA ILE A 426 32.60 -32.36 37.19
C ILE A 426 32.43 -30.89 37.57
N ILE A 427 32.95 -30.01 36.72
CA ILE A 427 32.96 -28.57 36.97
C ILE A 427 32.11 -27.83 35.92
N PHE A 428 31.01 -27.19 36.32
CA PHE A 428 30.18 -26.47 35.37
C PHE A 428 30.35 -25.03 35.77
N SER A 429 30.95 -24.25 34.86
CA SER A 429 31.08 -22.81 35.03
C SER A 429 30.06 -22.05 34.14
N LEU A 430 28.89 -21.75 34.68
CA LEU A 430 27.72 -21.42 33.84
C LEU A 430 27.47 -19.95 33.64
N SER A 431 28.04 -19.08 34.45
CA SER A 431 27.80 -17.65 34.32
C SER A 431 28.30 -17.04 32.97
N ASN A 432 27.60 -15.99 32.50
CA ASN A 432 27.82 -15.37 31.21
C ASN A 432 27.85 -13.87 31.41
N PRO A 433 28.43 -13.11 30.50
CA PRO A 433 29.25 -13.61 29.40
C PRO A 433 30.62 -14.11 29.90
N THR A 434 31.52 -14.34 28.99
CA THR A 434 32.86 -14.87 29.21
C THR A 434 33.62 -14.25 30.35
N SER A 435 33.64 -12.94 30.45
CA SER A 435 34.26 -12.27 31.57
C SER A 435 33.67 -12.58 32.93
N HIS A 436 32.51 -13.19 32.98
CA HIS A 436 31.87 -13.47 34.23
C HIS A 436 31.87 -14.94 34.53
N SER A 437 32.64 -15.67 33.75
CA SER A 437 32.72 -17.10 33.94
C SER A 437 33.51 -17.37 35.22
N GLU A 438 33.14 -18.42 35.90
CA GLU A 438 33.69 -18.73 37.23
C GLU A 438 35.16 -19.13 37.05
N CYS A 439 35.41 -19.85 35.95
CA CYS A 439 36.77 -20.02 35.46
C CYS A 439 36.74 -20.28 33.98
N THR A 440 37.91 -20.28 33.36
CA THR A 440 38.06 -20.60 31.93
C THR A 440 38.32 -22.11 31.72
N ALA A 441 38.12 -22.58 30.49
CA ALA A 441 38.44 -23.97 30.18
C ALA A 441 39.96 -24.23 30.35
N GLU A 442 40.78 -23.30 29.89
CA GLU A 442 42.21 -23.41 30.11
C GLU A 442 42.48 -23.66 31.58
N GLN A 443 41.94 -22.83 32.47
CA GLN A 443 42.23 -22.96 33.89
C GLN A 443 41.71 -24.26 34.47
N ALA A 444 40.53 -24.69 34.03
CA ALA A 444 39.93 -25.92 34.57
C ALA A 444 40.74 -27.19 34.20
N TYR A 445 41.25 -27.27 32.97
CA TYR A 445 42.02 -28.42 32.57
C TYR A 445 43.45 -28.38 33.21
N THR A 446 44.07 -27.21 33.32
CA THR A 446 45.44 -27.17 33.81
C THR A 446 45.48 -27.41 35.35
N TRP A 447 44.67 -26.65 36.09
CA TRP A 447 44.57 -26.80 37.52
C TRP A 447 44.06 -28.14 38.01
N SER A 448 43.50 -28.94 37.10
CA SER A 448 43.04 -30.31 37.41
C SER A 448 43.87 -31.39 36.67
N GLN A 449 44.94 -31.01 35.99
CA GLN A 449 45.81 -31.96 35.29
C GLN A 449 45.06 -32.86 34.33
N GLY A 450 44.13 -32.26 33.60
CA GLY A 450 43.46 -32.92 32.46
C GLY A 450 42.32 -33.80 32.79
N ARG A 451 41.87 -33.69 34.03
CA ARG A 451 40.94 -34.66 34.57
C ARG A 451 39.51 -34.09 34.77
N SER A 452 39.38 -32.77 34.92
CA SER A 452 38.03 -32.13 35.01
C SER A 452 37.17 -32.45 33.80
N ILE A 453 35.94 -32.95 34.04
CA ILE A 453 34.85 -32.88 33.07
C ILE A 453 34.26 -31.46 33.18
N PHE A 454 34.57 -30.66 32.15
CA PHE A 454 34.29 -29.20 32.14
C PHE A 454 33.20 -28.85 31.13
N ALA A 455 32.25 -27.99 31.56
CA ALA A 455 31.33 -27.33 30.65
C ALA A 455 31.11 -25.91 31.13
N SER A 456 30.76 -25.04 30.19
CA SER A 456 30.63 -23.60 30.49
C SER A 456 29.38 -22.96 29.87
N GLY A 457 28.92 -21.85 30.42
CA GLY A 457 27.80 -21.07 29.80
C GLY A 457 28.20 -20.46 28.45
N SER A 458 29.40 -19.90 28.41
CA SER A 458 29.92 -19.18 27.26
C SER A 458 31.03 -19.96 26.60
N PRO A 459 31.23 -19.76 25.27
CA PRO A 459 32.14 -20.66 24.49
C PRO A 459 33.64 -20.41 24.76
N PHE A 460 34.37 -21.48 24.88
CA PHE A 460 35.85 -21.43 24.98
C PHE A 460 36.36 -22.29 23.85
N ALA A 461 37.50 -21.88 23.33
CA ALA A 461 38.19 -22.63 22.31
C ALA A 461 38.74 -23.92 22.93
N PRO A 462 39.07 -24.90 22.07
CA PRO A 462 39.73 -26.12 22.55
C PRO A 462 41.03 -25.83 23.31
N VAL A 463 41.32 -26.66 24.31
CA VAL A 463 42.53 -26.50 25.13
C VAL A 463 43.47 -27.69 24.84
N GLU A 464 44.70 -27.38 24.43
CA GLU A 464 45.79 -28.38 24.35
C GLU A 464 46.46 -28.39 25.74
N TYR A 465 46.41 -29.54 26.42
CA TYR A 465 47.12 -29.74 27.69
C TYR A 465 47.98 -31.00 27.56
N GLU A 466 49.30 -30.85 27.78
CA GLU A 466 50.27 -31.98 27.76
C GLU A 466 49.97 -32.95 26.61
N GLY A 467 49.91 -32.37 25.40
CA GLY A 467 49.74 -33.11 24.16
C GLY A 467 48.38 -33.74 23.88
N LYS A 468 47.35 -33.35 24.63
CA LYS A 468 45.99 -33.85 24.37
C LYS A 468 45.01 -32.66 24.16
N THR A 469 44.03 -32.88 23.30
CA THR A 469 43.02 -31.87 22.94
C THR A 469 41.74 -32.03 23.79
N PHE A 470 41.32 -30.97 24.50
CA PHE A 470 39.99 -30.96 25.17
C PHE A 470 39.04 -29.96 24.49
N VAL A 471 37.82 -30.43 24.16
CA VAL A 471 36.78 -29.60 23.53
C VAL A 471 35.62 -29.42 24.52
N PRO A 472 35.67 -28.35 25.32
CA PRO A 472 34.62 -28.19 26.35
C PRO A 472 33.23 -27.83 25.77
N GLY A 473 32.25 -28.58 26.24
CA GLY A 473 30.85 -28.39 25.94
C GLY A 473 30.32 -27.10 26.53
N GLN A 474 29.35 -26.51 25.84
CA GLN A 474 28.73 -25.31 26.31
C GLN A 474 27.38 -25.70 26.95
N SER A 475 27.34 -25.66 28.27
CA SER A 475 26.15 -25.97 29.05
C SER A 475 25.29 -24.68 29.12
N ASN A 476 24.63 -24.43 28.01
CA ASN A 476 23.84 -23.21 27.79
C ASN A 476 22.49 -23.65 27.29
N ASN A 477 21.46 -22.96 27.79
CA ASN A 477 20.10 -23.37 27.53
C ASN A 477 19.66 -23.24 26.07
N ALA A 478 20.48 -22.64 25.21
CA ALA A 478 20.26 -22.78 23.78
C ALA A 478 20.21 -24.23 23.24
N TYR A 479 20.83 -25.20 23.91
CA TYR A 479 20.59 -26.60 23.50
C TYR A 479 19.18 -27.06 23.76
N ILE A 480 18.45 -26.41 24.68
CA ILE A 480 17.15 -26.89 25.13
C ILE A 480 15.94 -26.11 24.66
N PHE A 481 15.95 -24.81 24.86
CA PHE A 481 14.72 -24.04 24.64
C PHE A 481 14.19 -24.13 23.21
N PRO A 482 15.07 -24.18 22.21
CA PRO A 482 14.52 -24.20 20.88
C PRO A 482 13.63 -25.42 20.59
N GLY A 483 14.07 -26.59 21.01
CA GLY A 483 13.29 -27.81 20.74
C GLY A 483 12.18 -27.94 21.75
N LEU A 484 12.44 -27.49 22.96
CA LEU A 484 11.41 -27.53 24.00
CA LEU A 484 11.39 -27.56 23.97
C LEU A 484 10.21 -26.73 23.50
N GLY A 485 10.48 -25.50 23.06
CA GLY A 485 9.41 -24.64 22.56
C GLY A 485 8.73 -25.17 21.32
N LEU A 486 9.51 -25.74 20.42
CA LEU A 486 8.92 -26.37 19.24
C LEU A 486 8.00 -27.52 19.70
N GLY A 487 8.44 -28.33 20.71
CA GLY A 487 7.59 -29.38 21.19
C GLY A 487 6.23 -28.90 21.70
N LEU A 488 6.23 -27.79 22.44
CA LEU A 488 5.02 -27.19 22.99
C LEU A 488 4.14 -26.77 21.85
N VAL A 489 4.76 -26.18 20.84
CA VAL A 489 3.97 -25.60 19.77
C VAL A 489 3.36 -26.69 18.91
N ILE A 490 4.14 -27.69 18.50
CA ILE A 490 3.59 -28.74 17.58
C ILE A 490 2.52 -29.60 18.30
N SER A 491 2.65 -29.77 19.61
CA SER A 491 1.66 -30.48 20.37
C SER A 491 0.45 -29.64 20.72
N GLY A 492 0.48 -28.31 20.57
CA GLY A 492 -0.65 -27.54 21.04
C GLY A 492 -0.72 -27.54 22.56
N ALA A 493 0.41 -27.73 23.23
CA ALA A 493 0.43 -27.66 24.69
C ALA A 493 -0.09 -26.35 25.25
N VAL A 494 -0.76 -26.45 26.38
CA VAL A 494 -1.28 -25.29 27.09
C VAL A 494 -0.66 -24.98 28.44
N ARG A 495 0.14 -25.90 28.97
CA ARG A 495 0.87 -25.68 30.19
C ARG A 495 2.17 -26.45 30.05
N VAL A 496 3.17 -25.95 30.74
CA VAL A 496 4.41 -26.61 30.91
C VAL A 496 4.39 -27.36 32.27
N HIS A 497 4.91 -28.56 32.26
CA HIS A 497 4.99 -29.46 33.43
C HIS A 497 6.45 -29.84 33.51
N GLU A 498 6.93 -29.97 34.74
CA GLU A 498 8.30 -30.39 35.02
C GLU A 498 8.73 -31.73 34.28
N ASP A 499 7.80 -32.64 34.02
CA ASP A 499 8.17 -33.88 33.34
C ASP A 499 8.60 -33.59 31.92
N MET A 500 8.18 -32.45 31.35
CA MET A 500 8.63 -32.06 30.01
C MET A 500 10.10 -31.66 30.02
N LEU A 501 10.54 -31.09 31.14
CA LEU A 501 11.94 -30.69 31.36
C LEU A 501 12.87 -31.89 31.48
N LEU A 502 12.43 -32.87 32.26
CA LEU A 502 13.14 -34.17 32.36
C LEU A 502 13.11 -34.84 30.99
N ALA A 503 11.98 -34.79 30.26
CA ALA A 503 11.97 -35.46 28.94
C ALA A 503 12.93 -34.78 27.98
N ALA A 504 13.05 -33.45 28.08
CA ALA A 504 14.01 -32.75 27.24
C ALA A 504 15.42 -33.07 27.65
N SER A 505 15.71 -33.08 28.95
CA SER A 505 17.07 -33.37 29.38
C SER A 505 17.51 -34.75 28.87
N LYS A 506 16.60 -35.70 28.88
CA LYS A 506 16.97 -37.07 28.57
C LYS A 506 17.20 -37.16 27.05
N ALA A 507 16.40 -36.43 26.26
CA ALA A 507 16.56 -36.44 24.81
C ALA A 507 17.86 -35.78 24.36
N LEU A 508 18.26 -34.72 25.05
CA LEU A 508 19.58 -34.16 24.78
C LEU A 508 20.75 -35.09 25.17
N ALA A 509 20.72 -35.64 26.37
CA ALA A 509 21.81 -36.59 26.80
C ALA A 509 21.88 -37.80 25.86
N ASP A 510 20.73 -38.32 25.42
CA ASP A 510 20.69 -39.47 24.49
C ASP A 510 21.33 -39.18 23.11
N GLN A 511 21.54 -37.93 22.74
CA GLN A 511 22.22 -37.59 21.51
C GLN A 511 23.73 -37.58 21.71
N ALA A 512 24.17 -37.55 22.96
CA ALA A 512 25.59 -37.52 23.24
C ALA A 512 26.20 -38.87 22.82
N THR A 513 27.35 -38.84 22.15
CA THR A 513 28.03 -40.03 21.62
C THR A 513 29.47 -40.12 22.11
N GLN A 514 30.05 -41.29 21.88
CA GLN A 514 31.45 -41.61 22.13
C GLN A 514 32.40 -40.62 21.42
N ASP A 515 32.10 -40.29 20.18
CA ASP A 515 32.84 -39.25 19.45
C ASP A 515 32.99 -37.98 20.31
N ASN A 516 31.87 -37.48 20.84
CA ASN A 516 31.94 -36.28 21.67
C ASN A 516 32.71 -36.51 22.92
N PHE A 517 32.43 -37.62 23.60
CA PHE A 517 33.12 -37.91 24.88
C PHE A 517 34.65 -38.02 24.74
N GLU A 518 35.12 -38.62 23.64
CA GLU A 518 36.57 -38.74 23.39
C GLU A 518 37.24 -37.39 23.36
N LYS A 519 36.53 -36.34 22.90
CA LYS A 519 37.09 -34.98 22.90
C LYS A 519 36.85 -34.22 24.23
N GLY A 520 36.20 -34.84 25.23
CA GLY A 520 35.86 -34.18 26.49
C GLY A 520 34.57 -33.34 26.49
N SER A 521 33.73 -33.49 25.45
CA SER A 521 32.54 -32.70 25.20
C SER A 521 31.33 -33.42 25.69
N ILE A 522 30.69 -32.89 26.72
CA ILE A 522 29.47 -33.54 27.21
C ILE A 522 28.24 -33.38 26.32
N PHE A 523 28.30 -32.54 25.28
CA PHE A 523 27.13 -32.31 24.39
C PHE A 523 27.54 -32.59 22.97
N PRO A 524 26.66 -33.08 22.13
CA PRO A 524 27.05 -32.96 20.70
C PRO A 524 27.28 -31.50 20.24
N PRO A 525 28.04 -31.32 19.17
CA PRO A 525 28.31 -29.97 18.70
C PRO A 525 27.03 -29.31 18.08
N PHE A 526 27.05 -27.99 17.95
CA PHE A 526 25.88 -27.27 17.40
C PHE A 526 25.62 -27.54 15.91
N THR A 527 26.57 -28.14 15.19
CA THR A 527 26.28 -28.62 13.83
C THR A 527 25.20 -29.71 13.79
N SER A 528 24.93 -30.37 14.90
CA SER A 528 23.83 -31.36 14.98
C SER A 528 22.49 -30.74 15.51
N ILE A 529 22.44 -29.41 15.68
CA ILE A 529 21.41 -28.79 16.52
C ILE A 529 19.96 -29.00 16.06
N ARG A 530 19.73 -29.02 14.73
CA ARG A 530 18.39 -29.32 14.21
C ARG A 530 17.84 -30.69 14.53
N LYS A 531 18.70 -31.68 14.41
CA LYS A 531 18.40 -33.02 14.82
C LYS A 531 18.20 -33.11 16.35
N ILE A 532 19.06 -32.53 17.14
CA ILE A 532 18.85 -32.48 18.58
C ILE A 532 17.51 -31.85 18.88
N SER A 533 17.22 -30.69 18.27
CA SER A 533 15.95 -29.99 18.53
C SER A 533 14.74 -30.83 18.13
N ALA A 534 14.80 -31.56 17.02
CA ALA A 534 13.70 -32.42 16.64
C ALA A 534 13.45 -33.54 17.69
N HIS A 535 14.50 -34.11 18.28
CA HIS A 535 14.31 -35.17 19.31
C HIS A 535 13.80 -34.60 20.60
N ILE A 536 14.30 -33.43 20.99
CA ILE A 536 13.76 -32.76 22.18
C ILE A 536 12.29 -32.45 22.01
N ALA A 537 11.91 -31.90 20.87
CA ALA A 537 10.51 -31.54 20.61
C ALA A 537 9.57 -32.73 20.64
N ALA A 538 10.05 -33.79 20.01
CA ALA A 538 9.29 -35.05 19.98
C ALA A 538 9.05 -35.59 21.39
N ALA A 539 10.05 -35.49 22.25
CA ALA A 539 9.94 -36.04 23.66
C ALA A 539 9.08 -35.12 24.51
N VAL A 540 9.23 -33.81 24.30
CA VAL A 540 8.34 -32.86 24.95
C VAL A 540 6.87 -33.00 24.54
N ALA A 541 6.63 -33.16 23.25
CA ALA A 541 5.28 -33.30 22.75
C ALA A 541 4.66 -34.58 23.25
N ALA A 542 5.40 -35.68 23.14
CA ALA A 542 4.94 -36.99 23.68
C ALA A 542 4.51 -36.84 25.11
N LYS A 543 5.26 -36.07 25.87
CA LYS A 543 4.92 -35.92 27.28
C LYS A 543 3.67 -35.07 27.47
N ALA A 544 3.50 -34.03 26.64
CA ALA A 544 2.29 -33.26 26.68
C ALA A 544 1.02 -34.15 26.39
N TYR A 545 1.08 -34.99 25.36
CA TYR A 545 0.03 -35.99 25.07
C TYR A 545 -0.25 -36.89 26.29
N GLU A 546 0.82 -37.41 26.92
CA GLU A 546 0.70 -38.39 28.03
C GLU A 546 0.05 -37.75 29.25
N LEU A 547 0.44 -36.53 29.57
CA LEU A 547 -0.21 -35.79 30.65
C LEU A 547 -1.53 -35.16 30.33
N GLY A 548 -2.07 -35.29 29.12
CA GLY A 548 -3.38 -34.66 28.85
C GLY A 548 -3.29 -33.15 28.67
N LEU A 549 -2.11 -32.62 28.34
CA LEU A 549 -1.95 -31.16 28.20
C LEU A 549 -1.88 -30.67 26.74
N ALA A 550 -1.92 -31.60 25.79
CA ALA A 550 -1.84 -31.33 24.38
C ALA A 550 -3.25 -31.14 23.81
N THR A 551 -3.40 -30.17 22.90
CA THR A 551 -4.65 -29.89 22.19
C THR A 551 -4.59 -30.19 20.70
N ARG A 552 -3.45 -30.54 20.10
CA ARG A 552 -3.39 -31.00 18.69
C ARG A 552 -3.64 -32.50 18.62
N LEU A 553 -4.89 -32.87 18.61
CA LEU A 553 -5.28 -34.27 18.68
C LEU A 553 -5.84 -34.63 17.31
N PRO A 554 -5.62 -35.86 16.87
CA PRO A 554 -4.77 -36.86 17.57
C PRO A 554 -3.25 -36.63 17.35
N PRO A 555 -2.39 -37.33 18.12
CA PRO A 555 -0.94 -37.23 17.87
C PRO A 555 -0.62 -37.71 16.47
N PRO A 556 0.42 -37.18 15.85
CA PRO A 556 0.85 -37.77 14.61
C PRO A 556 1.45 -39.16 14.86
N SER A 557 1.75 -39.88 13.80
CA SER A 557 2.20 -41.24 13.97
C SER A 557 3.70 -41.37 14.29
N ASP A 558 4.51 -40.39 13.90
CA ASP A 558 5.92 -40.39 14.23
C ASP A 558 6.31 -38.96 14.63
N LEU A 559 6.44 -38.70 15.93
CA LEU A 559 6.70 -37.36 16.43
C LEU A 559 8.05 -36.75 16.01
N VAL A 560 9.08 -37.58 15.96
CA VAL A 560 10.37 -37.15 15.45
C VAL A 560 10.21 -36.73 13.98
N LYS A 561 9.52 -37.50 13.14
CA LYS A 561 9.33 -37.08 11.74
C LYS A 561 8.49 -35.85 11.59
N TYR A 562 7.45 -35.76 12.37
CA TYR A 562 6.63 -34.63 12.33
C TYR A 562 7.40 -33.37 12.76
N ALA A 563 8.17 -33.41 13.89
CA ALA A 563 8.94 -32.25 14.32
C ALA A 563 9.87 -31.82 13.18
N GLU A 564 10.59 -32.77 12.56
CA GLU A 564 11.54 -32.50 11.45
C GLU A 564 10.86 -31.80 10.30
N ASN A 565 9.68 -32.29 9.92
CA ASN A 565 8.89 -31.75 8.82
C ASN A 565 8.26 -30.39 9.11
N CYS A 566 7.98 -30.10 10.36
CA CYS A 566 7.48 -28.78 10.79
C CYS A 566 8.50 -27.63 10.68
N MET A 567 9.80 -27.94 10.64
CA MET A 567 10.85 -26.94 10.86
C MET A 567 11.02 -26.00 9.67
N TYR A 568 11.06 -24.70 9.95
CA TYR A 568 11.35 -23.63 8.97
C TYR A 568 12.64 -23.91 8.24
N THR A 569 12.57 -23.77 6.92
CA THR A 569 13.74 -23.84 6.06
C THR A 569 13.89 -22.42 5.47
N PRO A 570 15.11 -21.84 5.55
CA PRO A 570 15.27 -20.48 5.03
C PRO A 570 15.72 -20.48 3.54
N VAL A 571 15.52 -21.55 2.78
CA VAL A 571 15.81 -21.48 1.36
C VAL A 571 14.76 -20.54 0.74
N TYR A 572 15.21 -19.70 -0.15
CA TYR A 572 14.31 -18.75 -0.78
C TYR A 572 13.17 -19.45 -1.48
N ARG A 573 11.97 -18.88 -1.35
CA ARG A 573 10.81 -19.16 -2.18
CA ARG A 573 10.83 -19.19 -2.19
C ARG A 573 11.00 -18.58 -3.59
N ASN A 574 10.29 -19.15 -4.55
CA ASN A 574 10.03 -18.50 -5.86
C ASN A 574 8.74 -17.75 -5.82
N TYR A 575 8.71 -16.60 -6.44
CA TYR A 575 7.59 -15.69 -6.31
C TYR A 575 6.84 -15.58 -7.65
N ARG A 576 5.50 -15.61 -7.57
CA ARG A 576 4.61 -15.48 -8.71
C ARG A 576 4.74 -14.08 -9.29
N THR B 11 4.03 19.07 -39.76
CA THR B 11 4.10 19.53 -38.32
C THR B 11 2.70 19.67 -37.66
N GLU B 12 1.64 19.86 -38.48
CA GLU B 12 0.23 19.69 -38.04
C GLU B 12 -0.21 18.20 -38.14
N LYS B 13 0.31 17.47 -39.13
CA LYS B 13 0.14 16.00 -39.26
C LYS B 13 1.12 15.20 -38.35
N GLU B 14 2.41 15.58 -38.39
CA GLU B 14 3.47 14.95 -37.58
C GLU B 14 3.26 15.03 -36.05
N GLN B 15 2.81 16.19 -35.54
CA GLN B 15 2.63 16.45 -34.07
C GLN B 15 1.33 15.92 -33.42
N GLU B 16 0.27 15.65 -34.20
CA GLU B 16 -0.96 14.95 -33.73
C GLU B 16 -0.79 13.40 -33.75
N GLU B 17 -0.09 12.84 -34.77
CA GLU B 17 0.29 11.40 -34.80
C GLU B 17 1.26 11.04 -33.65
N ALA B 18 2.31 11.87 -33.48
CA ALA B 18 3.33 11.79 -32.38
C ALA B 18 2.76 11.86 -30.93
N ALA B 19 1.96 12.89 -30.65
CA ALA B 19 1.13 12.99 -29.43
C ALA B 19 0.27 11.72 -29.14
N ALA B 20 -0.46 11.23 -30.14
CA ALA B 20 -1.22 9.95 -30.02
C ALA B 20 -0.33 8.72 -29.73
N ALA B 21 0.84 8.63 -30.39
CA ALA B 21 1.81 7.50 -30.16
C ALA B 21 2.44 7.51 -28.72
N SER B 22 2.78 8.70 -28.24
CA SER B 22 3.22 8.93 -26.85
C SER B 22 2.13 8.59 -25.77
N GLU B 23 0.92 9.14 -25.93
CA GLU B 23 -0.20 8.88 -25.03
C GLU B 23 -0.62 7.37 -25.01
N GLU B 24 -0.48 6.65 -26.14
CA GLU B 24 -0.70 5.17 -26.24
C GLU B 24 0.39 4.20 -25.60
N LEU B 25 1.62 4.66 -25.39
CA LEU B 25 2.64 3.80 -24.74
C LEU B 25 2.22 3.31 -23.32
N PRO B 26 2.52 2.06 -22.94
CA PRO B 26 2.08 1.57 -21.66
C PRO B 26 2.64 2.37 -20.48
N VAL B 27 1.83 2.72 -19.47
CA VAL B 27 2.34 3.38 -18.26
C VAL B 27 2.24 2.50 -16.98
N MET B 28 2.95 2.90 -15.93
CA MET B 28 2.89 2.23 -14.62
CA MET B 28 2.89 2.23 -14.61
C MET B 28 1.69 2.75 -13.84
N PRO B 29 0.83 1.87 -13.38
CA PRO B 29 -0.28 2.38 -12.57
C PRO B 29 0.18 2.51 -11.12
N TRP B 30 0.70 3.66 -10.76
CA TRP B 30 1.22 3.87 -9.42
C TRP B 30 0.04 4.17 -8.52
N ALA B 31 0.00 3.59 -7.32
CA ALA B 31 -0.99 3.97 -6.33
C ALA B 31 -0.27 4.57 -5.12
N THR B 32 -1.02 5.31 -4.33
CA THR B 32 -0.53 6.10 -3.23
C THR B 32 -1.41 5.75 -2.01
N SER B 33 -0.80 5.62 -0.83
CA SER B 33 -1.52 5.36 0.42
C SER B 33 -0.69 6.03 1.51
N VAL B 34 -1.27 6.24 2.67
CA VAL B 34 -0.59 6.89 3.75
C VAL B 34 0.45 5.93 4.28
N ALA B 35 1.65 6.39 4.48
CA ALA B 35 2.70 5.55 5.06
C ALA B 35 2.64 5.55 6.60
N SER B 36 2.64 4.36 7.16
CA SER B 36 2.50 4.18 8.61
C SER B 36 3.31 2.99 9.00
N GLY B 37 3.57 2.84 10.26
CA GLY B 37 4.19 1.64 10.77
C GLY B 37 5.54 1.33 10.12
N TYR B 38 5.76 0.07 9.94
CA TYR B 38 6.98 -0.40 9.26
C TYR B 38 7.14 0.10 7.82
N THR B 39 6.05 0.47 7.18
CA THR B 39 6.14 0.99 5.85
C THR B 39 6.89 2.32 5.88
N LEU B 40 6.66 3.08 6.92
CA LEU B 40 7.32 4.34 7.10
C LEU B 40 8.73 4.14 7.59
N LEU B 41 8.93 3.19 8.50
CA LEU B 41 10.29 2.92 9.01
C LEU B 41 11.25 2.44 7.92
N ARG B 42 10.74 1.75 6.90
CA ARG B 42 11.61 1.13 5.88
C ARG B 42 11.77 1.96 4.63
N ASP B 43 11.16 3.13 4.64
CA ASP B 43 11.27 4.05 3.53
C ASP B 43 12.35 5.12 3.96
N PRO B 44 13.50 5.08 3.31
CA PRO B 44 14.57 5.99 3.63
C PRO B 44 14.26 7.44 3.38
N HIS B 45 13.32 7.76 2.51
CA HIS B 45 12.91 9.15 2.27
C HIS B 45 12.09 9.69 3.47
N HIS B 46 11.42 8.84 4.27
CA HIS B 46 10.64 9.34 5.38
C HIS B 46 11.16 8.90 6.72
N ASN B 47 11.95 7.86 6.80
CA ASN B 47 12.33 7.34 8.10
C ASN B 47 13.18 8.34 8.88
N LYS B 48 12.78 8.63 10.11
CA LYS B 48 13.55 9.47 11.03
C LYS B 48 14.14 8.64 12.18
N GLY B 49 13.94 7.33 12.19
CA GLY B 49 14.41 6.48 13.27
C GLY B 49 13.93 6.98 14.60
N LEU B 50 14.82 7.04 15.60
CA LEU B 50 14.46 7.53 16.94
C LEU B 50 14.07 9.01 17.07
N ALA B 51 14.24 9.78 16.02
CA ALA B 51 13.75 11.16 15.96
C ALA B 51 12.29 11.36 15.65
N PHE B 52 11.54 10.30 15.34
CA PHE B 52 10.15 10.40 15.26
C PHE B 52 9.68 10.87 16.65
N THR B 53 8.82 11.89 16.69
CA THR B 53 8.36 12.45 17.95
C THR B 53 7.25 11.59 18.48
N GLU B 54 6.82 11.91 19.69
CA GLU B 54 5.75 11.17 20.35
C GLU B 54 4.44 11.24 19.61
N GLU B 55 4.13 12.43 19.14
CA GLU B 55 2.94 12.65 18.33
C GLU B 55 3.07 11.96 16.98
N GLU B 56 4.26 11.93 16.40
CA GLU B 56 4.40 11.16 15.12
C GLU B 56 4.13 9.69 15.28
N ARG B 57 4.62 9.17 16.38
CA ARG B 57 4.47 7.80 16.76
C ARG B 57 3.04 7.40 17.02
N ASP B 58 2.34 8.21 17.81
CA ASP B 58 0.91 7.99 18.07
C ASP B 58 0.08 8.13 16.79
N GLY B 59 0.51 9.01 15.87
CA GLY B 59 -0.30 9.26 14.65
C GLY B 59 -0.07 8.26 13.56
N HIS B 60 1.07 7.53 13.60
CA HIS B 60 1.44 6.65 12.50
C HIS B 60 1.82 5.28 12.92
N TYR B 61 1.26 4.82 14.00
CA TYR B 61 1.30 3.44 14.38
C TYR B 61 2.73 2.97 14.58
N LEU B 62 3.52 3.80 15.26
CA LEU B 62 4.90 3.49 15.58
C LEU B 62 5.14 3.11 17.03
N ARG B 63 4.19 3.41 17.91
CA ARG B 63 4.25 3.12 19.32
C ARG B 63 4.55 1.64 19.54
N GLY B 64 5.57 1.34 20.33
CA GLY B 64 6.04 -0.06 20.53
C GLY B 64 7.09 -0.50 19.51
N LEU B 65 7.04 0.03 18.29
CA LEU B 65 7.99 -0.38 17.27
C LEU B 65 9.34 0.28 17.51
N LEU B 66 9.34 1.38 18.25
CA LEU B 66 10.54 2.07 18.62
C LEU B 66 10.62 2.05 20.13
N PRO B 67 11.83 2.07 20.68
CA PRO B 67 11.91 2.24 22.15
C PRO B 67 11.46 3.63 22.60
N PRO B 68 11.18 3.81 23.89
CA PRO B 68 10.56 5.05 24.40
C PRO B 68 11.21 6.38 24.08
N ALA B 69 12.52 6.43 23.97
CA ALA B 69 13.21 7.70 23.87
C ALA B 69 13.17 8.28 22.47
N VAL B 70 13.12 9.60 22.47
CA VAL B 70 13.18 10.39 21.29
C VAL B 70 14.60 11.02 21.23
N LEU B 71 15.26 10.86 20.10
CA LEU B 71 16.58 11.40 19.89
C LEU B 71 16.52 12.46 18.83
N SER B 72 17.21 13.58 19.02
CA SER B 72 17.19 14.64 18.05
C SER B 72 18.08 14.27 16.85
N GLN B 73 17.84 14.94 15.74
CA GLN B 73 18.66 14.80 14.57
C GLN B 73 20.16 15.00 14.87
N GLU B 74 20.51 15.97 15.72
CA GLU B 74 21.89 16.25 16.05
C GLU B 74 22.54 15.10 16.79
N LEU B 75 21.86 14.55 17.77
CA LEU B 75 22.38 13.37 18.48
C LEU B 75 22.50 12.11 17.63
N GLN B 76 21.61 11.93 16.69
CA GLN B 76 21.79 10.85 15.75
C GLN B 76 23.06 11.01 14.94
N ILE B 77 23.35 12.25 14.51
CA ILE B 77 24.61 12.57 13.83
C ILE B 77 25.82 12.18 14.70
N LYS B 78 25.82 12.66 15.93
CA LYS B 78 26.89 12.35 16.88
C LYS B 78 27.09 10.86 17.11
N LYS B 79 25.99 10.12 17.26
CA LYS B 79 25.99 8.68 17.45
C LYS B 79 26.59 7.96 16.25
N PHE B 80 26.17 8.35 15.06
CA PHE B 80 26.69 7.72 13.86
C PHE B 80 28.16 8.04 13.65
N MET B 81 28.54 9.30 13.85
CA MET B 81 29.97 9.68 13.76
C MET B 81 30.84 8.87 14.75
N ASN B 82 30.36 8.61 15.96
CA ASN B 82 31.15 7.84 16.95
C ASN B 82 31.40 6.38 16.47
N THR B 83 30.38 5.72 15.97
CA THR B 83 30.50 4.38 15.35
CA THR B 83 30.63 4.36 15.43
C THR B 83 31.42 4.41 14.13
N LEU B 84 31.19 5.40 13.26
CA LEU B 84 31.94 5.51 12.01
C LEU B 84 33.48 5.56 12.19
N ARG B 85 33.90 6.30 13.20
CA ARG B 85 35.32 6.42 13.54
C ARG B 85 35.95 5.13 14.05
N GLN B 86 35.20 4.24 14.67
CA GLN B 86 35.73 2.95 15.13
C GLN B 86 35.93 1.86 14.02
N TYR B 87 35.38 2.06 12.82
CA TYR B 87 35.69 1.16 11.71
C TYR B 87 37.16 1.28 11.39
N GLN B 88 37.80 0.16 11.13
CA GLN B 88 39.23 0.17 10.88
C GLN B 88 39.67 0.67 9.47
N THR B 89 38.83 0.44 8.44
CA THR B 89 39.21 0.75 7.06
C THR B 89 38.35 1.79 6.41
N PRO B 90 38.91 2.51 5.44
CA PRO B 90 38.06 3.41 4.68
C PRO B 90 36.88 2.71 4.01
N LEU B 91 37.08 1.53 3.45
CA LEU B 91 36.02 0.81 2.74
C LEU B 91 34.83 0.52 3.70
N GLN B 92 35.16 0.19 4.95
CA GLN B 92 34.10 -0.07 5.97
C GLN B 92 33.29 1.18 6.26
N ARG B 93 33.93 2.34 6.19
CA ARG B 93 33.24 3.59 6.42
C ARG B 93 32.34 3.90 5.28
N TYR B 94 32.81 3.66 4.06
CA TYR B 94 31.98 3.75 2.88
C TYR B 94 30.75 2.84 2.97
N ILE B 95 30.93 1.56 3.34
CA ILE B 95 29.80 0.60 3.40
C ILE B 95 28.75 1.11 4.40
N ALA B 96 29.20 1.66 5.52
CA ALA B 96 28.33 2.13 6.56
C ALA B 96 27.60 3.39 6.10
N MET B 97 28.26 4.26 5.36
CA MET B 97 27.59 5.43 4.84
CA MET B 97 27.60 5.46 4.82
C MET B 97 26.50 5.11 3.78
N MET B 98 26.78 4.16 2.88
CA MET B 98 25.85 3.78 1.87
C MET B 98 24.64 3.13 2.53
N ASN B 99 24.89 2.30 3.53
CA ASN B 99 23.81 1.76 4.32
C ASN B 99 22.93 2.86 4.97
N LEU B 100 23.53 3.90 5.48
CA LEU B 100 22.74 5.00 6.03
C LEU B 100 22.00 5.78 4.92
N GLN B 101 22.65 6.01 3.79
CA GLN B 101 21.93 6.70 2.69
C GLN B 101 20.63 5.92 2.31
N GLU B 102 20.66 4.60 2.34
CA GLU B 102 19.51 3.78 2.04
C GLU B 102 18.63 3.43 3.26
N THR B 103 18.82 4.03 4.42
CA THR B 103 17.98 3.79 5.61
CA THR B 103 17.88 3.80 5.51
C THR B 103 17.30 5.07 6.08
N ASP B 104 18.05 6.17 6.08
CA ASP B 104 17.57 7.46 6.57
C ASP B 104 18.29 8.59 5.79
N GLU B 105 17.68 8.90 4.68
CA GLU B 105 18.21 9.75 3.70
C GLU B 105 18.56 11.11 4.26
N ARG B 106 17.68 11.68 5.07
CA ARG B 106 17.94 13.00 5.60
C ARG B 106 19.04 13.04 6.61
N LEU B 107 19.17 12.00 7.41
CA LEU B 107 20.28 11.89 8.33
C LEU B 107 21.58 11.77 7.54
N PHE B 108 21.60 10.97 6.50
CA PHE B 108 22.80 10.82 5.68
C PHE B 108 23.27 12.19 5.16
N TYR B 109 22.37 12.96 4.56
CA TYR B 109 22.77 14.21 3.96
C TYR B 109 23.10 15.22 5.01
N LYS B 110 22.40 15.21 6.14
CA LYS B 110 22.77 16.18 7.12
C LYS B 110 24.13 15.85 7.76
N LEU B 111 24.42 14.58 7.96
CA LEU B 111 25.69 14.16 8.52
C LEU B 111 26.81 14.59 7.55
N LEU B 112 26.56 14.44 6.28
CA LEU B 112 27.60 14.66 5.29
C LEU B 112 27.88 16.14 5.18
N ILE B 113 26.83 16.95 5.15
CA ILE B 113 26.96 18.38 5.06
C ILE B 113 27.71 18.93 6.29
N ASP B 114 27.40 18.45 7.50
CA ASP B 114 28.07 18.95 8.71
C ASP B 114 29.49 18.39 8.93
N ASN B 115 29.90 17.35 8.21
CA ASN B 115 31.20 16.72 8.47
C ASN B 115 31.86 16.52 7.17
N VAL B 116 31.72 17.55 6.32
CA VAL B 116 32.04 17.38 4.89
C VAL B 116 33.53 17.09 4.65
N VAL B 117 34.43 17.75 5.39
CA VAL B 117 35.87 17.63 5.17
C VAL B 117 36.32 16.24 5.59
N GLU B 118 35.86 15.80 6.76
CA GLU B 118 36.19 14.45 7.29
C GLU B 118 35.59 13.35 6.43
N LEU B 119 34.40 13.57 5.83
CA LEU B 119 33.70 12.47 5.13
C LEU B 119 33.84 12.40 3.62
N LEU B 120 34.14 13.51 2.96
CA LEU B 120 34.40 13.51 1.52
C LEU B 120 35.32 12.37 1.06
N PRO B 121 36.45 12.11 1.76
CA PRO B 121 37.34 11.05 1.29
C PRO B 121 36.83 9.61 1.44
N PHE B 122 35.73 9.38 2.19
CA PHE B 122 35.13 8.06 2.33
C PHE B 122 33.91 7.90 1.48
N VAL B 123 33.15 8.97 1.19
CA VAL B 123 32.05 8.83 0.24
C VAL B 123 32.41 9.11 -1.19
N TYR B 124 33.44 9.91 -1.43
CA TYR B 124 33.94 10.13 -2.81
C TYR B 124 35.41 9.68 -2.91
N THR B 125 36.25 10.35 -3.71
CA THR B 125 37.68 9.98 -3.91
CA THR B 125 37.66 9.97 -3.91
C THR B 125 38.52 10.09 -2.65
N PRO B 126 39.45 9.17 -2.40
CA PRO B 126 39.78 7.98 -3.20
C PRO B 126 38.95 6.73 -2.86
N THR B 127 38.21 6.75 -1.74
CA THR B 127 37.54 5.50 -1.30
C THR B 127 36.49 4.97 -2.27
N VAL B 128 35.82 5.86 -3.01
CA VAL B 128 34.84 5.44 -3.97
C VAL B 128 35.46 4.57 -5.07
N GLY B 129 36.73 4.77 -5.39
CA GLY B 129 37.37 3.94 -6.41
C GLY B 129 37.61 2.51 -5.96
N GLU B 130 38.07 2.33 -4.73
CA GLU B 130 38.16 1.02 -4.12
C GLU B 130 36.76 0.36 -4.08
N ALA B 131 35.72 1.14 -3.77
CA ALA B 131 34.35 0.58 -3.71
C ALA B 131 34.00 0.02 -5.06
N CYS B 132 34.29 0.77 -6.14
CA CYS B 132 33.98 0.26 -7.47
C CYS B 132 34.78 -0.99 -7.78
N GLN B 133 36.05 -1.01 -7.41
CA GLN B 133 36.86 -2.24 -7.65
C GLN B 133 36.25 -3.44 -7.01
N LYS B 134 35.65 -3.23 -5.84
CA LYS B 134 35.15 -4.33 -5.06
C LYS B 134 33.62 -4.37 -5.00
N TYR B 135 32.95 -3.73 -5.96
CA TYR B 135 31.51 -3.38 -5.77
C TYR B 135 30.66 -4.65 -5.62
N GLY B 136 31.06 -5.70 -6.33
CA GLY B 136 30.36 -6.95 -6.32
C GLY B 136 30.44 -7.64 -4.98
N SER B 137 31.63 -7.66 -4.40
CA SER B 137 31.86 -8.33 -3.12
C SER B 137 31.28 -7.55 -1.91
N ILE B 138 30.94 -6.25 -2.08
CA ILE B 138 30.32 -5.45 -0.99
C ILE B 138 28.87 -5.09 -1.22
N PHE B 139 28.27 -5.60 -2.27
CA PHE B 139 26.96 -5.12 -2.66
C PHE B 139 25.92 -5.39 -1.53
N GLY B 140 25.26 -4.33 -1.08
CA GLY B 140 24.19 -4.44 -0.05
C GLY B 140 22.89 -3.94 -0.63
N ARG B 141 22.47 -2.76 -0.20
CA ARG B 141 21.20 -2.17 -0.56
C ARG B 141 21.36 -1.61 -1.97
N PRO B 142 20.40 -1.85 -2.83
CA PRO B 142 20.59 -1.41 -4.20
C PRO B 142 20.48 0.12 -4.37
N GLN B 143 21.36 0.67 -5.17
CA GLN B 143 21.35 2.11 -5.52
C GLN B 143 21.41 2.27 -7.04
N GLY B 144 20.67 3.22 -7.56
CA GLY B 144 20.71 3.59 -8.96
C GLY B 144 19.95 2.66 -9.85
N LEU B 145 19.97 2.99 -11.13
CA LEU B 145 19.36 2.20 -12.17
C LEU B 145 20.39 1.66 -13.12
N TYR B 146 20.30 0.35 -13.45
CA TYR B 146 21.17 -0.31 -14.40
C TYR B 146 20.43 -0.54 -15.72
N VAL B 147 20.98 -0.01 -16.81
CA VAL B 147 20.47 -0.24 -18.15
C VAL B 147 21.52 -1.09 -18.92
N SER B 148 21.11 -2.25 -19.39
CA SER B 148 22.06 -3.12 -20.04
C SER B 148 21.73 -3.31 -21.52
N LEU B 149 22.64 -3.97 -22.20
CA LEU B 149 22.50 -4.32 -23.62
C LEU B 149 21.31 -5.16 -23.85
N LYS B 150 21.06 -6.04 -22.90
CA LYS B 150 19.86 -6.88 -22.90
C LYS B 150 18.50 -6.13 -22.78
N ASP B 151 18.55 -4.85 -22.39
CA ASP B 151 17.38 -3.96 -22.40
C ASP B 151 17.13 -3.27 -23.76
N LYS B 152 17.97 -3.55 -24.74
CA LYS B 152 17.75 -3.06 -26.11
C LYS B 152 16.31 -3.18 -26.62
N GLY B 153 15.78 -2.10 -27.19
CA GLY B 153 14.40 -2.06 -27.61
C GLY B 153 13.39 -1.80 -26.50
N LYS B 154 13.79 -1.94 -25.22
CA LYS B 154 12.88 -1.74 -24.07
CA LYS B 154 12.90 -1.82 -24.05
C LYS B 154 13.54 -0.93 -22.95
N VAL B 155 14.36 0.06 -23.32
CA VAL B 155 15.04 0.91 -22.38
C VAL B 155 14.09 1.84 -21.62
N LEU B 156 13.13 2.38 -22.35
CA LEU B 156 12.18 3.27 -21.76
C LEU B 156 11.45 2.54 -20.61
N GLU B 157 11.02 1.32 -20.85
CA GLU B 157 10.38 0.49 -19.86
C GLU B 157 11.22 0.24 -18.59
N VAL B 158 12.54 0.18 -18.73
CA VAL B 158 13.44 0.14 -17.55
C VAL B 158 13.38 1.43 -16.77
N LEU B 159 13.39 2.58 -17.43
CA LEU B 159 13.22 3.88 -16.78
C LEU B 159 11.93 3.98 -15.98
N ARG B 160 10.84 3.42 -16.52
CA ARG B 160 9.56 3.47 -15.84
C ARG B 160 9.53 2.72 -14.50
N ASN B 161 10.43 1.77 -14.28
CA ASN B 161 10.54 1.13 -12.93
C ASN B 161 11.07 2.00 -11.82
N TRP B 162 11.68 3.12 -12.16
CA TRP B 162 12.22 3.99 -11.15
C TRP B 162 11.07 4.77 -10.51
N PRO B 163 10.86 4.57 -9.20
CA PRO B 163 9.69 5.10 -8.51
C PRO B 163 9.66 6.63 -8.27
N HIS B 164 10.64 7.45 -8.69
CA HIS B 164 10.54 8.91 -8.52
C HIS B 164 10.34 9.49 -9.89
N ARG B 165 9.22 10.15 -10.09
CA ARG B 165 8.83 10.57 -11.44
C ARG B 165 9.50 11.81 -12.00
N ASN B 166 9.82 12.77 -11.16
CA ASN B 166 10.33 14.06 -11.64
C ASN B 166 11.87 14.02 -11.51
N ILE B 167 12.55 13.53 -12.50
CA ILE B 167 13.99 13.52 -12.51
C ILE B 167 14.49 14.76 -13.24
N GLN B 168 15.48 15.41 -12.68
CA GLN B 168 16.05 16.60 -13.23
C GLN B 168 17.55 16.52 -13.48
N VAL B 169 18.21 15.58 -12.77
CA VAL B 169 19.64 15.32 -12.89
C VAL B 169 19.92 13.83 -12.99
N ILE B 170 20.50 13.43 -14.11
CA ILE B 170 21.05 12.12 -14.33
C ILE B 170 22.54 12.16 -14.38
N CYS B 171 23.17 11.22 -13.70
CA CYS B 171 24.58 11.00 -13.83
CA CYS B 171 24.61 10.97 -13.78
C CYS B 171 24.75 9.56 -14.29
N VAL B 172 25.41 9.39 -15.44
CA VAL B 172 25.45 8.15 -16.18
C VAL B 172 26.89 7.80 -16.46
N THR B 173 27.25 6.53 -16.32
CA THR B 173 28.56 6.03 -16.67
C THR B 173 28.41 4.73 -17.41
N ASP B 174 29.45 4.36 -18.17
CA ASP B 174 29.56 2.98 -18.63
C ASP B 174 30.68 2.18 -17.99
N GLY B 175 31.35 2.77 -17.02
CA GLY B 175 32.38 2.06 -16.26
C GLY B 175 33.69 1.86 -16.97
N GLU B 176 33.89 2.45 -18.16
CA GLU B 176 35.12 2.14 -18.93
C GLU B 176 36.43 2.79 -18.39
N ARG B 177 36.39 4.00 -17.85
CA ARG B 177 37.56 4.67 -17.24
CA ARG B 177 37.55 4.66 -17.25
C ARG B 177 37.20 5.29 -15.91
N ILE B 178 37.21 4.46 -14.88
CA ILE B 178 36.87 4.92 -13.56
C ILE B 178 38.16 5.43 -12.93
N LEU B 179 38.22 6.75 -12.70
CA LEU B 179 39.37 7.44 -12.15
C LEU B 179 40.66 7.05 -12.96
N GLY B 180 41.72 6.56 -12.29
CA GLY B 180 42.85 5.93 -12.93
C GLY B 180 42.85 4.41 -12.85
N LEU B 181 41.68 3.78 -12.57
CA LEU B 181 41.65 2.36 -12.29
C LEU B 181 41.25 1.51 -13.47
N GLY B 182 40.89 2.14 -14.57
CA GLY B 182 40.52 1.43 -15.78
C GLY B 182 39.01 1.05 -15.85
N ASP B 183 38.76 -0.07 -16.51
CA ASP B 183 37.47 -0.55 -16.88
C ASP B 183 37.00 -1.40 -15.72
N LEU B 184 35.95 -0.94 -15.03
CA LEU B 184 35.27 -1.70 -13.97
C LEU B 184 33.85 -2.17 -14.32
N GLY B 185 33.52 -2.07 -15.59
CA GLY B 185 32.22 -2.39 -16.11
C GLY B 185 31.05 -1.87 -15.28
N CYS B 186 30.17 -2.78 -14.96
CA CYS B 186 28.95 -2.48 -14.31
C CYS B 186 29.21 -2.08 -12.87
N GLN B 187 30.42 -2.37 -12.35
CA GLN B 187 30.82 -1.97 -11.02
C GLN B 187 31.12 -0.51 -10.91
N GLY B 188 31.12 0.24 -12.00
CA GLY B 188 31.27 1.68 -11.93
C GLY B 188 30.11 2.47 -11.37
N MET B 189 29.00 1.82 -11.00
CA MET B 189 27.85 2.53 -10.41
C MET B 189 28.20 3.40 -9.20
N GLY B 190 29.17 2.94 -8.41
CA GLY B 190 29.69 3.72 -7.34
C GLY B 190 29.92 5.18 -7.67
N ILE B 191 30.41 5.46 -8.88
CA ILE B 191 30.75 6.85 -9.25
C ILE B 191 29.55 7.76 -9.37
N PRO B 192 28.55 7.40 -10.17
CA PRO B 192 27.38 8.29 -10.24
C PRO B 192 26.60 8.34 -8.95
N VAL B 193 26.58 7.26 -8.17
CA VAL B 193 25.94 7.33 -6.86
C VAL B 193 26.66 8.37 -6.00
N GLY B 194 27.99 8.30 -6.00
CA GLY B 194 28.82 9.33 -5.31
C GLY B 194 28.65 10.77 -5.80
N LYS B 195 28.63 10.94 -7.11
CA LYS B 195 28.43 12.23 -7.71
C LYS B 195 27.18 12.85 -7.32
N LEU B 196 26.10 12.06 -7.35
CA LEU B 196 24.77 12.65 -7.05
C LEU B 196 24.61 13.01 -5.58
N ALA B 197 25.30 12.32 -4.70
CA ALA B 197 25.27 12.72 -3.30
C ALA B 197 25.95 14.06 -3.09
N LEU B 198 27.05 14.29 -3.83
CA LEU B 198 27.68 15.62 -3.83
C LEU B 198 26.77 16.65 -4.43
N TYR B 199 26.12 16.35 -5.53
CA TYR B 199 25.13 17.31 -6.03
C TYR B 199 24.18 17.73 -4.90
N THR B 200 23.71 16.78 -4.09
CA THR B 200 22.80 17.11 -3.00
C THR B 200 23.51 17.86 -1.88
N ALA B 201 24.63 17.34 -1.40
CA ALA B 201 25.21 17.79 -0.20
C ALA B 201 25.90 19.11 -0.43
N LEU B 202 26.59 19.24 -1.57
CA LEU B 202 27.35 20.43 -1.88
C LEU B 202 26.58 21.43 -2.69
N GLY B 203 25.66 20.99 -3.55
CA GLY B 203 24.92 21.87 -4.42
C GLY B 203 23.47 22.12 -4.01
N GLY B 204 22.94 21.40 -3.02
CA GLY B 204 21.53 21.51 -2.69
C GLY B 204 20.55 20.98 -3.71
N VAL B 205 20.95 20.07 -4.60
CA VAL B 205 19.97 19.44 -5.48
C VAL B 205 19.23 18.37 -4.64
N ASP B 206 17.92 18.45 -4.68
CA ASP B 206 17.02 17.53 -4.01
C ASP B 206 17.28 16.09 -4.45
N PRO B 207 17.56 15.22 -3.47
CA PRO B 207 17.96 13.86 -3.86
C PRO B 207 16.86 13.07 -4.57
N SER B 208 15.60 13.47 -4.44
CA SER B 208 14.56 12.72 -5.06
C SER B 208 14.48 13.00 -6.60
N VAL B 209 15.23 13.99 -7.08
CA VAL B 209 15.23 14.34 -8.51
C VAL B 209 16.53 13.92 -9.19
N CYS B 210 17.32 13.13 -8.48
CA CYS B 210 18.59 12.55 -8.95
C CYS B 210 18.48 11.08 -9.30
N LEU B 211 19.00 10.69 -10.46
CA LEU B 211 18.94 9.34 -11.00
C LEU B 211 20.37 8.91 -11.42
N PRO B 212 21.00 8.02 -10.62
CA PRO B 212 22.27 7.45 -10.99
C PRO B 212 22.02 6.30 -11.93
N ILE B 213 22.71 6.27 -13.06
CA ILE B 213 22.59 5.21 -14.05
C ILE B 213 23.93 4.64 -14.41
N THR B 214 23.96 3.33 -14.51
CA THR B 214 25.05 2.62 -15.19
C THR B 214 24.53 1.91 -16.44
N ILE B 215 25.17 2.19 -17.57
CA ILE B 215 24.89 1.53 -18.79
C ILE B 215 25.89 0.39 -18.89
N ASP B 216 25.39 -0.84 -18.96
CA ASP B 216 26.24 -2.01 -18.97
C ASP B 216 26.33 -2.65 -20.38
N VAL B 217 27.49 -2.54 -21.02
CA VAL B 217 27.67 -3.02 -22.38
C VAL B 217 28.78 -4.08 -22.39
N GLY B 218 29.04 -4.65 -21.22
CA GLY B 218 30.12 -5.60 -20.97
C GLY B 218 31.33 -4.93 -20.38
N THR B 219 32.40 -5.71 -20.24
CA THR B 219 33.63 -5.19 -19.71
C THR B 219 34.81 -5.94 -20.31
N ASN B 220 35.94 -5.25 -20.47
CA ASN B 220 37.20 -5.85 -20.91
C ASN B 220 38.11 -6.22 -19.74
N ASN B 221 37.68 -5.96 -18.50
CA ASN B 221 38.44 -6.33 -17.33
C ASN B 221 38.27 -7.82 -17.14
N GLU B 222 39.39 -8.52 -17.35
CA GLU B 222 39.44 -9.95 -17.28
C GLU B 222 39.31 -10.47 -15.85
N LYS B 223 39.78 -9.72 -14.84
CA LYS B 223 39.60 -10.16 -13.45
C LYS B 223 38.06 -10.23 -13.12
N LEU B 224 37.30 -9.21 -13.56
CA LEU B 224 35.85 -9.12 -13.31
C LEU B 224 35.11 -10.15 -14.08
N LEU B 225 35.47 -10.37 -15.34
CA LEU B 225 34.85 -11.47 -16.10
C LEU B 225 35.01 -12.89 -15.47
N ASN B 226 36.07 -13.11 -14.69
CA ASN B 226 36.26 -14.39 -13.97
C ASN B 226 35.83 -14.35 -12.50
N ASP B 227 35.34 -13.19 -12.04
CA ASP B 227 34.95 -12.98 -10.67
C ASP B 227 33.45 -13.44 -10.45
N GLU B 228 33.26 -14.46 -9.64
CA GLU B 228 31.94 -14.97 -9.38
C GLU B 228 30.97 -13.89 -8.78
N PHE B 229 31.49 -12.81 -8.21
CA PHE B 229 30.68 -11.73 -7.60
C PHE B 229 30.48 -10.55 -8.53
N TYR B 230 30.99 -10.64 -9.76
CA TYR B 230 30.81 -9.53 -10.70
C TYR B 230 29.31 -9.43 -11.02
N ILE B 231 28.80 -8.22 -10.88
CA ILE B 231 27.38 -7.92 -10.99
C ILE B 231 26.88 -7.59 -12.39
N GLY B 232 27.75 -7.66 -13.40
CA GLY B 232 27.40 -7.19 -14.75
C GLY B 232 27.22 -8.30 -15.75
N LEU B 233 26.99 -7.92 -17.00
CA LEU B 233 26.96 -8.85 -18.12
C LEU B 233 28.31 -9.40 -18.27
N ARG B 234 28.38 -10.71 -18.33
CA ARG B 234 29.67 -11.37 -18.30
C ARG B 234 30.01 -11.63 -19.79
N GLN B 235 30.43 -10.57 -20.47
CA GLN B 235 30.92 -10.60 -21.87
C GLN B 235 31.83 -9.39 -22.10
N LYS B 236 32.59 -9.42 -23.20
CA LYS B 236 33.49 -8.34 -23.58
C LYS B 236 32.68 -7.12 -23.97
N ARG B 237 33.28 -5.94 -23.96
CA ARG B 237 32.52 -4.74 -24.28
C ARG B 237 32.00 -4.68 -25.71
N ALA B 238 30.75 -4.25 -25.90
CA ALA B 238 30.25 -3.92 -27.21
C ALA B 238 30.87 -2.60 -27.67
N THR B 239 31.01 -2.51 -28.98
CA THR B 239 31.81 -1.54 -29.71
CA THR B 239 31.70 -1.36 -29.59
C THR B 239 30.99 -1.04 -30.91
N GLY B 240 31.36 0.09 -31.50
CA GLY B 240 30.79 0.51 -32.79
C GLY B 240 29.30 0.76 -32.76
N GLU B 241 28.60 0.25 -33.78
CA GLU B 241 27.17 0.47 -33.94
C GLU B 241 26.37 -0.14 -32.83
N GLU B 242 26.74 -1.32 -32.35
CA GLU B 242 25.96 -1.96 -31.30
C GLU B 242 25.91 -1.06 -30.04
N TYR B 243 27.05 -0.47 -29.69
CA TYR B 243 27.12 0.50 -28.57
C TYR B 243 26.32 1.75 -28.83
N ASP B 244 26.60 2.35 -29.98
CA ASP B 244 25.99 3.61 -30.35
C ASP B 244 24.44 3.60 -30.36
N GLU B 245 23.90 2.48 -30.84
CA GLU B 245 22.48 2.24 -30.85
C GLU B 245 21.84 2.15 -29.45
N LEU B 246 22.52 1.50 -28.50
CA LEU B 246 22.05 1.50 -27.07
C LEU B 246 22.08 2.93 -26.49
N ILE B 247 23.15 3.68 -26.72
CA ILE B 247 23.25 5.02 -26.16
C ILE B 247 22.17 5.90 -26.74
N GLU B 248 21.96 5.82 -28.06
CA GLU B 248 20.92 6.59 -28.70
C GLU B 248 19.51 6.24 -28.19
N GLU B 249 19.24 4.97 -27.98
CA GLU B 249 17.93 4.56 -27.45
C GLU B 249 17.79 5.08 -26.01
N PHE B 250 18.85 5.03 -25.23
CA PHE B 250 18.86 5.63 -23.91
C PHE B 250 18.60 7.15 -23.91
N MET B 251 19.39 7.87 -24.69
CA MET B 251 19.19 9.31 -24.82
C MET B 251 17.80 9.72 -25.31
N SER B 252 17.29 8.98 -26.27
CA SER B 252 15.92 9.22 -26.73
C SER B 252 14.85 8.83 -25.63
N ALA B 253 15.02 7.71 -24.94
CA ALA B 253 14.09 7.33 -23.84
C ALA B 253 14.07 8.39 -22.72
N VAL B 254 15.25 8.91 -22.41
CA VAL B 254 15.39 9.98 -21.41
C VAL B 254 14.61 11.24 -21.77
N LYS B 255 14.77 11.72 -23.00
CA LYS B 255 14.02 12.90 -23.46
C LYS B 255 12.52 12.66 -23.43
N GLN B 256 12.07 11.53 -23.97
CA GLN B 256 10.66 11.22 -23.97
C GLN B 256 10.03 11.15 -22.57
N PHE B 257 10.73 10.55 -21.61
CA PHE B 257 10.12 10.27 -20.29
C PHE B 257 10.28 11.46 -19.38
N TYR B 258 11.41 12.16 -19.46
CA TYR B 258 11.76 13.20 -18.49
C TYR B 258 11.78 14.61 -19.08
N GLY B 259 11.54 14.72 -20.39
CA GLY B 259 11.45 16.03 -21.07
C GLY B 259 12.79 16.67 -21.47
N GLU B 260 12.68 17.92 -21.91
CA GLU B 260 13.79 18.65 -22.52
C GLU B 260 14.77 19.19 -21.51
N LYS B 261 14.40 19.31 -20.22
CA LYS B 261 15.20 20.05 -19.24
C LYS B 261 16.09 19.25 -18.34
N VAL B 262 16.03 17.94 -18.48
CA VAL B 262 16.78 17.06 -17.60
C VAL B 262 18.25 17.17 -17.92
N LEU B 263 19.08 17.35 -16.90
CA LEU B 263 20.51 17.40 -17.08
C LEU B 263 21.11 16.00 -17.14
N ILE B 264 21.87 15.73 -18.20
CA ILE B 264 22.58 14.49 -18.30
C ILE B 264 24.07 14.70 -18.22
N GLN B 265 24.61 14.21 -17.13
CA GLN B 265 25.96 14.39 -16.81
C GLN B 265 26.65 13.07 -17.08
N PHE B 266 27.55 13.06 -18.05
CA PHE B 266 28.35 11.88 -18.39
C PHE B 266 29.58 11.75 -17.48
N GLU B 267 29.80 10.55 -16.93
CA GLU B 267 30.95 10.31 -16.01
C GLU B 267 31.75 9.11 -16.41
N ASP B 268 33.06 9.26 -16.43
CA ASP B 268 33.95 8.10 -16.49
C ASP B 268 33.74 7.18 -17.69
N PHE B 269 33.40 7.77 -18.83
CA PHE B 269 33.52 7.10 -20.14
C PHE B 269 34.98 7.17 -20.65
N ALA B 270 35.36 6.25 -21.52
CA ALA B 270 36.71 6.34 -22.15
C ALA B 270 36.78 7.57 -23.08
N ASN B 271 37.95 8.20 -23.23
CA ASN B 271 38.13 9.34 -24.15
C ASN B 271 37.48 9.29 -25.56
N HIS B 272 37.59 8.21 -26.33
CA HIS B 272 36.89 8.19 -27.64
C HIS B 272 35.41 8.56 -27.44
N ASN B 273 34.71 7.80 -26.57
CA ASN B 273 33.30 7.97 -26.42
C ASN B 273 33.01 9.28 -25.79
N ALA B 274 33.81 9.72 -24.83
CA ALA B 274 33.43 10.92 -24.02
C ALA B 274 33.20 12.12 -24.89
N PHE B 275 34.11 12.31 -25.85
CA PHE B 275 34.02 13.41 -26.84
C PHE B 275 32.95 13.19 -27.89
N ASP B 276 32.85 11.99 -28.45
CA ASP B 276 31.75 11.70 -29.38
C ASP B 276 30.38 11.95 -28.72
N LEU B 277 30.22 11.55 -27.43
CA LEU B 277 28.90 11.72 -26.75
C LEU B 277 28.59 13.18 -26.58
N LEU B 278 29.56 13.94 -26.11
CA LEU B 278 29.35 15.38 -25.92
C LEU B 278 29.10 16.11 -27.24
N GLU B 279 29.83 15.74 -28.27
CA GLU B 279 29.60 16.29 -29.60
C GLU B 279 28.15 15.96 -30.13
N LYS B 280 27.73 14.69 -30.01
CA LYS B 280 26.45 14.31 -30.56
C LYS B 280 25.28 14.89 -29.69
N TYR B 281 25.37 14.71 -28.38
CA TYR B 281 24.19 15.02 -27.55
C TYR B 281 24.10 16.51 -27.08
N SER B 282 25.16 17.28 -27.26
CA SER B 282 25.11 18.74 -26.99
C SER B 282 24.18 19.49 -27.91
N LYS B 283 23.94 18.95 -29.10
CA LYS B 283 23.01 19.58 -30.06
C LYS B 283 21.55 19.41 -29.62
N SER B 284 21.22 18.29 -28.97
CA SER B 284 19.85 17.82 -28.81
C SER B 284 19.36 17.77 -27.35
N HIS B 285 20.28 17.78 -26.39
CA HIS B 285 19.92 17.65 -24.98
C HIS B 285 20.75 18.64 -24.14
N LEU B 286 20.36 18.79 -22.87
CA LEU B 286 21.19 19.40 -21.87
C LEU B 286 22.20 18.40 -21.33
N VAL B 287 23.47 18.51 -21.76
CA VAL B 287 24.49 17.61 -21.31
C VAL B 287 25.75 18.29 -20.82
N PHE B 288 26.50 17.55 -20.02
CA PHE B 288 27.72 18.07 -19.39
C PHE B 288 28.66 16.90 -19.16
N ASN B 289 29.96 17.07 -19.36
CA ASN B 289 30.95 16.06 -18.98
C ASN B 289 31.93 16.68 -18.02
N ASP B 290 31.92 16.21 -16.81
CA ASP B 290 32.64 16.84 -15.74
C ASP B 290 34.16 16.70 -15.91
N ASP B 291 34.62 15.56 -16.39
CA ASP B 291 36.04 15.32 -16.63
C ASP B 291 36.61 16.28 -17.69
N ILE B 292 35.81 16.63 -18.68
CA ILE B 292 36.23 17.50 -19.78
C ILE B 292 35.90 18.94 -19.41
N GLN B 293 34.63 19.26 -19.31
CA GLN B 293 34.21 20.64 -19.14
C GLN B 293 34.47 21.17 -17.70
N GLY B 294 34.23 20.33 -16.70
CA GLY B 294 34.38 20.74 -15.29
C GLY B 294 35.83 20.94 -14.94
N THR B 295 36.67 20.00 -15.37
CA THR B 295 38.11 20.09 -15.07
C THR B 295 38.65 21.36 -15.71
N ALA B 296 38.31 21.63 -16.96
CA ALA B 296 38.76 22.86 -17.60
C ALA B 296 38.34 24.08 -16.80
N SER B 297 37.12 24.07 -16.32
CA SER B 297 36.59 25.19 -15.62
C SER B 297 37.23 25.45 -14.27
N VAL B 298 37.57 24.39 -13.53
CA VAL B 298 38.22 24.55 -12.24
C VAL B 298 39.62 25.06 -12.35
N VAL B 299 40.32 24.59 -13.38
CA VAL B 299 41.67 25.04 -13.65
C VAL B 299 41.70 26.52 -13.98
N LEU B 300 40.74 27.00 -14.78
CA LEU B 300 40.66 28.43 -15.07
C LEU B 300 40.40 29.24 -13.80
N ALA B 301 39.49 28.78 -12.97
CA ALA B 301 39.20 29.46 -11.69
C ALA B 301 40.49 29.54 -10.89
N GLY B 302 41.20 28.43 -10.79
CA GLY B 302 42.54 28.39 -10.17
C GLY B 302 43.48 29.48 -10.69
N LEU B 303 43.64 29.56 -12.01
CA LEU B 303 44.48 30.61 -12.61
C LEU B 303 44.04 32.01 -12.27
N LEU B 304 42.73 32.26 -12.42
CA LEU B 304 42.18 33.59 -12.11
C LEU B 304 42.43 33.95 -10.64
N ALA B 305 42.22 32.99 -9.75
CA ALA B 305 42.47 33.18 -8.33
C ALA B 305 43.97 33.46 -8.12
N ALA B 306 44.83 32.68 -8.77
CA ALA B 306 46.27 32.84 -8.61
C ALA B 306 46.73 34.19 -9.10
N LEU B 307 46.23 34.63 -10.26
CA LEU B 307 46.52 35.99 -10.75
C LEU B 307 46.00 37.14 -9.89
N LYS B 308 44.87 36.96 -9.21
CA LYS B 308 44.44 37.94 -8.18
C LYS B 308 45.42 37.94 -7.00
N MET B 309 45.95 36.80 -6.62
CA MET B 309 46.83 36.69 -5.46
C MET B 309 48.18 37.37 -5.67
N VAL B 310 48.68 37.42 -6.92
CA VAL B 310 50.01 37.97 -7.22
C VAL B 310 50.09 39.07 -8.28
N GLY B 311 48.96 39.60 -8.73
CA GLY B 311 48.94 40.64 -9.75
C GLY B 311 49.06 40.01 -11.13
N GLY B 312 48.60 40.77 -12.13
CA GLY B 312 48.69 40.33 -13.52
C GLY B 312 47.37 39.95 -14.18
N THR B 313 47.44 39.75 -15.49
CA THR B 313 46.30 39.37 -16.28
C THR B 313 46.59 38.09 -16.97
N LEU B 314 45.50 37.46 -17.34
CA LEU B 314 45.52 36.15 -17.99
C LEU B 314 46.20 36.29 -19.33
N ALA B 315 45.94 37.41 -20.01
CA ALA B 315 46.62 37.73 -21.30
C ALA B 315 48.14 37.95 -21.24
N GLU B 316 48.65 38.53 -20.15
CA GLU B 316 50.11 38.74 -19.95
C GLU B 316 50.94 37.47 -19.74
N GLN B 317 50.31 36.33 -19.45
CA GLN B 317 51.06 35.21 -18.99
C GLN B 317 51.57 34.45 -20.17
N THR B 318 52.59 33.62 -19.96
CA THR B 318 52.91 32.60 -20.91
C THR B 318 52.79 31.22 -20.22
N TYR B 319 52.09 30.33 -20.90
CA TYR B 319 51.67 29.09 -20.33
C TYR B 319 52.45 27.95 -20.96
N LEU B 320 52.89 27.00 -20.14
CA LEU B 320 53.47 25.74 -20.61
C LEU B 320 52.76 24.51 -19.93
N PHE B 321 52.24 23.63 -20.77
CA PHE B 321 51.64 22.39 -20.38
C PHE B 321 52.57 21.24 -20.64
N LEU B 322 52.76 20.39 -19.62
CA LEU B 322 53.13 18.98 -19.81
C LEU B 322 51.82 18.17 -19.97
N GLY B 323 51.66 17.66 -21.19
CA GLY B 323 50.56 16.80 -21.54
C GLY B 323 49.74 17.60 -22.53
N ALA B 324 49.53 16.98 -23.67
CA ALA B 324 48.79 17.58 -24.75
C ALA B 324 47.82 16.54 -25.24
N GLY B 325 47.22 15.83 -24.26
CA GLY B 325 46.11 14.92 -24.49
C GLY B 325 44.86 15.71 -24.79
N GLU B 326 43.80 15.04 -25.22
CA GLU B 326 42.63 15.76 -25.78
C GLU B 326 41.92 16.64 -24.74
N ALA B 327 41.81 16.11 -23.52
CA ALA B 327 41.17 16.86 -22.42
C ALA B 327 42.10 18.02 -21.95
N GLY B 328 43.41 17.80 -21.93
CA GLY B 328 44.35 18.87 -21.50
C GLY B 328 44.52 20.04 -22.50
N THR B 329 44.48 19.73 -23.79
CA THR B 329 44.22 20.70 -24.87
C THR B 329 42.93 21.52 -24.64
N GLY B 330 41.94 20.88 -23.99
CA GLY B 330 40.69 21.49 -23.61
C GLY B 330 40.86 22.58 -22.57
N ILE B 331 41.76 22.36 -21.61
CA ILE B 331 42.04 23.39 -20.64
C ILE B 331 42.66 24.59 -21.32
N ALA B 332 43.66 24.35 -22.15
CA ALA B 332 44.31 25.42 -22.90
C ALA B 332 43.29 26.21 -23.73
N GLU B 333 42.32 25.52 -24.35
CA GLU B 333 41.29 26.21 -25.18
C GLU B 333 40.39 27.10 -24.32
N LEU B 334 40.05 26.66 -23.11
CA LEU B 334 39.26 27.51 -22.22
C LEU B 334 39.98 28.76 -21.78
N ILE B 335 41.24 28.58 -21.41
CA ILE B 335 42.11 29.72 -21.13
C ILE B 335 42.18 30.72 -22.33
N ALA B 336 42.48 30.21 -23.51
CA ALA B 336 42.54 31.04 -24.71
C ALA B 336 41.21 31.77 -24.94
N LEU B 337 40.12 31.03 -24.83
CA LEU B 337 38.79 31.62 -24.94
C LEU B 337 38.64 32.75 -23.94
N GLU B 338 38.96 32.52 -22.66
CA GLU B 338 38.81 33.61 -21.67
C GLU B 338 39.68 34.83 -22.00
N ILE B 339 40.91 34.62 -22.49
CA ILE B 339 41.80 35.72 -22.95
C ILE B 339 41.12 36.51 -24.09
N SER B 340 40.62 35.78 -25.07
CA SER B 340 39.77 36.29 -26.13
C SER B 340 38.62 37.16 -25.63
N LYS B 341 38.01 36.80 -24.51
CA LYS B 341 36.98 37.64 -23.90
C LYS B 341 37.54 38.92 -23.25
N GLN B 342 38.64 38.80 -22.49
CA GLN B 342 39.21 39.93 -21.76
C GLN B 342 39.92 40.95 -22.68
N THR B 343 40.34 40.55 -23.88
CA THR B 343 41.05 41.46 -24.80
C THR B 343 40.32 41.78 -26.11
N ASN B 344 39.24 41.08 -26.44
CA ASN B 344 38.57 41.15 -27.77
C ASN B 344 39.41 40.74 -28.97
N ALA B 345 40.54 40.08 -28.75
CA ALA B 345 41.31 39.56 -29.90
C ALA B 345 40.72 38.26 -30.48
N PRO B 346 40.90 38.01 -31.80
CA PRO B 346 40.51 36.68 -32.29
C PRO B 346 41.27 35.57 -31.55
N ILE B 347 40.61 34.43 -31.39
CA ILE B 347 41.10 33.33 -30.58
C ILE B 347 42.54 32.89 -30.96
N GLU B 348 42.85 32.88 -32.26
CA GLU B 348 44.17 32.40 -32.73
C GLU B 348 45.33 33.29 -32.21
N GLU B 349 45.05 34.59 -32.03
CA GLU B 349 46.00 35.53 -31.38
C GLU B 349 46.22 35.21 -29.88
N CYS B 350 45.12 34.80 -29.21
CA CYS B 350 45.09 34.49 -27.79
C CYS B 350 45.78 33.18 -27.49
N ARG B 351 45.98 32.33 -28.48
CA ARG B 351 46.69 31.10 -28.25
C ARG B 351 48.21 31.27 -28.30
N LYS B 352 48.70 32.45 -28.68
CA LYS B 352 50.11 32.57 -29.14
C LYS B 352 51.08 32.28 -28.01
N LYS B 353 50.67 32.47 -26.75
CA LYS B 353 51.61 32.28 -25.67
C LYS B 353 51.20 31.11 -24.82
N VAL B 354 50.59 30.12 -25.47
CA VAL B 354 50.23 28.85 -24.82
C VAL B 354 50.94 27.73 -25.56
N TRP B 355 51.77 26.99 -24.83
CA TRP B 355 52.66 25.93 -25.37
C TRP B 355 52.39 24.63 -24.65
N LEU B 356 52.46 23.51 -25.39
CA LEU B 356 52.19 22.18 -24.89
C LEU B 356 53.40 21.31 -25.26
N VAL B 357 53.81 20.43 -24.34
CA VAL B 357 54.75 19.36 -24.66
C VAL B 357 54.04 17.99 -24.52
N ASP B 358 54.28 17.12 -25.50
CA ASP B 358 53.75 15.74 -25.45
C ASP B 358 54.94 14.82 -25.29
N SER B 359 54.74 13.49 -25.44
CA SER B 359 55.84 12.49 -25.44
C SER B 359 57.07 12.88 -26.25
N LYS B 360 56.87 13.53 -27.39
CA LYS B 360 57.94 13.82 -28.36
C LYS B 360 58.58 15.16 -28.15
N GLY B 361 57.85 16.06 -27.48
CA GLY B 361 58.37 17.37 -27.17
C GLY B 361 57.36 18.48 -27.32
N LEU B 362 57.91 19.67 -27.49
CA LEU B 362 57.18 20.89 -27.73
C LEU B 362 56.45 20.72 -29.05
N ILE B 363 55.15 21.02 -29.04
CA ILE B 363 54.30 21.00 -30.18
C ILE B 363 54.68 22.28 -30.91
N VAL B 364 55.20 22.13 -32.12
CA VAL B 364 55.69 23.26 -32.96
C VAL B 364 55.27 23.05 -34.46
N ASP B 365 55.23 24.17 -35.20
CA ASP B 365 54.84 24.25 -36.63
C ASP B 365 55.58 23.20 -37.43
N SER B 366 56.89 23.05 -37.20
CA SER B 366 57.70 22.03 -37.89
C SER B 366 57.24 20.53 -37.77
N ARG B 367 56.39 20.21 -36.78
CA ARG B 367 55.88 18.82 -36.53
C ARG B 367 54.43 18.53 -37.02
N LYS B 368 53.70 19.54 -37.42
CA LYS B 368 52.32 19.37 -37.79
C LYS B 368 52.15 18.41 -38.94
N GLY B 369 51.05 17.68 -38.97
CA GLY B 369 50.86 16.66 -39.98
C GLY B 369 51.86 15.60 -39.64
N SER B 370 51.43 14.77 -38.73
CA SER B 370 52.20 14.09 -37.72
C SER B 370 51.73 14.60 -36.35
N LEU B 371 50.69 15.41 -36.33
CA LEU B 371 50.07 15.82 -35.12
C LEU B 371 48.60 15.49 -35.26
N GLN B 372 48.06 14.77 -34.30
CA GLN B 372 46.58 14.72 -34.14
C GLN B 372 45.96 16.15 -34.23
N PRO B 373 44.73 16.25 -34.75
CA PRO B 373 44.21 17.60 -35.09
C PRO B 373 43.90 18.50 -33.93
N PHE B 374 43.60 17.95 -32.74
CA PHE B 374 43.39 18.84 -31.58
C PHE B 374 44.71 19.54 -31.10
N LYS B 375 45.87 18.91 -31.34
CA LYS B 375 47.19 19.54 -31.12
C LYS B 375 47.53 20.69 -32.11
N LYS B 376 46.98 20.62 -33.31
CA LYS B 376 47.35 21.55 -34.40
C LYS B 376 47.23 23.03 -34.09
N PRO B 377 46.16 23.49 -33.43
CA PRO B 377 46.08 24.93 -33.18
C PRO B 377 47.14 25.49 -32.22
N TRP B 378 47.94 24.63 -31.60
CA TRP B 378 48.95 25.02 -30.61
C TRP B 378 50.39 24.87 -31.18
N ALA B 379 50.49 24.49 -32.44
CA ALA B 379 51.77 24.20 -33.08
C ALA B 379 52.38 25.50 -33.64
N HIS B 380 52.90 26.35 -32.74
CA HIS B 380 53.34 27.69 -33.13
C HIS B 380 54.77 27.56 -33.72
N GLU B 381 55.18 28.57 -34.48
CA GLU B 381 56.57 28.71 -35.01
C GLU B 381 57.62 28.75 -33.88
N HIS B 382 58.45 27.74 -33.81
CA HIS B 382 59.51 27.68 -32.80
C HIS B 382 60.47 26.57 -33.18
N GLU B 383 61.70 26.62 -32.67
CA GLU B 383 62.65 25.49 -32.72
C GLU B 383 62.05 24.25 -32.02
N PRO B 384 62.18 23.02 -32.60
CA PRO B 384 61.82 21.84 -31.82
C PRO B 384 62.75 21.63 -30.62
N LEU B 385 62.16 21.11 -29.57
CA LEU B 385 62.79 20.91 -28.26
C LEU B 385 62.20 19.58 -27.75
N LYS B 386 63.08 18.63 -27.41
CA LYS B 386 62.68 17.28 -27.01
C LYS B 386 62.17 17.25 -25.53
N THR B 387 62.78 18.03 -24.60
CA THR B 387 62.48 17.89 -23.14
C THR B 387 61.73 19.05 -22.54
N LEU B 388 60.97 18.73 -21.52
CA LEU B 388 60.24 19.73 -20.78
C LEU B 388 61.20 20.79 -20.19
N TYR B 389 62.35 20.33 -19.71
CA TYR B 389 63.37 21.20 -19.12
C TYR B 389 63.79 22.28 -20.12
N ASP B 390 64.19 21.85 -21.31
CA ASP B 390 64.58 22.77 -22.43
C ASP B 390 63.42 23.69 -22.81
N ALA B 391 62.19 23.15 -22.86
CA ALA B 391 61.01 23.99 -23.17
C ALA B 391 60.90 25.06 -22.14
N VAL B 392 61.06 24.70 -20.86
CA VAL B 392 60.95 25.66 -19.76
C VAL B 392 62.02 26.77 -19.86
N GLN B 393 63.27 26.36 -20.09
CA GLN B 393 64.39 27.30 -20.21
C GLN B 393 64.28 28.23 -21.44
N SER B 394 63.72 27.70 -22.52
CA SER B 394 63.60 28.49 -23.74
C SER B 394 62.35 29.41 -23.73
N ILE B 395 61.20 28.86 -23.33
CA ILE B 395 59.89 29.56 -23.37
C ILE B 395 59.82 30.51 -22.18
N LYS B 396 60.40 30.08 -21.06
CA LYS B 396 60.35 30.88 -19.84
C LYS B 396 58.88 31.16 -19.45
N PRO B 397 58.06 30.09 -19.36
CA PRO B 397 56.70 30.33 -18.94
C PRO B 397 56.58 30.97 -17.52
N THR B 398 55.54 31.73 -17.36
CA THR B 398 55.09 32.18 -16.05
C THR B 398 54.14 31.12 -15.32
N VAL B 399 53.49 30.26 -16.11
CA VAL B 399 52.60 29.26 -15.63
C VAL B 399 53.00 27.92 -16.21
N LEU B 400 53.12 26.95 -15.33
CA LEU B 400 53.44 25.59 -15.67
C LEU B 400 52.27 24.66 -15.20
N ILE B 401 51.71 23.90 -16.14
CA ILE B 401 50.54 23.03 -15.86
C ILE B 401 50.76 21.62 -16.33
N GLY B 402 50.56 20.69 -15.40
CA GLY B 402 50.83 19.30 -15.64
C GLY B 402 49.54 18.51 -15.67
N THR B 403 49.34 17.82 -16.81
CA THR B 403 48.24 16.92 -17.09
C THR B 403 48.74 15.64 -17.79
N SER B 404 50.01 15.31 -17.65
CA SER B 404 50.62 14.16 -18.35
C SER B 404 50.06 12.79 -17.90
N GLY B 405 49.86 12.60 -16.59
CA GLY B 405 49.62 11.27 -16.02
C GLY B 405 50.92 10.62 -15.53
N VAL B 406 52.05 11.31 -15.67
CA VAL B 406 53.40 10.78 -15.31
C VAL B 406 53.94 11.57 -14.11
N GLY B 407 54.00 10.89 -12.98
CA GLY B 407 54.44 11.51 -11.74
C GLY B 407 55.91 11.83 -11.73
N ARG B 408 56.27 12.90 -11.00
CA ARG B 408 57.65 13.34 -10.72
C ARG B 408 58.35 13.93 -11.93
N THR B 409 57.56 14.46 -12.86
CA THR B 409 58.08 15.15 -14.07
C THR B 409 58.47 16.64 -13.85
N PHE B 410 57.94 17.27 -12.82
CA PHE B 410 58.32 18.61 -12.50
C PHE B 410 59.47 18.35 -11.52
N THR B 411 60.68 18.32 -12.02
CA THR B 411 61.85 18.04 -11.22
C THR B 411 62.40 19.21 -10.49
N LYS B 412 63.39 18.95 -9.65
CA LYS B 412 64.02 19.96 -8.84
C LYS B 412 63.99 21.44 -9.22
N GLU B 413 64.66 22.01 -10.20
CA GLU B 413 65.47 21.52 -11.26
C GLU B 413 64.74 22.26 -12.33
N ILE B 414 63.52 21.82 -12.59
CA ILE B 414 62.62 22.46 -13.50
C ILE B 414 61.98 23.57 -12.70
N ILE B 415 61.70 23.27 -11.43
CA ILE B 415 61.11 24.21 -10.50
C ILE B 415 62.06 25.35 -10.21
N GLU B 416 63.33 25.03 -10.02
CA GLU B 416 64.36 26.02 -9.76
C GLU B 416 64.47 26.98 -10.91
N ALA B 417 64.46 26.43 -12.11
CA ALA B 417 64.47 27.26 -13.28
C ALA B 417 63.22 28.16 -13.22
N MET B 418 62.06 27.57 -12.97
CA MET B 418 60.80 28.35 -12.88
C MET B 418 60.90 29.48 -11.84
N SER B 419 61.49 29.12 -10.70
CA SER B 419 61.81 30.03 -9.61
C SER B 419 62.87 31.10 -9.92
N SER B 420 63.77 30.85 -10.87
CA SER B 420 64.80 31.86 -11.21
C SER B 420 64.27 33.07 -12.06
N PHE B 421 63.40 32.84 -13.05
CA PHE B 421 62.90 33.97 -13.91
C PHE B 421 61.48 34.46 -13.58
N ASN B 422 60.85 33.83 -12.59
CA ASN B 422 59.58 34.34 -12.05
C ASN B 422 59.75 34.62 -10.59
N GLU B 423 59.20 35.73 -10.13
CA GLU B 423 59.12 35.98 -8.70
C GLU B 423 58.22 34.92 -8.04
N ARG B 424 57.04 34.68 -8.62
CA ARG B 424 56.03 33.78 -8.06
C ARG B 424 55.56 32.78 -9.13
N PRO B 425 56.41 31.79 -9.48
CA PRO B 425 55.97 30.83 -10.52
C PRO B 425 54.65 30.13 -10.12
N ILE B 426 53.65 30.19 -11.00
CA ILE B 426 52.42 29.44 -10.79
C ILE B 426 52.64 28.00 -11.31
N ILE B 427 52.47 27.02 -10.42
CA ILE B 427 52.71 25.61 -10.76
C ILE B 427 51.53 24.73 -10.38
N PHE B 428 50.86 24.15 -11.39
CA PHE B 428 49.69 23.29 -11.21
C PHE B 428 50.05 21.88 -11.63
N SER B 429 50.06 20.97 -10.66
CA SER B 429 50.40 19.59 -10.85
C SER B 429 49.07 18.82 -10.73
N LEU B 430 48.38 18.66 -11.85
CA LEU B 430 47.02 18.19 -11.82
C LEU B 430 46.87 16.69 -11.87
N SER B 431 47.92 15.93 -12.22
CA SER B 431 47.71 14.49 -12.48
C SER B 431 47.41 13.74 -11.16
N ASN B 432 46.38 12.88 -11.22
CA ASN B 432 45.92 11.97 -10.17
C ASN B 432 46.22 10.47 -10.47
N PRO B 433 46.34 9.59 -9.46
CA PRO B 433 46.35 9.92 -8.02
C PRO B 433 47.68 10.54 -7.60
N THR B 434 47.93 10.62 -6.29
CA THR B 434 49.20 11.19 -5.72
C THR B 434 50.52 10.71 -6.37
N SER B 435 50.61 9.39 -6.61
CA SER B 435 51.82 8.78 -7.20
C SER B 435 52.12 9.29 -8.62
N HIS B 436 51.06 9.71 -9.34
CA HIS B 436 51.13 10.29 -10.70
C HIS B 436 51.29 11.84 -10.72
N SER B 437 51.38 12.47 -9.53
CA SER B 437 51.50 13.91 -9.43
C SER B 437 52.84 14.35 -9.99
N GLU B 438 52.82 15.38 -10.84
CA GLU B 438 54.02 15.88 -11.50
C GLU B 438 55.03 16.29 -10.44
N CYS B 439 54.53 16.88 -9.37
CA CYS B 439 55.30 17.00 -8.13
C CYS B 439 54.41 17.06 -6.88
N THR B 440 55.07 16.90 -5.73
CA THR B 440 54.41 17.10 -4.43
C THR B 440 54.43 18.58 -3.98
N ALA B 441 53.53 18.87 -3.05
CA ALA B 441 53.49 20.20 -2.44
C ALA B 441 54.82 20.58 -1.74
N GLU B 442 55.30 19.62 -0.95
CA GLU B 442 56.58 19.79 -0.28
C GLU B 442 57.71 20.10 -1.31
N GLN B 443 57.78 19.34 -2.41
CA GLN B 443 58.83 19.64 -3.40
C GLN B 443 58.64 21.07 -3.94
N ALA B 444 57.40 21.44 -4.26
CA ALA B 444 57.17 22.73 -4.94
C ALA B 444 57.62 23.94 -4.09
N TYR B 445 57.20 23.94 -2.84
CA TYR B 445 57.59 25.01 -1.93
C TYR B 445 59.12 24.99 -1.61
N THR B 446 59.70 23.81 -1.45
CA THR B 446 61.12 23.69 -1.07
C THR B 446 62.02 24.19 -2.22
N TRP B 447 61.74 23.64 -3.40
CA TRP B 447 62.58 23.90 -4.56
C TRP B 447 62.46 25.31 -5.10
N SER B 448 61.40 26.04 -4.68
CA SER B 448 61.14 27.42 -5.09
C SER B 448 61.43 28.45 -3.97
N GLN B 449 62.02 27.98 -2.87
CA GLN B 449 62.34 28.84 -1.74
C GLN B 449 61.03 29.48 -1.22
N GLY B 450 59.97 28.66 -1.15
CA GLY B 450 58.67 29.15 -0.74
C GLY B 450 57.94 30.15 -1.62
N ARG B 451 58.38 30.41 -2.87
CA ARG B 451 57.71 31.41 -3.73
C ARG B 451 56.64 30.89 -4.74
N SER B 452 56.53 29.57 -4.90
CA SER B 452 55.59 29.01 -5.89
C SER B 452 54.17 29.19 -5.41
N ILE B 453 53.29 29.57 -6.32
CA ILE B 453 51.84 29.41 -6.09
C ILE B 453 51.48 28.03 -6.61
N PHE B 454 51.09 27.16 -5.72
CA PHE B 454 50.97 25.75 -6.05
C PHE B 454 49.58 25.20 -5.84
N ALA B 455 49.16 24.34 -6.77
CA ALA B 455 47.89 23.61 -6.66
C ALA B 455 48.07 22.28 -7.32
N SER B 456 47.28 21.31 -6.87
CA SER B 456 47.47 19.97 -7.36
C SER B 456 46.14 19.29 -7.55
N GLY B 457 46.16 18.22 -8.36
CA GLY B 457 45.00 17.38 -8.55
C GLY B 457 44.55 16.66 -7.29
N SER B 458 45.52 16.23 -6.46
CA SER B 458 45.29 15.28 -5.38
C SER B 458 45.55 15.99 -4.01
N PRO B 459 45.03 15.42 -2.88
CA PRO B 459 45.27 16.16 -1.62
C PRO B 459 46.69 15.96 -1.13
N PHE B 460 47.28 17.06 -0.73
CA PHE B 460 48.55 17.08 -0.03
C PHE B 460 48.26 17.77 1.28
N ALA B 461 48.95 17.33 2.34
CA ALA B 461 48.87 18.02 3.65
C ALA B 461 49.59 19.39 3.63
N PRO B 462 49.29 20.22 4.63
CA PRO B 462 49.98 21.50 4.67
C PRO B 462 51.48 21.35 4.81
N VAL B 463 52.18 22.41 4.47
CA VAL B 463 53.61 22.32 4.39
C VAL B 463 54.20 23.42 5.23
N GLU B 464 55.15 23.03 6.10
CA GLU B 464 55.97 23.95 6.87
C GLU B 464 57.25 24.32 6.07
N TYR B 465 57.44 25.58 5.71
CA TYR B 465 58.75 26.01 5.11
C TYR B 465 59.27 27.36 5.67
N GLU B 466 60.44 27.30 6.35
CA GLU B 466 61.07 28.46 6.98
C GLU B 466 60.07 29.16 7.92
N GLY B 467 59.39 28.35 8.76
CA GLY B 467 58.36 28.84 9.70
C GLY B 467 56.95 29.19 9.17
N LYS B 468 56.73 29.10 7.87
CA LYS B 468 55.45 29.48 7.29
C LYS B 468 54.70 28.21 6.89
N THR B 469 53.38 28.30 7.01
CA THR B 469 52.46 27.22 6.64
C THR B 469 51.82 27.54 5.27
N PHE B 470 51.93 26.60 4.34
CA PHE B 470 51.22 26.69 3.07
C PHE B 470 50.15 25.60 3.08
N VAL B 471 48.92 25.98 2.74
CA VAL B 471 47.82 25.05 2.54
C VAL B 471 47.49 25.05 1.02
N PRO B 472 48.13 24.13 0.25
CA PRO B 472 47.89 24.17 -1.22
C PRO B 472 46.44 23.80 -1.61
N GLY B 473 45.84 24.58 -2.52
CA GLY B 473 44.54 24.26 -3.01
C GLY B 473 44.56 23.04 -3.92
N GLN B 474 43.42 22.38 -3.99
CA GLN B 474 43.25 21.21 -4.77
C GLN B 474 42.26 21.50 -5.88
N SER B 475 42.65 21.21 -7.13
CA SER B 475 41.79 21.32 -8.32
C SER B 475 40.72 20.25 -8.45
N ASN B 476 39.88 20.14 -7.45
CA ASN B 476 38.81 19.18 -7.44
C ASN B 476 37.61 19.79 -8.19
N ASN B 477 37.05 19.12 -9.18
CA ASN B 477 35.85 19.71 -9.81
C ASN B 477 34.55 19.63 -9.05
N ALA B 478 34.56 19.05 -7.85
CA ALA B 478 33.44 19.19 -6.96
C ALA B 478 33.23 20.65 -6.51
N TYR B 479 34.23 21.49 -6.63
CA TYR B 479 34.04 22.93 -6.47
C TYR B 479 33.08 23.51 -7.50
N ILE B 480 33.01 22.93 -8.69
CA ILE B 480 32.34 23.55 -9.81
C ILE B 480 31.06 22.80 -10.17
N PHE B 481 31.10 21.47 -10.40
CA PHE B 481 29.87 20.80 -10.89
C PHE B 481 28.59 21.01 -10.03
N PRO B 482 28.69 21.04 -8.70
CA PRO B 482 27.40 21.10 -8.03
C PRO B 482 26.64 22.36 -8.30
N GLY B 483 27.32 23.49 -8.29
CA GLY B 483 26.69 24.78 -8.54
C GLY B 483 26.38 24.96 -10.00
N LEU B 484 27.21 24.41 -10.87
CA LEU B 484 26.92 24.51 -12.31
C LEU B 484 25.60 23.81 -12.65
N GLY B 485 25.46 22.56 -12.21
CA GLY B 485 24.19 21.84 -12.34
C GLY B 485 23.01 22.51 -11.68
N LEU B 486 23.19 23.00 -10.45
CA LEU B 486 22.12 23.82 -9.79
C LEU B 486 21.68 24.99 -10.64
N GLY B 487 22.66 25.71 -11.22
CA GLY B 487 22.40 26.79 -12.15
C GLY B 487 21.63 26.48 -13.39
N LEU B 488 21.93 25.34 -13.96
CA LEU B 488 21.20 24.86 -15.09
C LEU B 488 19.73 24.57 -14.72
N VAL B 489 19.56 23.89 -13.59
CA VAL B 489 18.26 23.40 -13.20
C VAL B 489 17.35 24.53 -12.80
N ILE B 490 17.85 25.47 -12.00
CA ILE B 490 16.98 26.56 -11.55
C ILE B 490 16.64 27.58 -12.63
N SER B 491 17.41 27.70 -13.70
CA SER B 491 17.04 28.56 -14.84
C SER B 491 16.22 27.84 -15.87
N GLY B 492 16.03 26.52 -15.74
CA GLY B 492 15.44 25.73 -16.81
C GLY B 492 16.27 25.76 -18.10
N ALA B 493 17.59 25.69 -17.98
CA ALA B 493 18.44 25.76 -19.17
C ALA B 493 18.27 24.52 -19.97
N VAL B 494 18.34 24.68 -21.28
CA VAL B 494 18.23 23.54 -22.19
C VAL B 494 19.53 23.11 -22.90
N ARG B 495 20.53 23.98 -22.89
CA ARG B 495 21.86 23.68 -23.47
C ARG B 495 22.89 24.28 -22.57
N VAL B 496 24.03 23.59 -22.49
CA VAL B 496 25.19 24.11 -21.83
C VAL B 496 25.94 24.87 -22.92
N HIS B 497 26.36 26.10 -22.61
CA HIS B 497 27.13 26.96 -23.57
C HIS B 497 28.48 27.20 -22.92
N GLU B 498 29.53 27.19 -23.72
CA GLU B 498 30.88 27.45 -23.24
C GLU B 498 31.01 28.73 -22.31
N ASP B 499 30.18 29.74 -22.50
CA ASP B 499 30.23 30.97 -21.66
C ASP B 499 29.71 30.68 -20.25
N MET B 500 28.95 29.59 -20.06
CA MET B 500 28.57 29.17 -18.67
C MET B 500 29.74 28.63 -17.89
N LEU B 501 30.63 27.94 -18.60
CA LEU B 501 31.85 27.42 -17.95
C LEU B 501 32.68 28.61 -17.55
N LEU B 502 32.77 29.63 -18.43
CA LEU B 502 33.52 30.87 -18.11
C LEU B 502 32.92 31.55 -16.90
N ALA B 503 31.60 31.64 -16.86
CA ALA B 503 30.97 32.29 -15.73
C ALA B 503 31.15 31.46 -14.45
N ALA B 504 31.09 30.12 -14.50
CA ALA B 504 31.37 29.35 -13.30
C ALA B 504 32.84 29.59 -12.77
N SER B 505 33.81 29.66 -13.69
CA SER B 505 35.22 29.84 -13.34
C SER B 505 35.37 31.16 -12.61
N LYS B 506 34.82 32.21 -13.18
CA LYS B 506 34.84 33.54 -12.54
C LYS B 506 34.17 33.60 -11.14
N ALA B 507 32.99 33.01 -10.97
CA ALA B 507 32.31 33.02 -9.66
C ALA B 507 33.08 32.26 -8.61
N LEU B 508 33.65 31.12 -9.01
CA LEU B 508 34.55 30.37 -8.10
C LEU B 508 35.79 31.19 -7.69
N ALA B 509 36.46 31.79 -8.65
CA ALA B 509 37.61 32.71 -8.37
C ALA B 509 37.25 33.90 -7.49
N ASP B 510 36.08 34.49 -7.70
CA ASP B 510 35.60 35.63 -6.86
C ASP B 510 35.30 35.26 -5.41
N GLN B 511 35.08 33.96 -5.15
CA GLN B 511 34.92 33.48 -3.75
C GLN B 511 36.20 33.36 -2.91
N ALA B 512 37.36 33.44 -3.55
CA ALA B 512 38.65 33.42 -2.83
C ALA B 512 38.91 34.71 -2.01
N THR B 513 39.07 34.52 -0.69
CA THR B 513 39.30 35.59 0.31
C THR B 513 40.82 35.81 0.48
N GLN B 514 41.19 36.98 1.02
CA GLN B 514 42.58 37.25 1.38
C GLN B 514 43.00 36.28 2.47
N ASP B 515 42.08 35.80 3.31
CA ASP B 515 42.44 34.77 4.28
C ASP B 515 42.91 33.45 3.62
N ASN B 516 42.26 33.00 2.53
CA ASN B 516 42.74 31.82 1.77
C ASN B 516 44.12 32.12 1.20
N PHE B 517 44.29 33.30 0.62
CA PHE B 517 45.56 33.66 -0.06
C PHE B 517 46.76 33.71 0.91
N GLU B 518 46.55 34.15 2.15
CA GLU B 518 47.66 34.27 3.10
C GLU B 518 48.13 32.87 3.52
N LYS B 519 47.28 31.87 3.36
CA LYS B 519 47.67 30.48 3.59
C LYS B 519 48.18 29.76 2.34
N GLY B 520 48.22 30.46 1.21
CA GLY B 520 48.68 29.87 -0.06
C GLY B 520 47.65 29.10 -0.88
N SER B 521 46.38 29.15 -0.48
CA SER B 521 45.27 28.48 -1.17
C SER B 521 44.59 29.42 -2.12
N ILE B 522 44.47 28.98 -3.37
CA ILE B 522 43.80 29.74 -4.40
C ILE B 522 42.30 29.43 -4.43
N PHE B 523 41.84 28.38 -3.73
CA PHE B 523 40.39 28.16 -3.55
C PHE B 523 40.02 28.31 -2.08
N PRO B 524 38.73 28.59 -1.79
CA PRO B 524 38.26 28.48 -0.41
C PRO B 524 38.08 27.03 0.02
N PRO B 525 37.97 26.81 1.35
CA PRO B 525 37.76 25.45 1.84
C PRO B 525 36.37 24.90 1.49
N PHE B 526 36.22 23.57 1.47
CA PHE B 526 34.89 22.95 1.27
C PHE B 526 33.88 23.28 2.37
N THR B 527 34.34 23.74 3.53
CA THR B 527 33.40 24.20 4.53
C THR B 527 32.55 25.36 4.02
N SER B 528 32.99 26.06 2.98
CA SER B 528 32.17 27.14 2.32
C SER B 528 31.35 26.66 1.10
N ILE B 529 31.30 25.36 0.86
CA ILE B 529 30.89 24.87 -0.49
C ILE B 529 29.48 25.26 -0.88
N ARG B 530 28.55 25.34 0.07
CA ARG B 530 27.14 25.67 -0.27
C ARG B 530 26.97 27.09 -0.75
N LYS B 531 27.65 27.99 -0.07
CA LYS B 531 27.79 29.39 -0.51
C LYS B 531 28.47 29.49 -1.90
N ILE B 532 29.52 28.74 -2.11
CA ILE B 532 30.22 28.76 -3.43
C ILE B 532 29.26 28.29 -4.50
N SER B 533 28.56 27.19 -4.21
CA SER B 533 27.62 26.61 -5.19
C SER B 533 26.52 27.57 -5.56
N ALA B 534 26.02 28.28 -4.57
CA ALA B 534 24.93 29.22 -4.79
C ALA B 534 25.40 30.34 -5.69
N HIS B 535 26.64 30.79 -5.48
CA HIS B 535 27.20 31.79 -6.39
C HIS B 535 27.50 31.27 -7.75
N ILE B 536 28.08 30.09 -7.86
CA ILE B 536 28.30 29.53 -9.17
C ILE B 536 26.98 29.39 -9.88
N ALA B 537 25.99 28.91 -9.15
CA ALA B 537 24.67 28.66 -9.74
C ALA B 537 23.99 29.96 -10.18
N ALA B 538 24.06 31.01 -9.37
CA ALA B 538 23.60 32.34 -9.85
C ALA B 538 24.28 32.76 -11.18
N ALA B 539 25.60 32.62 -11.26
CA ALA B 539 26.31 33.11 -12.43
C ALA B 539 26.00 32.24 -13.62
N VAL B 540 25.82 30.93 -13.40
CA VAL B 540 25.43 30.10 -14.54
C VAL B 540 24.02 30.44 -15.04
N ALA B 541 23.10 30.67 -14.10
CA ALA B 541 21.73 30.96 -14.45
C ALA B 541 21.69 32.28 -15.24
N ALA B 542 22.32 33.34 -14.70
CA ALA B 542 22.40 34.65 -15.35
C ALA B 542 22.88 34.49 -16.76
N LYS B 543 23.90 33.70 -16.98
CA LYS B 543 24.40 33.51 -18.34
C LYS B 543 23.36 32.78 -19.21
N ALA B 544 22.68 31.78 -18.65
CA ALA B 544 21.55 31.14 -19.39
C ALA B 544 20.49 32.12 -19.92
N TYR B 545 20.09 33.05 -19.08
CA TYR B 545 19.13 34.09 -19.42
C TYR B 545 19.68 35.04 -20.46
N GLU B 546 20.96 35.45 -20.33
CA GLU B 546 21.63 36.32 -21.32
C GLU B 546 21.61 35.70 -22.70
N LEU B 547 22.00 34.45 -22.80
CA LEU B 547 22.08 33.79 -24.09
C LEU B 547 20.74 33.33 -24.63
N GLY B 548 19.67 33.48 -23.83
CA GLY B 548 18.32 33.00 -24.22
C GLY B 548 18.15 31.47 -24.17
N LEU B 549 18.89 30.79 -23.32
CA LEU B 549 18.79 29.36 -23.19
C LEU B 549 17.94 28.90 -21.99
N ALA B 550 17.46 29.86 -21.24
CA ALA B 550 16.70 29.58 -20.00
C ALA B 550 15.22 29.55 -20.28
N THR B 551 14.49 28.64 -19.65
CA THR B 551 13.04 28.57 -19.84
C THR B 551 12.22 28.95 -18.62
N ARG B 552 12.82 29.16 -17.44
CA ARG B 552 12.01 29.55 -16.29
CA ARG B 552 12.05 29.53 -16.25
C ARG B 552 11.98 31.08 -16.24
N LEU B 553 11.06 31.61 -17.05
CA LEU B 553 10.93 33.02 -17.34
C LEU B 553 9.77 33.54 -16.51
N PRO B 554 9.86 34.76 -15.98
CA PRO B 554 11.02 35.64 -16.13
C PRO B 554 12.08 35.36 -15.03
N PRO B 555 13.36 35.81 -15.24
CA PRO B 555 14.39 35.63 -14.21
C PRO B 555 14.03 36.37 -12.92
N PRO B 556 14.21 35.76 -11.74
CA PRO B 556 14.02 36.58 -10.53
C PRO B 556 15.14 37.61 -10.49
N SER B 557 14.91 38.72 -9.80
CA SER B 557 15.90 39.83 -9.77
C SER B 557 17.18 39.48 -9.04
N ASP B 558 17.10 38.58 -8.04
CA ASP B 558 18.24 38.27 -7.16
C ASP B 558 18.48 36.76 -7.32
N LEU B 559 19.40 36.38 -8.22
CA LEU B 559 19.63 34.97 -8.51
C LEU B 559 20.39 34.21 -7.38
N VAL B 560 21.25 34.91 -6.66
CA VAL B 560 21.95 34.30 -5.53
C VAL B 560 20.96 33.83 -4.49
N LYS B 561 20.04 34.69 -4.10
CA LYS B 561 19.00 34.33 -3.19
C LYS B 561 18.06 33.27 -3.75
N TYR B 562 17.61 33.38 -4.98
CA TYR B 562 16.80 32.35 -5.58
C TYR B 562 17.55 30.99 -5.54
N ALA B 563 18.81 30.98 -5.93
CA ALA B 563 19.66 29.78 -5.82
C ALA B 563 19.62 29.19 -4.40
N GLU B 564 19.81 30.03 -3.37
CA GLU B 564 19.86 29.56 -1.98
C GLU B 564 18.56 28.96 -1.52
N ASN B 565 17.45 29.59 -1.90
CA ASN B 565 16.11 29.10 -1.59
C ASN B 565 15.69 27.85 -2.37
N CYS B 566 16.28 27.59 -3.55
CA CYS B 566 16.06 26.32 -4.21
C CYS B 566 16.89 25.19 -3.53
N MET B 567 17.79 25.45 -2.58
CA MET B 567 18.66 24.38 -2.14
C MET B 567 17.94 23.45 -1.13
N TYR B 568 17.99 22.16 -1.38
CA TYR B 568 17.62 21.15 -0.39
C TYR B 568 18.27 21.33 0.99
N THR B 569 17.44 21.30 2.02
CA THR B 569 17.91 21.26 3.40
CA THR B 569 17.78 21.34 3.44
C THR B 569 17.48 19.92 4.05
N PRO B 570 18.47 19.20 4.63
CA PRO B 570 18.08 17.88 5.16
C PRO B 570 17.53 17.85 6.60
N VAL B 571 16.97 18.95 7.09
CA VAL B 571 16.34 18.99 8.40
C VAL B 571 15.08 18.12 8.25
N TYR B 572 14.85 17.22 9.20
CA TYR B 572 13.67 16.36 9.16
C TYR B 572 12.37 17.21 9.03
N ARG B 573 11.39 16.70 8.33
CA ARG B 573 10.07 17.26 8.26
C ARG B 573 9.34 16.77 9.50
N ASN B 574 8.23 17.45 9.82
CA ASN B 574 7.28 16.96 10.89
C ASN B 574 6.12 16.27 10.23
N TYR B 575 5.61 15.17 10.77
CA TYR B 575 4.53 14.38 10.13
C TYR B 575 3.10 14.45 10.77
N ARG B 576 3.00 14.81 12.04
CA ARG B 576 1.67 15.08 12.66
C ARG B 576 1.78 15.98 13.89
N ALA C 20 8.67 -30.81 -1.60
CA ALA C 20 9.95 -30.85 -2.35
C ALA C 20 9.83 -30.13 -3.71
N ALA C 21 8.94 -30.66 -4.56
CA ALA C 21 8.52 -30.03 -5.84
C ALA C 21 7.41 -28.99 -5.59
N SER C 22 6.58 -29.24 -4.58
CA SER C 22 5.54 -28.30 -4.10
C SER C 22 6.08 -27.17 -3.16
N GLU C 23 7.30 -27.35 -2.65
CA GLU C 23 8.03 -26.28 -1.98
C GLU C 23 8.57 -25.33 -3.06
N GLU C 24 8.90 -25.84 -4.24
CA GLU C 24 9.45 -25.00 -5.32
C GLU C 24 8.38 -24.17 -6.07
N LEU C 25 7.11 -24.54 -5.93
CA LEU C 25 5.99 -23.86 -6.61
C LEU C 25 5.96 -22.37 -6.31
N PRO C 26 5.87 -21.51 -7.33
CA PRO C 26 5.84 -20.07 -7.03
C PRO C 26 4.66 -19.61 -6.16
N VAL C 27 4.92 -18.74 -5.17
CA VAL C 27 3.90 -18.16 -4.26
C VAL C 27 3.78 -16.67 -4.46
N MET C 28 2.68 -16.12 -3.96
CA MET C 28 2.40 -14.68 -4.01
C MET C 28 3.17 -13.96 -2.89
N PRO C 29 3.96 -12.92 -3.20
CA PRO C 29 4.60 -12.13 -2.12
C PRO C 29 3.63 -11.04 -1.64
N TRP C 30 2.75 -11.40 -0.72
CA TRP C 30 1.75 -10.50 -0.17
C TRP C 30 2.40 -9.63 0.85
N ALA C 31 2.12 -8.33 0.84
CA ALA C 31 2.65 -7.45 1.89
C ALA C 31 1.46 -6.78 2.55
N THR C 32 1.67 -6.28 3.75
CA THR C 32 0.58 -5.66 4.48
C THR C 32 0.99 -4.28 4.93
N SER C 33 -0.01 -3.46 5.19
CA SER C 33 0.14 -2.13 5.67
C SER C 33 -1.18 -1.73 6.25
N VAL C 34 -1.11 -0.71 7.08
CA VAL C 34 -2.21 -0.12 7.78
C VAL C 34 -3.08 0.58 6.74
N ALA C 35 -4.34 0.21 6.70
CA ALA C 35 -5.30 0.88 5.83
C ALA C 35 -5.76 2.18 6.46
N SER C 36 -5.75 3.22 5.64
CA SER C 36 -6.06 4.57 6.04
C SER C 36 -6.71 5.29 4.88
N GLY C 37 -7.45 6.36 5.13
CA GLY C 37 -7.93 7.20 4.04
C GLY C 37 -8.76 6.45 3.03
N TYR C 38 -8.63 6.80 1.76
CA TYR C 38 -9.42 6.16 0.71
C TYR C 38 -9.17 4.65 0.55
N THR C 39 -8.03 4.18 1.01
CA THR C 39 -7.72 2.76 0.96
C THR C 39 -8.67 2.06 1.91
N LEU C 40 -8.95 2.68 3.03
CA LEU C 40 -9.98 2.15 3.94
C LEU C 40 -11.43 2.32 3.43
N LEU C 41 -11.76 3.46 2.87
CA LEU C 41 -13.10 3.71 2.34
C LEU C 41 -13.42 2.78 1.14
N ARG C 42 -12.44 2.34 0.37
CA ARG C 42 -12.67 1.50 -0.82
C ARG C 42 -12.50 0.01 -0.62
N ASP C 43 -12.27 -0.41 0.61
CA ASP C 43 -12.18 -1.81 0.94
C ASP C 43 -13.52 -2.23 1.63
N PRO C 44 -14.35 -3.02 0.94
CA PRO C 44 -15.68 -3.27 1.50
C PRO C 44 -15.64 -4.05 2.80
N HIS C 45 -14.56 -4.78 3.04
CA HIS C 45 -14.39 -5.54 4.26
C HIS C 45 -14.26 -4.63 5.50
N HIS C 46 -13.69 -3.43 5.35
CA HIS C 46 -13.46 -2.55 6.51
C HIS C 46 -14.31 -1.27 6.49
N ASN C 47 -14.72 -0.84 5.29
CA ASN C 47 -15.50 0.42 5.10
C ASN C 47 -16.76 0.46 5.93
N LYS C 48 -16.95 1.49 6.74
CA LYS C 48 -18.17 1.73 7.56
C LYS C 48 -18.98 2.91 7.07
N GLY C 49 -18.51 3.58 6.02
CA GLY C 49 -19.11 4.82 5.54
C GLY C 49 -19.29 5.88 6.64
N LEU C 50 -20.48 6.45 6.75
CA LEU C 50 -20.80 7.45 7.75
C LEU C 50 -20.80 6.94 9.16
N ALA C 51 -20.71 5.63 9.35
CA ALA C 51 -20.59 5.04 10.69
C ALA C 51 -19.21 5.03 11.32
N PHE C 52 -18.17 5.38 10.55
CA PHE C 52 -16.85 5.71 11.14
C PHE C 52 -17.03 6.85 12.21
N THR C 53 -16.64 6.57 13.46
CA THR C 53 -16.72 7.50 14.58
C THR C 53 -15.73 8.61 14.38
N GLU C 54 -15.91 9.70 15.09
CA GLU C 54 -14.97 10.83 15.08
C GLU C 54 -13.54 10.38 15.40
N GLU C 55 -13.41 9.49 16.33
CA GLU C 55 -12.12 9.01 16.73
C GLU C 55 -11.46 8.18 15.62
N GLU C 56 -12.23 7.37 14.91
CA GLU C 56 -11.68 6.57 13.84
C GLU C 56 -11.31 7.44 12.70
N ARG C 57 -12.08 8.50 12.47
CA ARG C 57 -11.77 9.42 11.40
C ARG C 57 -10.48 10.16 11.65
N ASP C 58 -10.31 10.61 12.90
CA ASP C 58 -9.07 11.30 13.31
C ASP C 58 -7.84 10.39 13.29
N GLY C 59 -7.97 9.14 13.70
CA GLY C 59 -6.86 8.17 13.69
C GLY C 59 -6.56 7.50 12.34
N HIS C 60 -7.45 7.57 11.35
CA HIS C 60 -7.17 6.94 10.03
C HIS C 60 -7.32 7.88 8.84
N TYR C 61 -7.13 9.16 9.08
CA TYR C 61 -6.92 10.13 8.03
C TYR C 61 -8.18 10.19 7.14
N LEU C 62 -9.34 10.16 7.79
CA LEU C 62 -10.60 10.25 7.11
C LEU C 62 -11.28 11.62 7.22
N ARG C 63 -10.87 12.46 8.17
CA ARG C 63 -11.46 13.75 8.40
C ARG C 63 -11.45 14.56 7.10
N GLY C 64 -12.62 15.08 6.76
CA GLY C 64 -12.81 15.84 5.50
C GLY C 64 -13.23 14.94 4.33
N LEU C 65 -12.81 13.66 4.35
CA LEU C 65 -13.25 12.76 3.29
C LEU C 65 -14.70 12.31 3.49
N LEU C 66 -15.23 12.45 4.70
CA LEU C 66 -16.64 12.23 5.00
C LEU C 66 -17.21 13.51 5.50
N PRO C 67 -18.53 13.73 5.33
CA PRO C 67 -19.11 14.88 5.95
C PRO C 67 -19.20 14.76 7.48
N PRO C 68 -19.50 15.87 8.20
CA PRO C 68 -19.31 15.85 9.69
C PRO C 68 -20.17 14.82 10.46
N ALA C 69 -21.30 14.43 9.94
CA ALA C 69 -22.23 13.60 10.71
C ALA C 69 -21.82 12.13 10.80
N VAL C 70 -22.07 11.52 11.94
CA VAL C 70 -21.84 10.12 12.15
C VAL C 70 -23.21 9.46 12.21
N LEU C 71 -23.36 8.36 11.49
CA LEU C 71 -24.61 7.67 11.33
C LEU C 71 -24.42 6.29 11.83
N SER C 72 -25.25 5.83 12.75
CA SER C 72 -25.22 4.46 13.22
C SER C 72 -25.50 3.44 12.10
N GLN C 73 -25.10 2.21 12.38
CA GLN C 73 -25.35 1.10 11.47
C GLN C 73 -26.85 0.93 11.25
N GLU C 74 -27.63 1.11 12.31
CA GLU C 74 -29.09 1.01 12.23
C GLU C 74 -29.71 2.09 11.32
N LEU C 75 -29.27 3.33 11.42
CA LEU C 75 -29.73 4.34 10.46
C LEU C 75 -29.29 4.12 9.03
N GLN C 76 -28.13 3.52 8.82
CA GLN C 76 -27.68 3.22 7.45
C GLN C 76 -28.57 2.17 6.83
N ILE C 77 -28.99 1.20 7.64
CA ILE C 77 -29.91 0.19 7.18
C ILE C 77 -31.22 0.81 6.78
N LYS C 78 -31.76 1.66 7.63
CA LYS C 78 -33.02 2.32 7.36
C LYS C 78 -32.94 3.17 6.09
N LYS C 79 -31.86 3.95 5.96
CA LYS C 79 -31.59 4.73 4.75
C LYS C 79 -31.62 3.83 3.51
N PHE C 80 -30.89 2.72 3.57
CA PHE C 80 -30.74 1.89 2.40
C PHE C 80 -32.07 1.23 2.01
N MET C 81 -32.79 0.75 3.00
CA MET C 81 -34.14 0.20 2.73
C MET C 81 -35.10 1.20 2.09
N ASN C 82 -35.05 2.45 2.53
CA ASN C 82 -35.94 3.40 1.96
C ASN C 82 -35.67 3.57 0.46
N THR C 83 -34.42 3.61 0.02
CA THR C 83 -34.19 3.78 -1.43
C THR C 83 -34.41 2.47 -2.20
N LEU C 84 -34.15 1.36 -1.55
CA LEU C 84 -34.27 0.07 -2.21
C LEU C 84 -35.72 -0.21 -2.61
N ARG C 85 -36.64 0.17 -1.74
CA ARG C 85 -38.05 0.05 -1.98
C ARG C 85 -38.62 0.96 -3.10
N GLN C 86 -37.92 2.03 -3.48
CA GLN C 86 -38.29 2.95 -4.57
C GLN C 86 -37.79 2.48 -5.94
N TYR C 87 -36.92 1.46 -6.00
CA TYR C 87 -36.57 0.88 -7.29
C TYR C 87 -37.83 0.13 -7.81
N GLN C 88 -38.09 0.21 -9.11
CA GLN C 88 -39.35 -0.31 -9.65
C GLN C 88 -39.32 -1.76 -10.05
N THR C 89 -38.13 -2.31 -10.35
CA THR C 89 -38.01 -3.70 -10.75
C THR C 89 -37.16 -4.51 -9.78
N PRO C 90 -37.48 -5.80 -9.64
CA PRO C 90 -36.66 -6.69 -8.80
C PRO C 90 -35.18 -6.68 -9.18
N LEU C 91 -34.88 -6.62 -10.46
CA LEU C 91 -33.53 -6.67 -10.86
C LEU C 91 -32.79 -5.42 -10.42
N GLN C 92 -33.42 -4.25 -10.47
CA GLN C 92 -32.76 -3.06 -9.95
C GLN C 92 -32.38 -3.19 -8.48
N ARG C 93 -33.19 -3.93 -7.73
CA ARG C 93 -32.96 -4.14 -6.31
C ARG C 93 -31.79 -5.07 -6.13
N TYR C 94 -31.70 -6.09 -6.98
CA TYR C 94 -30.56 -6.98 -7.00
C TYR C 94 -29.26 -6.23 -7.22
N ILE C 95 -29.28 -5.32 -8.17
CA ILE C 95 -28.11 -4.58 -8.57
C ILE C 95 -27.69 -3.67 -7.41
N ALA C 96 -28.63 -2.97 -6.77
CA ALA C 96 -28.31 -2.11 -5.68
C ALA C 96 -27.76 -2.97 -4.49
N MET C 97 -28.28 -4.17 -4.31
CA MET C 97 -27.85 -5.03 -3.18
CA MET C 97 -27.88 -5.06 -3.21
C MET C 97 -26.43 -5.55 -3.42
N MET C 98 -26.13 -5.93 -4.66
CA MET C 98 -24.78 -6.39 -5.01
C MET C 98 -23.76 -5.26 -4.91
N ASN C 99 -24.15 -4.09 -5.31
CA ASN C 99 -23.32 -2.93 -5.16
C ASN C 99 -22.99 -2.69 -3.68
N LEU C 100 -23.98 -2.79 -2.81
CA LEU C 100 -23.75 -2.64 -1.38
C LEU C 100 -22.79 -3.74 -0.87
N GLN C 101 -23.03 -4.98 -1.25
CA GLN C 101 -22.14 -6.06 -0.84
C GLN C 101 -20.71 -5.74 -1.16
N GLU C 102 -20.51 -5.09 -2.28
CA GLU C 102 -19.17 -4.79 -2.73
C GLU C 102 -18.67 -3.42 -2.27
N THR C 103 -19.39 -2.71 -1.43
CA THR C 103 -18.81 -1.49 -0.89
C THR C 103 -18.83 -1.43 0.64
N ASP C 104 -19.80 -2.05 1.30
CA ASP C 104 -19.84 -2.11 2.77
C ASP C 104 -20.45 -3.46 3.17
N GLU C 105 -19.57 -4.42 3.32
CA GLU C 105 -19.94 -5.81 3.51
C GLU C 105 -20.73 -6.07 4.79
N ARG C 106 -20.33 -5.47 5.89
CA ARG C 106 -21.06 -5.59 7.14
C ARG C 106 -22.41 -4.92 7.16
N LEU C 107 -22.56 -3.81 6.45
CA LEU C 107 -23.85 -3.24 6.27
C LEU C 107 -24.77 -4.19 5.44
N PHE C 108 -24.28 -4.71 4.33
CA PHE C 108 -25.01 -5.67 3.49
C PHE C 108 -25.56 -6.86 4.29
N TYR C 109 -24.70 -7.52 5.06
CA TYR C 109 -25.06 -8.66 5.85
C TYR C 109 -26.02 -8.34 6.94
N LYS C 110 -25.86 -7.23 7.62
CA LYS C 110 -26.80 -6.86 8.64
C LYS C 110 -28.14 -6.44 8.11
N LEU C 111 -28.14 -5.70 7.01
CA LEU C 111 -29.37 -5.35 6.29
C LEU C 111 -30.15 -6.60 5.89
N LEU C 112 -29.43 -7.58 5.36
CA LEU C 112 -30.00 -8.80 4.87
C LEU C 112 -30.60 -9.63 6.00
N ILE C 113 -29.86 -9.82 7.10
CA ILE C 113 -30.30 -10.61 8.24
C ILE C 113 -31.59 -10.03 8.83
N ASP C 114 -31.58 -8.72 9.02
CA ASP C 114 -32.71 -8.00 9.67
C ASP C 114 -33.94 -7.78 8.76
N ASN C 115 -33.80 -8.02 7.46
CA ASN C 115 -34.90 -7.95 6.49
C ASN C 115 -34.98 -9.20 5.61
N VAL C 116 -34.72 -10.36 6.20
CA VAL C 116 -34.54 -11.61 5.44
C VAL C 116 -35.75 -11.99 4.62
N VAL C 117 -36.95 -11.92 5.21
CA VAL C 117 -38.18 -12.28 4.49
C VAL C 117 -38.43 -11.40 3.26
N GLU C 118 -38.35 -10.08 3.44
CA GLU C 118 -38.49 -9.14 2.34
C GLU C 118 -37.37 -9.23 1.28
N LEU C 119 -36.13 -9.49 1.65
CA LEU C 119 -35.03 -9.35 0.66
C LEU C 119 -34.60 -10.64 -0.02
N LEU C 120 -34.93 -11.76 0.59
CA LEU C 120 -34.51 -13.05 0.08
C LEU C 120 -34.89 -13.25 -1.43
N PRO C 121 -36.11 -12.83 -1.86
CA PRO C 121 -36.52 -12.90 -3.24
C PRO C 121 -35.74 -11.98 -4.18
N PHE C 122 -35.12 -10.94 -3.64
CA PHE C 122 -34.27 -10.08 -4.46
C PHE C 122 -32.87 -10.57 -4.54
N VAL C 123 -32.33 -11.07 -3.45
CA VAL C 123 -30.95 -11.52 -3.60
CA VAL C 123 -30.93 -11.63 -3.44
C VAL C 123 -30.68 -13.14 -3.94
N TYR C 124 -31.67 -14.02 -3.72
CA TYR C 124 -31.63 -15.38 -4.09
C TYR C 124 -32.77 -15.40 -5.09
N THR C 125 -33.41 -16.54 -5.35
CA THR C 125 -34.64 -17.12 -6.09
CA THR C 125 -34.61 -17.03 -6.04
C THR C 125 -36.04 -16.30 -5.81
N PRO C 126 -36.53 -15.68 -6.87
CA PRO C 126 -36.26 -15.89 -8.29
C PRO C 126 -35.36 -14.84 -8.97
N THR C 127 -35.25 -13.65 -8.38
CA THR C 127 -34.49 -12.57 -9.04
C THR C 127 -33.05 -12.96 -9.46
N VAL C 128 -32.39 -13.78 -8.68
CA VAL C 128 -31.03 -14.20 -9.00
C VAL C 128 -30.89 -14.96 -10.32
N GLY C 129 -31.87 -15.80 -10.64
CA GLY C 129 -32.01 -16.34 -11.99
C GLY C 129 -32.06 -15.34 -13.12
N GLU C 130 -32.91 -14.36 -13.02
CA GLU C 130 -32.95 -13.23 -13.94
C GLU C 130 -31.63 -12.52 -14.00
N ALA C 131 -30.92 -12.44 -12.88
CA ALA C 131 -29.61 -11.75 -12.91
C ALA C 131 -28.63 -12.59 -13.70
N CYS C 132 -28.63 -13.91 -13.52
CA CYS C 132 -27.72 -14.75 -14.29
C CYS C 132 -28.03 -14.69 -15.81
N GLN C 133 -29.31 -14.57 -16.17
CA GLN C 133 -29.73 -14.45 -17.56
C GLN C 133 -29.17 -13.22 -18.16
N LYS C 134 -29.11 -12.15 -17.37
CA LYS C 134 -28.69 -10.84 -17.85
C LYS C 134 -27.36 -10.36 -17.26
N TYR C 135 -26.52 -11.30 -16.81
CA TYR C 135 -25.37 -10.99 -15.93
C TYR C 135 -24.33 -10.15 -16.65
N GLY C 136 -24.12 -10.43 -17.93
CA GLY C 136 -23.22 -9.62 -18.78
C GLY C 136 -23.69 -8.17 -18.89
N SER C 137 -24.97 -7.97 -19.16
CA SER C 137 -25.51 -6.65 -19.38
C SER C 137 -25.60 -5.78 -18.08
N ILE C 138 -25.47 -6.39 -16.90
CA ILE C 138 -25.53 -5.64 -15.62
C ILE C 138 -24.24 -5.77 -14.81
N PHE C 139 -23.21 -6.36 -15.39
CA PHE C 139 -21.97 -6.58 -14.71
C PHE C 139 -21.38 -5.28 -14.21
N GLY C 140 -21.15 -5.21 -12.90
CA GLY C 140 -20.68 -3.99 -12.24
C GLY C 140 -19.40 -4.31 -11.54
N ARG C 141 -19.48 -4.44 -10.24
CA ARG C 141 -18.28 -4.74 -9.45
C ARG C 141 -18.01 -6.25 -9.46
N PRO C 142 -16.76 -6.64 -9.71
CA PRO C 142 -16.44 -8.10 -9.82
C PRO C 142 -16.74 -8.87 -8.52
N GLN C 143 -17.26 -10.07 -8.61
CA GLN C 143 -17.49 -10.91 -7.42
C GLN C 143 -17.06 -12.31 -7.81
N GLY C 144 -16.42 -13.04 -6.90
CA GLY C 144 -16.07 -14.42 -7.15
C GLY C 144 -14.85 -14.60 -8.04
N LEU C 145 -14.51 -15.85 -8.28
CA LEU C 145 -13.36 -16.24 -9.02
C LEU C 145 -13.82 -17.11 -10.23
N TYR C 146 -13.35 -16.76 -11.41
CA TYR C 146 -13.61 -17.47 -12.64
C TYR C 146 -12.41 -18.32 -13.01
N VAL C 147 -12.65 -19.62 -13.23
CA VAL C 147 -11.63 -20.51 -13.71
C VAL C 147 -12.13 -21.00 -15.05
N SER C 148 -11.32 -20.84 -16.11
CA SER C 148 -11.74 -21.25 -17.45
C SER C 148 -10.89 -22.39 -17.98
N LEU C 149 -11.36 -22.92 -19.10
CA LEU C 149 -10.56 -23.83 -19.91
C LEU C 149 -9.18 -23.32 -20.32
N LYS C 150 -9.06 -22.03 -20.56
CA LYS C 150 -7.75 -21.40 -20.85
C LYS C 150 -6.73 -21.38 -19.69
N ASP C 151 -7.17 -21.73 -18.47
CA ASP C 151 -6.27 -21.84 -17.33
C ASP C 151 -5.86 -23.30 -17.09
N LYS C 152 -6.13 -24.20 -18.04
CA LYS C 152 -5.61 -25.57 -17.98
C LYS C 152 -4.10 -25.59 -17.77
N GLY C 153 -3.64 -26.46 -16.86
CA GLY C 153 -2.26 -26.52 -16.40
C GLY C 153 -1.89 -25.42 -15.42
N LYS C 154 -2.78 -24.46 -15.15
CA LYS C 154 -2.42 -23.37 -14.24
C LYS C 154 -3.59 -22.93 -13.32
N VAL C 155 -4.42 -23.91 -12.97
CA VAL C 155 -5.58 -23.58 -12.17
C VAL C 155 -5.14 -23.05 -10.79
N LEU C 156 -4.15 -23.68 -10.22
CA LEU C 156 -3.66 -23.30 -8.88
C LEU C 156 -3.17 -21.84 -8.84
N GLU C 157 -2.52 -21.38 -9.90
CA GLU C 157 -2.10 -19.98 -10.08
C GLU C 157 -3.23 -18.98 -10.11
N VAL C 158 -4.39 -19.39 -10.58
CA VAL C 158 -5.58 -18.57 -10.46
C VAL C 158 -6.05 -18.51 -9.02
N LEU C 159 -6.06 -19.62 -8.29
CA LEU C 159 -6.54 -19.58 -6.90
C LEU C 159 -5.64 -18.65 -6.07
N ARG C 160 -4.36 -18.64 -6.38
CA ARG C 160 -3.40 -17.75 -5.73
C ARG C 160 -3.69 -16.25 -5.86
N ASN C 161 -4.45 -15.84 -6.87
CA ASN C 161 -4.91 -14.48 -7.00
C ASN C 161 -6.01 -14.00 -6.04
N TRP C 162 -6.69 -14.94 -5.39
CA TRP C 162 -7.76 -14.60 -4.45
C TRP C 162 -7.05 -14.12 -3.15
N PRO C 163 -7.24 -12.84 -2.72
CA PRO C 163 -6.50 -12.29 -1.60
C PRO C 163 -6.91 -12.76 -0.19
N HIS C 164 -7.85 -13.69 -0.04
CA HIS C 164 -8.17 -14.29 1.28
C HIS C 164 -7.62 -15.69 1.26
N ARG C 165 -6.70 -15.92 2.16
CA ARG C 165 -5.92 -17.14 2.15
C ARG C 165 -6.64 -18.35 2.78
N ASN C 166 -7.46 -18.17 3.79
CA ASN C 166 -8.01 -19.36 4.43
C ASN C 166 -9.49 -19.49 4.10
N ILE C 167 -9.69 -20.32 3.09
CA ILE C 167 -10.95 -20.51 2.51
C ILE C 167 -11.48 -21.78 3.16
N GLN C 168 -12.71 -21.74 3.58
CA GLN C 168 -13.31 -22.94 4.23
C GLN C 168 -14.59 -23.40 3.50
N VAL C 169 -15.21 -22.49 2.75
CA VAL C 169 -16.37 -22.81 1.97
C VAL C 169 -16.27 -22.25 0.55
N ILE C 170 -16.32 -23.18 -0.41
CA ILE C 170 -16.43 -22.90 -1.81
C ILE C 170 -17.77 -23.38 -2.27
N CYS C 171 -18.43 -22.53 -3.05
CA CYS C 171 -19.58 -22.87 -3.84
CA CYS C 171 -19.60 -22.87 -3.84
C CYS C 171 -19.22 -22.65 -5.32
N VAL C 172 -19.30 -23.72 -6.11
CA VAL C 172 -18.81 -23.76 -7.47
C VAL C 172 -19.93 -24.21 -8.41
N THR C 173 -19.97 -23.62 -9.59
CA THR C 173 -20.91 -23.95 -10.66
C THR C 173 -20.19 -24.00 -11.99
N ASP C 174 -20.72 -24.78 -12.96
CA ASP C 174 -20.34 -24.58 -14.36
C ASP C 174 -21.42 -23.92 -15.17
N GLY C 175 -22.48 -23.50 -14.50
CA GLY C 175 -23.60 -22.78 -15.13
C GLY C 175 -24.52 -23.52 -16.11
N GLU C 176 -24.43 -24.83 -16.13
CA GLU C 176 -25.15 -25.61 -17.16
C GLU C 176 -26.63 -25.77 -16.88
N ARG C 177 -27.07 -25.69 -15.62
CA ARG C 177 -28.47 -25.84 -15.28
C ARG C 177 -28.85 -24.93 -14.11
N ILE C 178 -29.15 -23.69 -14.43
CA ILE C 178 -29.40 -22.63 -13.47
C ILE C 178 -30.91 -22.64 -13.27
N LEU C 179 -31.36 -23.10 -12.11
CA LEU C 179 -32.80 -23.10 -11.75
C LEU C 179 -33.58 -23.80 -12.88
N GLY C 180 -34.67 -23.21 -13.38
CA GLY C 180 -35.35 -23.74 -14.61
C GLY C 180 -34.96 -23.07 -15.90
N LEU C 181 -33.78 -22.42 -15.93
CA LEU C 181 -33.42 -21.47 -17.00
C LEU C 181 -32.45 -22.04 -18.03
N GLY C 182 -31.99 -23.27 -17.78
CA GLY C 182 -31.01 -23.96 -18.62
C GLY C 182 -29.57 -23.48 -18.46
N ASP C 183 -28.85 -23.52 -19.55
CA ASP C 183 -27.45 -23.32 -19.60
C ASP C 183 -27.21 -21.81 -19.75
N LEU C 184 -26.60 -21.17 -18.76
CA LEU C 184 -26.25 -19.80 -18.86
C LEU C 184 -24.71 -19.59 -18.84
N GLY C 185 -23.93 -20.64 -19.09
CA GLY C 185 -22.48 -20.59 -19.04
C GLY C 185 -21.82 -19.83 -17.87
N CYS C 186 -20.92 -18.94 -18.22
CA CYS C 186 -20.13 -18.21 -17.25
C CYS C 186 -20.96 -17.19 -16.46
N GLN C 187 -22.15 -16.83 -17.00
CA GLN C 187 -23.10 -15.97 -16.30
C GLN C 187 -23.82 -16.67 -15.15
N GLY C 188 -23.59 -17.93 -14.92
CA GLY C 188 -24.05 -18.58 -13.69
C GLY C 188 -23.43 -18.15 -12.36
N MET C 189 -22.38 -17.33 -12.37
CA MET C 189 -21.71 -16.85 -11.15
C MET C 189 -22.65 -16.22 -10.14
N GLY C 190 -23.75 -15.61 -10.59
CA GLY C 190 -24.79 -15.14 -9.69
C GLY C 190 -25.30 -16.19 -8.67
N ILE C 191 -25.34 -17.45 -9.05
CA ILE C 191 -25.74 -18.48 -8.12
C ILE C 191 -24.77 -18.70 -6.95
N PRO C 192 -23.51 -19.01 -7.19
CA PRO C 192 -22.71 -19.22 -5.99
C PRO C 192 -22.49 -17.93 -5.18
N VAL C 193 -22.53 -16.77 -5.82
CA VAL C 193 -22.44 -15.54 -5.08
C VAL C 193 -23.61 -15.41 -4.14
N GLY C 194 -24.81 -15.68 -4.61
CA GLY C 194 -25.99 -15.67 -3.77
C GLY C 194 -26.02 -16.71 -2.68
N LYS C 195 -25.64 -17.93 -3.00
CA LYS C 195 -25.61 -19.01 -2.00
C LYS C 195 -24.73 -18.65 -0.81
N LEU C 196 -23.51 -18.21 -1.11
CA LEU C 196 -22.56 -17.85 -0.08
C LEU C 196 -23.04 -16.69 0.80
N ALA C 197 -23.77 -15.72 0.21
CA ALA C 197 -24.40 -14.68 1.01
C ALA C 197 -25.33 -15.21 2.01
N LEU C 198 -26.12 -16.22 1.60
CA LEU C 198 -26.96 -16.96 2.51
C LEU C 198 -26.21 -17.79 3.54
N TYR C 199 -25.08 -18.43 3.18
CA TYR C 199 -24.27 -19.11 4.14
C TYR C 199 -23.83 -18.13 5.26
N THR C 200 -23.55 -16.88 4.92
CA THR C 200 -23.17 -15.84 5.89
C THR C 200 -24.35 -15.35 6.67
N ALA C 201 -25.42 -14.94 5.98
CA ALA C 201 -26.50 -14.31 6.63
C ALA C 201 -27.38 -15.28 7.44
N LEU C 202 -27.73 -16.43 6.82
CA LEU C 202 -28.57 -17.43 7.45
C LEU C 202 -27.76 -18.40 8.31
N GLY C 203 -26.53 -18.68 7.93
CA GLY C 203 -25.72 -19.71 8.58
C GLY C 203 -24.65 -19.22 9.52
N GLY C 204 -24.33 -17.94 9.43
CA GLY C 204 -23.21 -17.39 10.17
C GLY C 204 -21.85 -17.83 9.72
N VAL C 205 -21.69 -18.28 8.49
CA VAL C 205 -20.33 -18.45 8.01
C VAL C 205 -19.68 -17.07 7.72
N ASP C 206 -18.47 -16.86 8.20
CA ASP C 206 -17.72 -15.66 7.99
C ASP C 206 -17.52 -15.46 6.47
N PRO C 207 -17.95 -14.32 5.94
CA PRO C 207 -17.81 -14.15 4.48
C PRO C 207 -16.37 -14.21 3.95
N SER C 208 -15.38 -13.89 4.79
CA SER C 208 -13.99 -13.92 4.38
C SER C 208 -13.46 -15.31 4.09
N VAL C 209 -14.12 -16.31 4.66
CA VAL C 209 -13.72 -17.68 4.34
C VAL C 209 -14.53 -18.34 3.21
N CYS C 210 -15.33 -17.58 2.48
CA CYS C 210 -16.22 -18.05 1.42
C CYS C 210 -15.71 -17.64 0.08
N LEU C 211 -15.73 -18.56 -0.88
CA LEU C 211 -15.18 -18.34 -2.21
C LEU C 211 -16.17 -18.81 -3.27
N PRO C 212 -16.82 -17.88 -3.97
CA PRO C 212 -17.68 -18.30 -5.07
C PRO C 212 -16.86 -18.52 -6.32
N ILE C 213 -17.08 -19.65 -6.98
CA ILE C 213 -16.31 -20.03 -8.17
C ILE C 213 -17.20 -20.40 -9.28
N THR C 214 -16.92 -19.84 -10.47
CA THR C 214 -17.54 -20.30 -11.72
C THR C 214 -16.47 -20.91 -12.60
N ILE C 215 -16.73 -22.14 -13.05
CA ILE C 215 -15.84 -22.84 -13.97
C ILE C 215 -16.42 -22.70 -15.37
N ASP C 216 -15.67 -22.04 -16.24
CA ASP C 216 -16.15 -21.74 -17.55
C ASP C 216 -15.54 -22.71 -18.55
N VAL C 217 -16.39 -23.60 -19.07
CA VAL C 217 -15.98 -24.53 -20.10
C VAL C 217 -16.75 -24.36 -21.39
N GLY C 218 -17.34 -23.21 -21.57
CA GLY C 218 -18.21 -22.91 -22.69
C GLY C 218 -19.68 -22.92 -22.34
N THR C 219 -20.52 -22.67 -23.33
CA THR C 219 -21.97 -22.70 -23.18
C THR C 219 -22.63 -23.25 -24.47
N ASN C 220 -23.75 -23.96 -24.31
CA ASN C 220 -24.56 -24.37 -25.47
C ASN C 220 -25.71 -23.45 -25.72
N ASN C 221 -25.70 -22.28 -25.09
CA ASN C 221 -26.79 -21.35 -25.23
C ASN C 221 -26.34 -20.44 -26.35
N GLU C 222 -26.96 -20.65 -27.51
CA GLU C 222 -26.74 -19.93 -28.77
C GLU C 222 -26.99 -18.45 -28.63
N LYS C 223 -28.02 -18.04 -27.88
CA LYS C 223 -28.26 -16.63 -27.61
C LYS C 223 -27.03 -15.98 -26.96
N LEU C 224 -26.46 -16.65 -25.97
CA LEU C 224 -25.30 -16.11 -25.23
C LEU C 224 -24.06 -16.14 -26.09
N LEU C 225 -23.89 -17.18 -26.87
CA LEU C 225 -22.78 -17.20 -27.83
C LEU C 225 -22.83 -16.06 -28.86
N ASN C 226 -24.00 -15.51 -29.18
CA ASN C 226 -24.07 -14.36 -30.08
C ASN C 226 -24.19 -12.98 -29.37
N ASP C 227 -24.35 -12.99 -28.04
CA ASP C 227 -24.53 -11.75 -27.29
C ASP C 227 -23.18 -11.05 -27.13
N GLU C 228 -23.10 -9.83 -27.60
CA GLU C 228 -21.90 -9.00 -27.48
C GLU C 228 -21.48 -8.78 -25.98
N PHE C 229 -22.42 -8.80 -25.05
CA PHE C 229 -22.14 -8.68 -23.59
C PHE C 229 -21.86 -9.99 -22.79
N TYR C 230 -21.81 -11.14 -23.45
CA TYR C 230 -21.59 -12.40 -22.76
C TYR C 230 -20.17 -12.37 -22.21
N ILE C 231 -19.99 -12.79 -20.96
CA ILE C 231 -18.69 -12.62 -20.28
C ILE C 231 -17.81 -13.85 -20.34
N GLY C 232 -18.29 -14.95 -20.89
CA GLY C 232 -17.53 -16.21 -20.83
C GLY C 232 -16.79 -16.49 -22.13
N LEU C 233 -16.20 -17.67 -22.21
CA LEU C 233 -15.55 -18.13 -23.42
C LEU C 233 -16.62 -18.38 -24.47
N ARG C 234 -16.38 -17.88 -25.69
CA ARG C 234 -17.32 -17.88 -26.79
C ARG C 234 -17.18 -19.20 -27.60
N GLN C 235 -17.63 -20.29 -26.99
CA GLN C 235 -17.48 -21.61 -27.54
C GLN C 235 -18.48 -22.53 -26.87
N LYS C 236 -18.76 -23.66 -27.50
CA LYS C 236 -19.69 -24.68 -26.99
C LYS C 236 -19.02 -25.46 -25.87
N ARG C 237 -19.80 -26.03 -24.98
CA ARG C 237 -19.22 -26.70 -23.80
C ARG C 237 -18.34 -27.78 -24.21
N ALA C 238 -17.18 -27.80 -23.56
CA ALA C 238 -16.33 -28.99 -23.48
C ALA C 238 -17.02 -30.14 -22.75
N THR C 239 -16.76 -31.35 -23.20
CA THR C 239 -17.38 -32.60 -22.66
C THR C 239 -16.31 -33.68 -22.62
N GLY C 240 -16.65 -34.83 -22.06
CA GLY C 240 -15.74 -35.93 -21.98
C GLY C 240 -14.45 -35.56 -21.27
N GLU C 241 -13.34 -35.94 -21.86
CA GLU C 241 -12.07 -35.99 -21.20
C GLU C 241 -11.54 -34.58 -20.87
N GLU C 242 -11.77 -33.65 -21.78
CA GLU C 242 -11.28 -32.28 -21.63
C GLU C 242 -11.92 -31.65 -20.36
N TYR C 243 -13.17 -32.00 -20.16
CA TYR C 243 -13.97 -31.46 -19.10
C TYR C 243 -13.50 -32.13 -17.83
N ASP C 244 -13.37 -33.45 -17.87
CA ASP C 244 -13.04 -34.20 -16.65
C ASP C 244 -11.68 -33.77 -16.12
N GLU C 245 -10.74 -33.58 -17.04
CA GLU C 245 -9.37 -33.19 -16.65
C GLU C 245 -9.28 -31.80 -15.97
N LEU C 246 -10.04 -30.83 -16.47
CA LEU C 246 -10.07 -29.51 -15.90
C LEU C 246 -10.67 -29.60 -14.50
N ILE C 247 -11.78 -30.30 -14.38
CA ILE C 247 -12.40 -30.49 -13.08
C ILE C 247 -11.45 -31.16 -12.14
N GLU C 248 -10.80 -32.24 -12.55
CA GLU C 248 -9.80 -32.91 -11.71
C GLU C 248 -8.66 -31.96 -11.28
N GLU C 249 -8.17 -31.13 -12.20
CA GLU C 249 -7.10 -30.18 -11.85
C GLU C 249 -7.62 -29.19 -10.79
N PHE C 250 -8.85 -28.74 -10.96
CA PHE C 250 -9.49 -27.81 -10.00
C PHE C 250 -9.58 -28.43 -8.61
N MET C 251 -10.13 -29.65 -8.53
CA MET C 251 -10.28 -30.38 -7.25
C MET C 251 -8.97 -30.71 -6.56
N SER C 252 -7.95 -31.05 -7.34
CA SER C 252 -6.63 -31.31 -6.79
C SER C 252 -5.93 -29.97 -6.35
N ALA C 253 -6.14 -28.89 -7.07
CA ALA C 253 -5.58 -27.59 -6.68
C ALA C 253 -6.26 -27.04 -5.41
N VAL C 254 -7.57 -27.17 -5.34
CA VAL C 254 -8.32 -26.82 -4.13
C VAL C 254 -7.76 -27.54 -2.89
N LYS C 255 -7.47 -28.83 -3.02
CA LYS C 255 -6.97 -29.60 -1.89
C LYS C 255 -5.56 -29.17 -1.49
N GLN C 256 -4.70 -28.99 -2.48
CA GLN C 256 -3.33 -28.55 -2.22
C GLN C 256 -3.21 -27.14 -1.57
N PHE C 257 -4.02 -26.20 -2.03
CA PHE C 257 -3.97 -24.84 -1.53
C PHE C 257 -4.78 -24.65 -0.23
N TYR C 258 -5.94 -25.29 -0.07
CA TYR C 258 -6.79 -24.99 1.12
C TYR C 258 -6.92 -26.15 2.11
N GLY C 259 -6.29 -27.28 1.82
CA GLY C 259 -6.24 -28.45 2.70
C GLY C 259 -7.43 -29.39 2.61
N GLU C 260 -7.49 -30.35 3.52
CA GLU C 260 -8.47 -31.47 3.47
C GLU C 260 -9.88 -31.07 3.97
N LYS C 261 -9.99 -29.99 4.72
CA LYS C 261 -11.22 -29.60 5.40
C LYS C 261 -12.10 -28.61 4.66
N VAL C 262 -11.65 -28.10 3.53
CA VAL C 262 -12.48 -27.15 2.81
C VAL C 262 -13.75 -27.83 2.25
N LEU C 263 -14.88 -27.21 2.44
CA LEU C 263 -16.13 -27.66 1.88
C LEU C 263 -16.31 -27.20 0.43
N ILE C 264 -16.60 -28.12 -0.48
CA ILE C 264 -16.86 -27.75 -1.86
C ILE C 264 -18.31 -28.09 -2.12
N GLN C 265 -19.12 -27.04 -2.30
CA GLN C 265 -20.52 -27.18 -2.63
C GLN C 265 -20.74 -26.99 -4.14
N PHE C 266 -21.26 -28.04 -4.77
CA PHE C 266 -21.55 -28.05 -6.18
C PHE C 266 -22.95 -27.57 -6.38
N GLU C 267 -23.13 -26.64 -7.31
CA GLU C 267 -24.41 -25.98 -7.55
C GLU C 267 -24.69 -25.90 -9.04
N ASP C 268 -25.88 -26.28 -9.45
CA ASP C 268 -26.36 -26.04 -10.81
C ASP C 268 -25.49 -26.65 -11.93
N PHE C 269 -24.93 -27.78 -11.65
CA PHE C 269 -24.46 -28.67 -12.71
C PHE C 269 -25.63 -29.42 -13.32
N ALA C 270 -25.53 -29.76 -14.60
CA ALA C 270 -26.45 -30.75 -15.24
C ALA C 270 -26.48 -32.07 -14.48
N ASN C 271 -27.58 -32.81 -14.61
CA ASN C 271 -27.97 -33.88 -13.68
C ASN C 271 -27.02 -35.05 -13.60
N HIS C 272 -26.65 -35.54 -14.79
CA HIS C 272 -25.81 -36.72 -14.92
C HIS C 272 -24.46 -36.34 -14.37
N ASN C 273 -23.92 -35.21 -14.86
CA ASN C 273 -22.72 -34.60 -14.27
C ASN C 273 -22.71 -34.42 -12.72
N ALA C 274 -23.77 -33.84 -12.21
CA ALA C 274 -23.90 -33.61 -10.76
C ALA C 274 -23.70 -34.88 -9.96
N PHE C 275 -24.32 -35.97 -10.40
CA PHE C 275 -24.11 -37.29 -9.74
C PHE C 275 -22.76 -37.93 -9.87
N ASP C 276 -22.14 -37.81 -11.04
CA ASP C 276 -20.81 -38.31 -11.28
C ASP C 276 -19.79 -37.54 -10.43
N LEU C 277 -19.95 -36.21 -10.31
CA LEU C 277 -18.96 -35.44 -9.50
C LEU C 277 -19.07 -35.83 -8.05
N LEU C 278 -20.30 -35.98 -7.61
CA LEU C 278 -20.57 -36.34 -6.26
C LEU C 278 -20.00 -37.74 -5.99
N GLU C 279 -20.11 -38.68 -6.94
CA GLU C 279 -19.56 -40.01 -6.70
C GLU C 279 -18.04 -40.07 -6.85
N LYS C 280 -17.46 -39.32 -7.75
CA LYS C 280 -16.01 -39.31 -7.86
C LYS C 280 -15.38 -38.66 -6.59
N TYR C 281 -15.91 -37.53 -6.14
CA TYR C 281 -15.18 -36.68 -5.20
C TYR C 281 -15.56 -36.83 -3.73
N SER C 282 -16.68 -37.50 -3.43
CA SER C 282 -17.05 -37.88 -2.05
C SER C 282 -16.09 -38.79 -1.37
N LYS C 283 -15.26 -39.50 -2.12
CA LYS C 283 -14.23 -40.39 -1.56
C LYS C 283 -12.99 -39.60 -1.10
N SER C 284 -12.75 -38.47 -1.73
CA SER C 284 -11.47 -37.76 -1.60
C SER C 284 -11.54 -36.35 -0.96
N HIS C 285 -12.73 -35.74 -0.93
CA HIS C 285 -12.92 -34.40 -0.45
C HIS C 285 -14.19 -34.29 0.38
N LEU C 286 -14.32 -33.16 1.06
CA LEU C 286 -15.56 -32.79 1.67
C LEU C 286 -16.45 -32.08 0.63
N VAL C 287 -17.50 -32.76 0.18
CA VAL C 287 -18.36 -32.25 -0.84
C VAL C 287 -19.82 -32.44 -0.58
N PHE C 288 -20.61 -31.62 -1.22
CA PHE C 288 -22.02 -31.58 -0.95
C PHE C 288 -22.61 -31.00 -2.21
N ASN C 289 -23.72 -31.56 -2.66
CA ASN C 289 -24.47 -30.96 -3.71
C ASN C 289 -25.79 -30.51 -3.21
N ASP C 290 -26.04 -29.23 -3.27
CA ASP C 290 -27.25 -28.73 -2.72
C ASP C 290 -28.55 -29.25 -3.40
N ASP C 291 -28.55 -29.35 -4.72
CA ASP C 291 -29.74 -29.70 -5.47
C ASP C 291 -30.19 -31.15 -5.22
N ILE C 292 -29.22 -32.04 -4.96
CA ILE C 292 -29.48 -33.46 -4.69
C ILE C 292 -29.61 -33.73 -3.19
N GLN C 293 -28.56 -33.45 -2.41
CA GLN C 293 -28.53 -33.78 -1.01
C GLN C 293 -29.35 -32.85 -0.16
N GLY C 294 -29.25 -31.57 -0.44
CA GLY C 294 -30.00 -30.53 0.28
C GLY C 294 -31.47 -30.67 0.11
N THR C 295 -31.91 -30.87 -1.12
CA THR C 295 -33.33 -31.03 -1.39
C THR C 295 -33.93 -32.29 -0.72
N ALA C 296 -33.21 -33.40 -0.85
CA ALA C 296 -33.60 -34.63 -0.16
C ALA C 296 -33.85 -34.39 1.33
N SER C 297 -32.93 -33.69 1.96
CA SER C 297 -32.97 -33.40 3.38
C SER C 297 -34.07 -32.45 3.76
N VAL C 298 -34.28 -31.41 2.97
CA VAL C 298 -35.41 -30.52 3.30
C VAL C 298 -36.77 -31.22 3.11
N VAL C 299 -36.94 -32.00 2.05
CA VAL C 299 -38.17 -32.77 1.87
C VAL C 299 -38.40 -33.73 3.04
N LEU C 300 -37.36 -34.45 3.44
CA LEU C 300 -37.49 -35.35 4.59
C LEU C 300 -37.92 -34.60 5.84
N ALA C 301 -37.31 -33.44 6.11
CA ALA C 301 -37.72 -32.58 7.24
C ALA C 301 -39.19 -32.26 7.17
N GLY C 302 -39.66 -31.97 5.96
CA GLY C 302 -41.06 -31.67 5.74
C GLY C 302 -41.98 -32.85 6.04
N LEU C 303 -41.59 -34.02 5.62
CA LEU C 303 -42.40 -35.18 5.98
C LEU C 303 -42.40 -35.36 7.46
N LEU C 304 -41.24 -35.23 8.09
CA LEU C 304 -41.20 -35.41 9.53
C LEU C 304 -42.09 -34.37 10.25
N ALA C 305 -42.06 -33.12 9.82
CA ALA C 305 -42.97 -32.12 10.44
C ALA C 305 -44.45 -32.45 10.18
N ALA C 306 -44.76 -32.93 8.97
CA ALA C 306 -46.13 -33.15 8.58
C ALA C 306 -46.71 -34.26 9.46
N LEU C 307 -45.95 -35.33 9.62
CA LEU C 307 -46.37 -36.43 10.47
C LEU C 307 -46.52 -36.09 11.93
N LYS C 308 -45.72 -35.17 12.42
CA LYS C 308 -45.90 -34.69 13.77
C LYS C 308 -47.23 -33.90 13.83
N MET C 309 -47.55 -33.17 12.77
CA MET C 309 -48.83 -32.43 12.71
C MET C 309 -50.07 -33.34 12.71
N VAL C 310 -50.02 -34.45 11.98
CA VAL C 310 -51.21 -35.28 11.82
C VAL C 310 -51.15 -36.67 12.45
N GLY C 311 -50.07 -36.99 13.16
CA GLY C 311 -49.87 -38.32 13.72
C GLY C 311 -49.30 -39.26 12.68
N GLY C 312 -48.80 -40.39 13.15
CA GLY C 312 -48.20 -41.40 12.27
C GLY C 312 -46.67 -41.38 12.26
N THR C 313 -46.11 -42.51 11.84
CA THR C 313 -44.68 -42.70 11.70
C THR C 313 -44.35 -42.75 10.21
N LEU C 314 -43.11 -42.46 9.92
CA LEU C 314 -42.61 -42.47 8.56
C LEU C 314 -42.81 -43.86 7.95
N ALA C 315 -42.54 -44.89 8.76
CA ALA C 315 -42.70 -46.33 8.36
C ALA C 315 -44.09 -46.77 7.95
N GLU C 316 -45.11 -46.20 8.57
CA GLU C 316 -46.51 -46.52 8.27
C GLU C 316 -47.03 -45.87 6.97
N GLN C 317 -46.25 -45.02 6.32
CA GLN C 317 -46.80 -44.33 5.17
C GLN C 317 -46.57 -45.14 3.93
N THR C 318 -47.34 -44.82 2.90
CA THR C 318 -47.09 -45.26 1.54
C THR C 318 -46.86 -43.99 0.66
N TYR C 319 -45.82 -44.00 -0.15
CA TYR C 319 -45.31 -42.81 -0.79
C TYR C 319 -45.38 -43.02 -2.26
N LEU C 320 -45.83 -42.00 -2.97
CA LEU C 320 -45.96 -42.03 -4.43
C LEU C 320 -45.36 -40.74 -5.01
N PHE C 321 -44.35 -40.90 -5.85
CA PHE C 321 -43.64 -39.78 -6.45
C PHE C 321 -44.08 -39.71 -7.88
N LEU C 322 -44.38 -38.51 -8.37
CA LEU C 322 -44.52 -38.30 -9.82
C LEU C 322 -43.24 -37.66 -10.24
N GLY C 323 -42.44 -38.41 -11.01
CA GLY C 323 -41.12 -37.92 -11.45
C GLY C 323 -40.13 -38.92 -10.91
N ALA C 324 -39.35 -39.55 -11.78
CA ALA C 324 -38.38 -40.55 -11.34
C ALA C 324 -37.00 -40.22 -11.92
N GLY C 325 -36.69 -38.91 -11.93
CA GLY C 325 -35.33 -38.39 -12.18
C GLY C 325 -34.39 -38.88 -11.11
N GLU C 326 -33.10 -38.88 -11.42
CA GLU C 326 -32.04 -39.26 -10.52
C GLU C 326 -32.11 -38.39 -9.23
N ALA C 327 -32.40 -37.12 -9.35
CA ALA C 327 -32.58 -36.25 -8.15
C ALA C 327 -33.75 -36.69 -7.28
N GLY C 328 -34.87 -37.03 -7.92
CA GLY C 328 -36.08 -37.54 -7.25
C GLY C 328 -35.91 -38.89 -6.52
N THR C 329 -35.20 -39.82 -7.16
CA THR C 329 -34.85 -41.06 -6.49
C THR C 329 -33.96 -40.87 -5.25
N GLY C 330 -33.11 -39.85 -5.22
CA GLY C 330 -32.39 -39.49 -4.01
C GLY C 330 -33.27 -39.01 -2.86
N ILE C 331 -34.35 -38.29 -3.15
CA ILE C 331 -35.34 -38.01 -2.10
C ILE C 331 -35.93 -39.32 -1.52
N ALA C 332 -36.39 -40.18 -2.42
CA ALA C 332 -36.89 -41.47 -2.06
C ALA C 332 -35.90 -42.24 -1.20
N GLU C 333 -34.63 -42.28 -1.64
CA GLU C 333 -33.61 -43.06 -0.95
C GLU C 333 -33.41 -42.52 0.46
N LEU C 334 -33.51 -41.21 0.65
CA LEU C 334 -33.34 -40.65 2.02
C LEU C 334 -34.54 -40.94 2.94
N ILE C 335 -35.74 -40.90 2.38
CA ILE C 335 -36.92 -41.37 3.11
C ILE C 335 -36.73 -42.83 3.50
N ALA C 336 -36.30 -43.67 2.56
CA ALA C 336 -36.07 -45.05 2.90
C ALA C 336 -35.01 -45.29 3.93
N LEU C 337 -33.91 -44.52 3.85
CA LEU C 337 -32.85 -44.66 4.81
C LEU C 337 -33.37 -44.26 6.19
N GLU C 338 -34.16 -43.20 6.28
CA GLU C 338 -34.63 -42.81 7.62
C GLU C 338 -35.61 -43.85 8.17
N ILE C 339 -36.42 -44.48 7.30
CA ILE C 339 -37.34 -45.53 7.72
C ILE C 339 -36.49 -46.70 8.29
N SER C 340 -35.41 -47.07 7.60
CA SER C 340 -34.42 -48.01 8.06
C SER C 340 -33.93 -47.71 9.48
N LYS C 341 -33.63 -46.45 9.81
CA LYS C 341 -33.10 -46.12 11.15
C LYS C 341 -34.19 -46.28 12.23
N GLN C 342 -35.42 -45.88 11.93
CA GLN C 342 -36.46 -45.89 12.94
C GLN C 342 -36.98 -47.31 13.21
N THR C 343 -36.73 -48.20 12.26
CA THR C 343 -37.32 -49.53 12.19
C THR C 343 -36.27 -50.65 12.48
N ASN C 344 -34.98 -50.40 12.25
CA ASN C 344 -33.95 -51.45 12.22
C ASN C 344 -34.10 -52.52 11.14
N ALA C 345 -34.88 -52.22 10.10
CA ALA C 345 -35.09 -53.16 8.99
C ALA C 345 -34.10 -52.82 7.89
N PRO C 346 -33.74 -53.80 7.08
CA PRO C 346 -32.85 -53.46 5.98
C PRO C 346 -33.54 -52.52 5.00
N ILE C 347 -32.71 -51.74 4.32
CA ILE C 347 -33.18 -50.65 3.50
C ILE C 347 -33.98 -51.20 2.33
N GLU C 348 -33.62 -52.41 1.83
CA GLU C 348 -34.37 -53.09 0.75
C GLU C 348 -35.84 -53.35 1.14
N GLU C 349 -36.10 -53.67 2.40
CA GLU C 349 -37.46 -53.76 2.92
C GLU C 349 -38.15 -52.41 3.00
N CYS C 350 -37.41 -51.35 3.35
CA CYS C 350 -38.01 -50.03 3.53
C CYS C 350 -38.32 -49.29 2.25
N ARG C 351 -37.66 -49.63 1.15
CA ARG C 351 -38.02 -49.07 -0.14
C ARG C 351 -39.38 -49.55 -0.70
N LYS C 352 -39.92 -50.63 -0.17
CA LYS C 352 -41.09 -51.31 -0.76
C LYS C 352 -42.42 -50.55 -0.62
N LYS C 353 -42.47 -49.55 0.25
CA LYS C 353 -43.68 -48.70 0.26
C LYS C 353 -43.43 -47.32 -0.36
N VAL C 354 -42.40 -47.26 -1.23
CA VAL C 354 -42.04 -46.04 -1.95
C VAL C 354 -42.15 -46.45 -3.39
N TRP C 355 -43.00 -45.74 -4.11
CA TRP C 355 -43.28 -45.98 -5.53
C TRP C 355 -43.03 -44.74 -6.34
N LEU C 356 -42.62 -44.94 -7.59
CA LEU C 356 -42.36 -43.84 -8.47
C LEU C 356 -43.03 -44.06 -9.82
N VAL C 357 -43.57 -42.96 -10.35
CA VAL C 357 -44.05 -42.91 -11.72
C VAL C 357 -43.27 -41.95 -12.62
N ASP C 358 -43.07 -42.47 -13.81
CA ASP C 358 -42.18 -42.03 -14.90
C ASP C 358 -43.10 -41.52 -15.97
N SER C 359 -42.56 -41.04 -17.08
CA SER C 359 -43.34 -40.82 -18.36
C SER C 359 -44.15 -42.06 -18.87
N LYS C 360 -43.57 -43.23 -18.70
CA LYS C 360 -44.18 -44.49 -19.06
C LYS C 360 -45.11 -45.12 -18.02
N GLY C 361 -45.18 -44.55 -16.84
CA GLY C 361 -46.07 -45.10 -15.83
C GLY C 361 -45.32 -45.56 -14.61
N LEU C 362 -45.99 -46.38 -13.83
CA LEU C 362 -45.47 -46.84 -12.60
C LEU C 362 -44.19 -47.66 -12.88
N ILE C 363 -43.14 -47.37 -12.14
CA ILE C 363 -41.92 -48.19 -12.16
C ILE C 363 -42.13 -49.50 -11.38
N VAL C 364 -42.07 -50.61 -12.11
CA VAL C 364 -42.45 -51.94 -11.63
C VAL C 364 -41.40 -52.95 -12.13
N ASP C 365 -41.37 -54.07 -11.44
CA ASP C 365 -40.36 -55.15 -11.69
C ASP C 365 -40.26 -55.62 -13.16
N SER C 366 -41.39 -55.75 -13.84
CA SER C 366 -41.45 -56.26 -15.23
C SER C 366 -40.88 -55.30 -16.28
N ARG C 367 -40.60 -54.07 -15.87
CA ARG C 367 -39.87 -53.12 -16.71
C ARG C 367 -38.35 -53.14 -16.52
N LYS C 368 -37.84 -53.96 -15.60
CA LYS C 368 -36.42 -53.91 -15.16
C LYS C 368 -35.43 -53.90 -16.31
N GLY C 369 -35.68 -54.72 -17.31
CA GLY C 369 -34.86 -54.77 -18.52
C GLY C 369 -34.69 -53.46 -19.30
N SER C 370 -35.66 -52.55 -19.25
CA SER C 370 -35.61 -51.29 -20.02
C SER C 370 -35.56 -50.04 -19.17
N LEU C 371 -35.04 -50.19 -17.97
CA LEU C 371 -35.01 -49.14 -16.93
C LEU C 371 -33.57 -48.66 -16.80
N GLN C 372 -33.33 -47.35 -16.75
CA GLN C 372 -31.98 -46.88 -16.35
C GLN C 372 -31.66 -47.46 -14.95
N PRO C 373 -30.38 -47.69 -14.64
CA PRO C 373 -30.08 -48.43 -13.41
C PRO C 373 -30.54 -47.78 -12.09
N PHE C 374 -30.52 -46.46 -12.01
CA PHE C 374 -30.89 -45.81 -10.76
C PHE C 374 -32.41 -46.02 -10.39
N LYS C 375 -33.21 -46.50 -11.33
CA LYS C 375 -34.63 -46.71 -11.08
C LYS C 375 -34.89 -48.09 -10.54
N LYS C 376 -33.96 -49.00 -10.76
CA LYS C 376 -34.19 -50.43 -10.49
C LYS C 376 -34.47 -50.75 -9.03
N PRO C 377 -33.85 -50.00 -8.09
CA PRO C 377 -34.16 -50.26 -6.72
C PRO C 377 -35.61 -50.01 -6.32
N TRP C 378 -36.37 -49.23 -7.10
CA TRP C 378 -37.74 -48.88 -6.84
C TRP C 378 -38.72 -49.72 -7.63
N ALA C 379 -38.21 -50.62 -8.47
CA ALA C 379 -39.06 -51.39 -9.37
C ALA C 379 -39.63 -52.65 -8.70
N HIS C 380 -40.68 -52.46 -7.90
CA HIS C 380 -41.26 -53.50 -7.08
C HIS C 380 -42.21 -54.30 -7.93
N GLU C 381 -42.59 -55.47 -7.40
CA GLU C 381 -43.61 -56.33 -8.04
C GLU C 381 -45.00 -55.66 -8.06
N HIS C 382 -45.53 -55.42 -9.25
CA HIS C 382 -46.89 -54.89 -9.37
C HIS C 382 -47.31 -54.98 -10.78
N GLU C 383 -48.62 -55.05 -11.00
CA GLU C 383 -49.17 -54.85 -12.34
C GLU C 383 -48.73 -53.50 -12.91
N PRO C 384 -48.40 -53.46 -14.23
CA PRO C 384 -48.12 -52.17 -14.87
C PRO C 384 -49.33 -51.24 -14.82
N LEU C 385 -49.05 -49.96 -14.62
CA LEU C 385 -50.05 -48.90 -14.67
C LEU C 385 -49.39 -47.85 -15.50
N LYS C 386 -50.18 -47.35 -16.44
CA LYS C 386 -49.75 -46.41 -17.45
C LYS C 386 -49.79 -44.94 -16.91
N THR C 387 -50.66 -44.63 -15.94
CA THR C 387 -50.92 -43.20 -15.57
C THR C 387 -50.76 -42.96 -14.10
N LEU C 388 -50.48 -41.69 -13.79
CA LEU C 388 -50.56 -41.26 -12.40
C LEU C 388 -51.88 -41.55 -11.68
N TYR C 389 -53.01 -41.32 -12.35
CA TYR C 389 -54.34 -41.50 -11.72
C TYR C 389 -54.56 -42.95 -11.38
N ASP C 390 -54.23 -43.83 -12.32
CA ASP C 390 -54.37 -45.24 -12.00
C ASP C 390 -53.41 -45.64 -10.88
N ALA C 391 -52.18 -45.09 -10.88
CA ALA C 391 -51.28 -45.40 -9.77
C ALA C 391 -51.81 -44.92 -8.46
N VAL C 392 -52.42 -43.74 -8.43
CA VAL C 392 -52.96 -43.21 -7.17
C VAL C 392 -54.09 -44.04 -6.64
N GLN C 393 -54.99 -44.49 -7.52
CA GLN C 393 -56.13 -45.37 -7.09
C GLN C 393 -55.73 -46.82 -6.67
N SER C 394 -54.70 -47.35 -7.33
CA SER C 394 -54.25 -48.71 -7.02
C SER C 394 -53.45 -48.74 -5.70
N ILE C 395 -52.43 -47.89 -5.63
CA ILE C 395 -51.51 -47.91 -4.51
C ILE C 395 -52.08 -47.26 -3.26
N LYS C 396 -52.92 -46.25 -3.45
CA LYS C 396 -53.47 -45.48 -2.35
C LYS C 396 -52.39 -44.89 -1.41
N PRO C 397 -51.54 -44.04 -1.95
CA PRO C 397 -50.53 -43.46 -1.08
C PRO C 397 -51.14 -42.55 0.02
N THR C 398 -50.41 -42.38 1.12
CA THR C 398 -50.71 -41.36 2.12
C THR C 398 -49.97 -40.10 1.83
N VAL C 399 -48.89 -40.23 1.05
CA VAL C 399 -48.03 -39.12 0.73
C VAL C 399 -47.78 -39.12 -0.78
N LEU C 400 -48.03 -37.97 -1.40
CA LEU C 400 -47.82 -37.79 -2.85
C LEU C 400 -46.84 -36.67 -3.10
N ILE C 401 -45.81 -36.93 -3.89
CA ILE C 401 -44.72 -35.94 -4.04
C ILE C 401 -44.43 -35.71 -5.50
N GLY C 402 -44.49 -34.46 -5.90
CA GLY C 402 -44.27 -34.11 -7.31
C GLY C 402 -42.88 -33.55 -7.54
N THR C 403 -42.10 -34.19 -8.39
CA THR C 403 -40.79 -33.65 -8.83
C THR C 403 -40.66 -33.68 -10.38
N SER C 404 -41.78 -33.73 -11.10
CA SER C 404 -41.77 -34.08 -12.51
C SER C 404 -41.31 -32.94 -13.42
N GLY C 405 -41.26 -31.71 -12.88
CA GLY C 405 -41.15 -30.50 -13.70
C GLY C 405 -42.37 -30.15 -14.60
N VAL C 406 -43.48 -30.87 -14.56
CA VAL C 406 -44.66 -30.50 -15.37
C VAL C 406 -45.80 -29.98 -14.50
N GLY C 407 -46.13 -28.72 -14.73
CA GLY C 407 -47.26 -28.10 -14.08
C GLY C 407 -48.60 -28.77 -14.28
N ARG C 408 -49.39 -28.72 -13.21
CA ARG C 408 -50.81 -29.03 -13.21
C ARG C 408 -51.09 -30.52 -13.41
N THR C 409 -50.09 -31.34 -13.08
CA THR C 409 -50.25 -32.77 -13.15
C THR C 409 -50.98 -33.31 -11.95
N PHE C 410 -51.03 -32.56 -10.84
CA PHE C 410 -51.92 -32.95 -9.76
C PHE C 410 -53.25 -32.25 -10.03
N THR C 411 -54.12 -32.96 -10.72
CA THR C 411 -55.42 -32.48 -11.12
C THR C 411 -56.38 -32.61 -9.99
N LYS C 412 -57.55 -32.06 -10.25
CA LYS C 412 -58.67 -32.15 -9.32
C LYS C 412 -59.05 -33.62 -9.03
N GLU C 413 -59.03 -34.43 -10.06
CA GLU C 413 -59.30 -35.86 -9.89
C GLU C 413 -58.30 -36.50 -8.94
N ILE C 414 -57.03 -36.12 -9.09
CA ILE C 414 -55.93 -36.66 -8.24
C ILE C 414 -56.05 -36.24 -6.78
N ILE C 415 -56.29 -34.95 -6.57
CA ILE C 415 -56.38 -34.39 -5.20
C ILE C 415 -57.59 -34.99 -4.49
N GLU C 416 -58.74 -35.08 -5.20
CA GLU C 416 -59.95 -35.73 -4.67
C GLU C 416 -59.73 -37.20 -4.34
N ALA C 417 -59.06 -37.93 -5.23
CA ALA C 417 -58.74 -39.36 -4.91
C ALA C 417 -57.91 -39.44 -3.63
N MET C 418 -56.86 -38.62 -3.57
CA MET C 418 -55.97 -38.57 -2.42
C MET C 418 -56.76 -38.24 -1.15
N SER C 419 -57.71 -37.31 -1.28
CA SER C 419 -58.55 -36.89 -0.15
C SER C 419 -59.69 -37.87 0.15
N SER C 420 -60.03 -38.76 -0.79
CA SER C 420 -61.10 -39.77 -0.51
C SER C 420 -60.65 -40.91 0.45
N PHE C 421 -59.38 -41.33 0.39
CA PHE C 421 -58.88 -42.43 1.28
C PHE C 421 -57.81 -42.04 2.32
N ASN C 422 -57.53 -40.75 2.41
CA ASN C 422 -56.76 -40.19 3.49
C ASN C 422 -57.62 -39.09 4.11
N GLU C 423 -57.68 -39.10 5.43
CA GLU C 423 -58.20 -37.98 6.20
C GLU C 423 -57.44 -36.70 5.90
N ARG C 424 -56.10 -36.75 6.01
CA ARG C 424 -55.19 -35.61 5.82
C ARG C 424 -54.11 -36.02 4.78
N PRO C 425 -54.42 -35.92 3.52
CA PRO C 425 -53.45 -36.40 2.53
C PRO C 425 -52.21 -35.46 2.52
N ILE C 426 -50.99 -36.01 2.45
CA ILE C 426 -49.82 -35.12 2.40
C ILE C 426 -49.43 -34.96 0.94
N ILE C 427 -49.38 -33.71 0.49
CA ILE C 427 -49.21 -33.39 -0.94
C ILE C 427 -48.06 -32.34 -1.09
N PHE C 428 -46.94 -32.73 -1.70
CA PHE C 428 -45.80 -31.86 -1.91
C PHE C 428 -45.67 -31.62 -3.41
N SER C 429 -45.89 -30.37 -3.88
CA SER C 429 -45.64 -29.99 -5.30
C SER C 429 -44.35 -29.25 -5.35
N LEU C 430 -43.27 -29.96 -5.58
CA LEU C 430 -41.97 -29.40 -5.44
C LEU C 430 -41.45 -28.73 -6.70
N SER C 431 -42.02 -29.00 -7.87
CA SER C 431 -41.45 -28.43 -9.12
C SER C 431 -41.51 -26.88 -9.14
N ASN C 432 -40.39 -26.23 -9.44
CA ASN C 432 -40.23 -24.78 -9.58
C ASN C 432 -40.04 -24.42 -11.06
N PRO C 433 -40.37 -23.20 -11.51
CA PRO C 433 -41.10 -22.16 -10.76
C PRO C 433 -42.63 -22.43 -10.75
N THR C 434 -43.41 -21.41 -10.38
CA THR C 434 -44.81 -21.56 -10.05
C THR C 434 -45.63 -22.16 -11.16
N SER C 435 -45.35 -21.78 -12.40
CA SER C 435 -46.04 -22.34 -13.55
C SER C 435 -45.78 -23.87 -13.74
N HIS C 436 -44.62 -24.34 -13.31
CA HIS C 436 -44.30 -25.77 -13.35
C HIS C 436 -44.77 -26.52 -12.10
N SER C 437 -45.42 -25.85 -11.14
CA SER C 437 -45.93 -26.52 -9.91
C SER C 437 -47.04 -27.55 -10.23
N GLU C 438 -46.88 -28.75 -9.73
CA GLU C 438 -47.86 -29.81 -9.89
C GLU C 438 -49.29 -29.37 -9.58
N CYS C 439 -49.45 -28.60 -8.53
CA CYS C 439 -50.68 -27.84 -8.30
C CYS C 439 -50.33 -26.58 -7.52
N THR C 440 -51.29 -25.64 -7.46
CA THR C 440 -51.22 -24.43 -6.64
C THR C 440 -51.71 -24.77 -5.27
N ALA C 441 -51.35 -23.95 -4.28
CA ALA C 441 -51.92 -24.04 -2.93
C ALA C 441 -53.46 -23.86 -2.92
N GLU C 442 -53.94 -22.92 -3.71
CA GLU C 442 -55.38 -22.65 -3.82
C GLU C 442 -56.11 -24.01 -4.19
N GLN C 443 -55.59 -24.67 -5.22
CA GLN C 443 -56.11 -25.98 -5.65
C GLN C 443 -56.05 -27.11 -4.59
N ALA C 444 -54.89 -27.33 -3.99
CA ALA C 444 -54.73 -28.40 -3.03
C ALA C 444 -55.72 -28.29 -1.89
N TYR C 445 -55.90 -27.09 -1.35
CA TYR C 445 -56.80 -26.89 -0.19
C TYR C 445 -58.29 -26.91 -0.65
N THR C 446 -58.56 -26.33 -1.82
CA THR C 446 -59.94 -26.27 -2.32
C THR C 446 -60.37 -27.69 -2.65
N TRP C 447 -59.56 -28.41 -3.43
CA TRP C 447 -59.95 -29.74 -3.90
C TRP C 447 -59.90 -30.87 -2.84
N SER C 448 -59.31 -30.59 -1.69
CA SER C 448 -59.32 -31.52 -0.58
C SER C 448 -60.26 -31.03 0.51
N GLN C 449 -61.06 -30.00 0.22
CA GLN C 449 -61.95 -29.41 1.26
C GLN C 449 -61.18 -29.04 2.53
N GLY C 450 -60.07 -28.35 2.36
CA GLY C 450 -59.32 -27.84 3.49
C GLY C 450 -58.48 -28.86 4.23
N ARG C 451 -58.36 -30.09 3.70
CA ARG C 451 -57.77 -31.19 4.48
C ARG C 451 -56.31 -31.58 4.11
N SER C 452 -55.85 -31.18 2.94
CA SER C 452 -54.49 -31.50 2.52
C SER C 452 -53.41 -30.83 3.38
N ILE C 453 -52.36 -31.56 3.74
CA ILE C 453 -51.12 -30.96 4.21
C ILE C 453 -50.24 -30.66 2.99
N PHE C 454 -50.00 -29.39 2.74
CA PHE C 454 -49.44 -28.99 1.47
C PHE C 454 -48.17 -28.18 1.64
N ALA C 455 -47.27 -28.36 0.71
CA ALA C 455 -46.04 -27.62 0.68
C ALA C 455 -45.59 -27.63 -0.74
N SER C 456 -44.78 -26.66 -1.12
CA SER C 456 -44.43 -26.53 -2.53
C SER C 456 -43.07 -26.02 -2.59
N GLY C 457 -42.46 -26.14 -3.75
CA GLY C 457 -41.14 -25.54 -4.05
C GLY C 457 -41.21 -24.03 -4.28
N SER C 458 -42.36 -23.54 -4.77
CA SER C 458 -42.55 -22.15 -5.15
CA SER C 458 -42.47 -22.14 -5.10
C SER C 458 -43.44 -21.44 -4.14
N PRO C 459 -43.27 -20.12 -3.97
CA PRO C 459 -44.05 -19.44 -2.94
C PRO C 459 -45.45 -19.17 -3.45
N PHE C 460 -46.41 -19.41 -2.58
CA PHE C 460 -47.79 -19.10 -2.82
C PHE C 460 -48.25 -18.23 -1.68
N ALA C 461 -49.16 -17.34 -1.97
CA ALA C 461 -49.78 -16.51 -1.01
C ALA C 461 -50.71 -17.37 -0.13
N PRO C 462 -50.99 -16.94 1.11
CA PRO C 462 -52.00 -17.65 1.89
C PRO C 462 -53.31 -17.88 1.16
N VAL C 463 -54.03 -18.90 1.59
CA VAL C 463 -55.28 -19.29 1.00
C VAL C 463 -56.34 -19.20 2.13
N GLU C 464 -57.48 -18.58 1.84
CA GLU C 464 -58.63 -18.50 2.77
C GLU C 464 -59.60 -19.56 2.30
N TYR C 465 -60.01 -20.49 3.16
CA TYR C 465 -60.97 -21.50 2.70
C TYR C 465 -62.01 -21.79 3.72
N GLU C 466 -63.27 -21.51 3.34
CA GLU C 466 -64.37 -21.53 4.31
C GLU C 466 -63.84 -20.69 5.50
N GLY C 467 -63.83 -21.23 6.73
CA GLY C 467 -63.31 -20.48 7.89
C GLY C 467 -61.82 -20.12 7.88
N LYS C 468 -60.96 -21.10 7.61
CA LYS C 468 -59.54 -21.00 7.95
C LYS C 468 -58.64 -20.20 6.96
N THR C 469 -57.48 -19.80 7.48
CA THR C 469 -56.37 -19.23 6.72
CA THR C 469 -56.41 -19.25 6.65
C THR C 469 -55.27 -20.31 6.61
N PHE C 470 -54.79 -20.63 5.41
CA PHE C 470 -53.70 -21.63 5.25
C PHE C 470 -52.44 -20.94 4.74
N VAL C 471 -51.30 -21.06 5.46
CA VAL C 471 -50.01 -20.57 4.97
C VAL C 471 -49.12 -21.77 4.59
N PRO C 472 -49.07 -22.07 3.28
CA PRO C 472 -48.29 -23.27 2.94
C PRO C 472 -46.76 -23.07 3.08
N GLY C 473 -46.13 -24.07 3.69
CA GLY C 473 -44.66 -24.19 3.72
C GLY C 473 -44.01 -24.27 2.36
N GLN C 474 -42.76 -23.82 2.31
CA GLN C 474 -42.03 -23.74 1.10
C GLN C 474 -40.76 -24.54 1.24
N SER C 475 -40.54 -25.43 0.29
CA SER C 475 -39.55 -26.51 0.35
C SER C 475 -38.16 -26.02 -0.08
N ASN C 476 -37.70 -24.96 0.58
CA ASN C 476 -36.54 -24.21 0.18
C ASN C 476 -35.32 -24.82 0.86
N ASN C 477 -34.29 -25.14 0.10
CA ASN C 477 -33.23 -25.81 0.78
C ASN C 477 -32.25 -24.87 1.47
N ALA C 478 -32.55 -23.56 1.46
CA ALA C 478 -31.91 -22.59 2.34
C ALA C 478 -32.25 -22.82 3.79
N TYR C 479 -33.27 -23.63 4.09
CA TYR C 479 -33.57 -24.04 5.46
C TYR C 479 -32.49 -24.97 6.00
N ILE C 480 -31.83 -25.70 5.09
CA ILE C 480 -30.85 -26.72 5.43
C ILE C 480 -29.39 -26.40 5.15
N PHE C 481 -29.02 -25.93 3.95
CA PHE C 481 -27.62 -25.80 3.65
C PHE C 481 -26.83 -24.87 4.58
N PRO C 482 -27.40 -23.77 5.05
CA PRO C 482 -26.53 -22.90 5.84
C PRO C 482 -26.06 -23.54 7.17
N GLY C 483 -26.94 -24.23 7.90
CA GLY C 483 -26.58 -24.87 9.16
C GLY C 483 -25.84 -26.15 8.92
N LEU C 484 -26.10 -26.83 7.80
CA LEU C 484 -25.37 -28.05 7.53
C LEU C 484 -23.91 -27.71 7.29
N GLY C 485 -23.62 -26.74 6.41
CA GLY C 485 -22.22 -26.31 6.23
C GLY C 485 -21.54 -25.74 7.47
N LEU C 486 -22.29 -24.99 8.27
CA LEU C 486 -21.77 -24.53 9.54
C LEU C 486 -21.35 -25.73 10.39
N GLY C 487 -22.20 -26.76 10.44
CA GLY C 487 -21.93 -27.97 11.22
C GLY C 487 -20.70 -28.70 10.76
N LEU C 488 -20.52 -28.82 9.44
CA LEU C 488 -19.31 -29.43 8.91
C LEU C 488 -18.09 -28.59 9.29
N VAL C 489 -18.20 -27.26 9.13
CA VAL C 489 -17.02 -26.42 9.34
C VAL C 489 -16.56 -26.43 10.84
N ILE C 490 -17.51 -26.28 11.74
CA ILE C 490 -17.17 -26.20 13.16
C ILE C 490 -16.72 -27.52 13.77
N SER C 491 -17.05 -28.66 13.15
CA SER C 491 -16.56 -29.95 13.61
C SER C 491 -15.21 -30.35 12.98
N GLY C 492 -14.77 -29.63 11.94
CA GLY C 492 -13.64 -30.10 11.09
C GLY C 492 -13.94 -31.36 10.33
N ALA C 493 -15.20 -31.51 9.96
CA ALA C 493 -15.63 -32.73 9.28
C ALA C 493 -14.86 -32.84 7.97
N VAL C 494 -14.45 -34.06 7.60
CA VAL C 494 -13.72 -34.28 6.38
C VAL C 494 -14.50 -34.99 5.28
N ARG C 495 -15.67 -35.54 5.59
CA ARG C 495 -16.53 -36.19 4.56
C ARG C 495 -17.91 -35.90 5.00
N VAL C 496 -18.83 -35.80 4.05
CA VAL C 496 -20.24 -35.72 4.35
C VAL C 496 -20.75 -37.15 4.32
N HIS C 497 -21.50 -37.51 5.34
CA HIS C 497 -22.06 -38.84 5.41
C HIS C 497 -23.58 -38.69 5.37
N GLU C 498 -24.25 -39.66 4.79
CA GLU C 498 -25.68 -39.57 4.66
C GLU C 498 -26.44 -39.42 5.99
N ASP C 499 -25.90 -39.96 7.09
CA ASP C 499 -26.49 -39.77 8.41
C ASP C 499 -26.45 -38.31 8.87
N MET C 500 -25.54 -37.48 8.31
CA MET C 500 -25.55 -36.04 8.62
C MET C 500 -26.76 -35.37 8.01
N LEU C 501 -27.23 -35.90 6.89
CA LEU C 501 -28.39 -35.40 6.20
C LEU C 501 -29.64 -35.74 6.96
N LEU C 502 -29.69 -36.95 7.49
CA LEU C 502 -30.74 -37.35 8.44
C LEU C 502 -30.75 -36.47 9.67
N ALA C 503 -29.59 -36.27 10.30
CA ALA C 503 -29.48 -35.39 11.46
C ALA C 503 -29.95 -33.95 11.14
N ALA C 504 -29.59 -33.40 9.98
CA ALA C 504 -30.13 -32.10 9.64
C ALA C 504 -31.64 -32.05 9.50
N SER C 505 -32.18 -33.07 8.84
CA SER C 505 -33.60 -33.14 8.60
C SER C 505 -34.30 -33.20 9.95
N LYS C 506 -33.82 -34.01 10.88
CA LYS C 506 -34.54 -34.12 12.16
C LYS C 506 -34.45 -32.83 12.92
N ALA C 507 -33.28 -32.17 12.84
CA ALA C 507 -33.10 -30.92 13.58
C ALA C 507 -34.06 -29.82 13.02
N LEU C 508 -34.28 -29.82 11.71
CA LEU C 508 -35.17 -28.83 11.12
C LEU C 508 -36.62 -29.10 11.53
N ALA C 509 -37.04 -30.35 11.37
CA ALA C 509 -38.39 -30.73 11.82
C ALA C 509 -38.66 -30.49 13.31
N ASP C 510 -37.70 -30.80 14.18
CA ASP C 510 -37.84 -30.48 15.61
C ASP C 510 -38.02 -28.96 15.91
N GLN C 511 -37.64 -28.05 15.02
CA GLN C 511 -37.89 -26.62 15.24
C GLN C 511 -39.28 -26.16 14.84
N ALA C 512 -40.06 -27.06 14.23
CA ALA C 512 -41.40 -26.74 13.77
C ALA C 512 -42.32 -26.76 14.98
N THR C 513 -42.73 -25.56 15.38
CA THR C 513 -43.67 -25.31 16.48
C THR C 513 -45.17 -25.42 16.08
N GLN C 514 -46.01 -25.46 17.12
CA GLN C 514 -47.47 -25.42 16.95
C GLN C 514 -47.97 -24.14 16.27
N ASP C 515 -47.32 -22.99 16.46
CA ASP C 515 -47.62 -21.77 15.67
C ASP C 515 -47.63 -22.01 14.16
N ASN C 516 -46.63 -22.74 13.63
CA ASN C 516 -46.62 -23.13 12.20
C ASN C 516 -47.74 -24.09 11.88
N PHE C 517 -47.89 -25.12 12.69
CA PHE C 517 -48.96 -26.07 12.45
C PHE C 517 -50.36 -25.45 12.46
N GLU C 518 -50.64 -24.49 13.34
CA GLU C 518 -51.96 -23.79 13.35
C GLU C 518 -52.25 -23.23 11.98
N LYS C 519 -51.27 -22.64 11.30
CA LYS C 519 -51.48 -22.04 9.96
C LYS C 519 -51.29 -23.02 8.77
N GLY C 520 -51.04 -24.29 9.06
CA GLY C 520 -50.71 -25.31 8.03
C GLY C 520 -49.29 -25.32 7.45
N SER C 521 -48.34 -24.70 8.12
CA SER C 521 -46.96 -24.57 7.62
C SER C 521 -46.15 -25.62 8.29
N ILE C 522 -45.56 -26.50 7.51
CA ILE C 522 -44.76 -27.54 8.12
C ILE C 522 -43.36 -27.06 8.42
N PHE C 523 -42.94 -25.94 7.84
CA PHE C 523 -41.64 -25.34 8.17
C PHE C 523 -41.78 -24.09 9.08
N PRO C 524 -40.78 -23.82 9.94
CA PRO C 524 -40.79 -22.55 10.66
C PRO C 524 -40.40 -21.44 9.71
N PRO C 525 -40.72 -20.20 10.06
CA PRO C 525 -40.44 -19.13 9.09
C PRO C 525 -38.98 -18.72 9.10
N PHE C 526 -38.58 -18.00 8.07
CA PHE C 526 -37.17 -17.60 7.91
C PHE C 526 -36.69 -16.60 8.91
N THR C 527 -37.63 -15.95 9.60
CA THR C 527 -37.29 -15.12 10.73
C THR C 527 -36.55 -15.90 11.79
N SER C 528 -36.75 -17.21 11.92
CA SER C 528 -36.02 -17.99 12.96
C SER C 528 -34.73 -18.66 12.44
N ILE C 529 -34.32 -18.33 11.21
CA ILE C 529 -33.34 -19.14 10.49
C ILE C 529 -32.01 -19.25 11.15
N ARG C 530 -31.59 -18.17 11.80
CA ARG C 530 -30.31 -18.19 12.51
C ARG C 530 -30.27 -19.20 13.63
N LYS C 531 -31.34 -19.27 14.40
CA LYS C 531 -31.50 -20.30 15.44
C LYS C 531 -31.69 -21.70 14.84
N ILE C 532 -32.47 -21.79 13.77
CA ILE C 532 -32.58 -23.07 13.09
C ILE C 532 -31.23 -23.53 12.62
N SER C 533 -30.42 -22.66 12.01
CA SER C 533 -29.09 -23.06 11.58
C SER C 533 -28.22 -23.60 12.67
N ALA C 534 -28.24 -22.98 13.83
CA ALA C 534 -27.37 -23.41 14.93
C ALA C 534 -27.74 -24.81 15.45
N HIS C 535 -29.02 -25.10 15.52
CA HIS C 535 -29.49 -26.46 15.84
C HIS C 535 -29.12 -27.51 14.80
N ILE C 536 -29.24 -27.17 13.55
CA ILE C 536 -28.83 -28.08 12.49
C ILE C 536 -27.37 -28.30 12.57
N ALA C 537 -26.62 -27.21 12.68
CA ALA C 537 -25.15 -27.30 12.76
C ALA C 537 -24.70 -28.23 13.90
N ALA C 538 -25.29 -28.01 15.08
CA ALA C 538 -25.09 -28.88 16.25
C ALA C 538 -25.37 -30.35 15.99
N ALA C 539 -26.45 -30.65 15.29
CA ALA C 539 -26.82 -32.04 15.04
C ALA C 539 -25.88 -32.64 14.02
N VAL C 540 -25.42 -31.84 13.07
CA VAL C 540 -24.48 -32.33 12.05
C VAL C 540 -23.15 -32.56 12.63
N ALA C 541 -22.68 -31.59 13.40
CA ALA C 541 -21.42 -31.76 14.13
C ALA C 541 -21.39 -33.00 15.05
N ALA C 542 -22.42 -33.14 15.86
CA ALA C 542 -22.60 -34.32 16.74
C ALA C 542 -22.51 -35.63 15.92
N LYS C 543 -23.13 -35.68 14.74
CA LYS C 543 -22.99 -36.85 13.91
C LYS C 543 -21.56 -36.97 13.47
N ALA C 544 -20.91 -35.88 13.10
CA ALA C 544 -19.54 -36.01 12.63
C ALA C 544 -18.62 -36.59 13.69
N TYR C 545 -18.78 -36.15 14.92
CA TYR C 545 -18.04 -36.73 16.01
C TYR C 545 -18.41 -38.22 16.14
N GLU C 546 -19.68 -38.54 16.03
CA GLU C 546 -20.13 -39.93 16.24
C GLU C 546 -19.53 -40.89 15.21
N LEU C 547 -19.37 -40.46 13.97
CA LEU C 547 -18.91 -41.33 12.94
C LEU C 547 -17.39 -41.29 12.80
N GLY C 548 -16.75 -40.53 13.66
CA GLY C 548 -15.32 -40.38 13.60
C GLY C 548 -14.93 -39.57 12.37
N LEU C 549 -15.72 -38.60 11.93
CA LEU C 549 -15.32 -37.83 10.69
C LEU C 549 -14.85 -36.38 11.00
N ALA C 550 -14.94 -36.01 12.28
CA ALA C 550 -14.59 -34.69 12.80
C ALA C 550 -13.11 -34.65 13.20
N THR C 551 -12.45 -33.53 12.90
CA THR C 551 -11.06 -33.30 13.29
C THR C 551 -10.89 -32.20 14.32
N ARG C 552 -11.93 -31.44 14.69
CA ARG C 552 -11.79 -30.40 15.74
C ARG C 552 -12.02 -31.09 17.09
N LEU C 553 -10.99 -31.77 17.55
CA LEU C 553 -11.09 -32.65 18.72
C LEU C 553 -10.43 -32.00 19.96
N PRO C 554 -10.96 -32.16 21.18
CA PRO C 554 -12.19 -32.94 21.46
C PRO C 554 -13.47 -32.15 21.13
N PRO C 555 -14.62 -32.84 21.02
CA PRO C 555 -15.87 -32.07 20.84
C PRO C 555 -16.22 -31.19 22.06
N PRO C 556 -16.74 -29.97 21.85
CA PRO C 556 -17.20 -29.24 23.05
C PRO C 556 -18.45 -29.90 23.61
N SER C 557 -18.75 -29.60 24.87
CA SER C 557 -19.79 -30.37 25.54
C SER C 557 -21.16 -29.92 25.05
N ASP C 558 -21.33 -28.61 24.82
CA ASP C 558 -22.61 -28.04 24.35
C ASP C 558 -22.50 -27.49 22.90
N LEU C 559 -22.87 -28.32 21.94
CA LEU C 559 -22.69 -28.04 20.53
C LEU C 559 -23.60 -26.96 20.00
N VAL C 560 -24.81 -26.84 20.54
CA VAL C 560 -25.72 -25.74 20.22
C VAL C 560 -25.08 -24.38 20.57
N LYS C 561 -24.74 -24.20 21.83
CA LYS C 561 -24.01 -23.02 22.28
C LYS C 561 -22.75 -22.75 21.49
N TYR C 562 -21.93 -23.75 21.27
CA TYR C 562 -20.74 -23.60 20.48
C TYR C 562 -21.06 -23.16 19.03
N ALA C 563 -22.08 -23.76 18.40
CA ALA C 563 -22.45 -23.33 17.06
C ALA C 563 -22.89 -21.86 17.08
N GLU C 564 -23.70 -21.45 18.05
CA GLU C 564 -24.12 -20.04 18.13
C GLU C 564 -22.95 -19.09 18.30
N ASN C 565 -21.95 -19.45 19.09
CA ASN C 565 -20.77 -18.58 19.29
C ASN C 565 -19.74 -18.61 18.16
N CYS C 566 -19.84 -19.59 17.26
CA CYS C 566 -19.03 -19.56 16.06
C CYS C 566 -19.67 -18.64 14.98
N MET C 567 -20.93 -18.23 15.11
CA MET C 567 -21.64 -17.50 14.05
C MET C 567 -21.17 -16.04 13.90
N TYR C 568 -20.81 -15.70 12.66
CA TYR C 568 -20.43 -14.37 12.27
C TYR C 568 -21.52 -13.42 12.58
N THR C 569 -21.16 -12.32 13.19
CA THR C 569 -22.15 -11.27 13.39
C THR C 569 -21.66 -10.03 12.61
N PRO C 570 -22.54 -9.40 11.84
CA PRO C 570 -22.06 -8.28 11.02
C PRO C 570 -22.14 -6.91 11.67
N VAL C 571 -22.19 -6.85 13.02
CA VAL C 571 -22.06 -5.59 13.75
CA VAL C 571 -22.06 -5.60 13.78
C VAL C 571 -20.67 -5.00 13.47
N TYR C 572 -20.62 -3.71 13.18
CA TYR C 572 -19.33 -3.08 12.84
C TYR C 572 -18.24 -3.36 13.93
N ARG C 573 -17.00 -3.54 13.53
CA ARG C 573 -15.86 -3.49 14.47
C ARG C 573 -15.54 -2.02 14.82
N ASN C 574 -14.86 -1.77 15.93
CA ASN C 574 -14.21 -0.45 16.23
C ASN C 574 -12.77 -0.50 15.82
N TYR C 575 -12.27 0.60 15.27
CA TYR C 575 -10.91 0.69 14.74
C TYR C 575 -10.00 1.64 15.57
N ARG C 576 -10.59 2.42 16.48
CA ARG C 576 -9.86 3.01 17.63
C ARG C 576 -10.82 3.46 18.74
N GLU D 23 8.54 26.15 6.15
CA GLU D 23 8.38 24.67 6.13
C GLU D 23 8.57 24.05 7.51
N GLU D 24 8.20 24.78 8.58
CA GLU D 24 7.77 24.14 9.85
C GLU D 24 6.38 23.40 9.64
N LEU D 25 5.68 23.75 8.54
CA LEU D 25 4.59 22.97 7.82
C LEU D 25 4.66 21.41 7.91
N PRO D 26 3.86 20.80 8.79
CA PRO D 26 3.82 19.33 8.74
C PRO D 26 3.49 18.77 7.34
N VAL D 27 3.88 17.55 7.09
CA VAL D 27 3.58 16.92 5.83
C VAL D 27 2.96 15.52 6.11
N MET D 28 2.14 15.03 5.17
CA MET D 28 1.59 13.69 5.18
C MET D 28 2.62 12.82 4.45
N PRO D 29 3.18 11.78 5.09
CA PRO D 29 4.05 10.89 4.34
C PRO D 29 3.15 9.95 3.48
N TRP D 30 3.32 9.96 2.16
CA TRP D 30 2.61 9.10 1.18
C TRP D 30 3.60 8.05 0.67
N ALA D 31 3.20 6.80 0.69
CA ALA D 31 3.91 5.69 0.10
C ALA D 31 3.43 5.47 -1.32
N THR D 32 4.29 4.99 -2.17
CA THR D 32 3.94 4.84 -3.52
C THR D 32 4.20 3.38 -3.83
N SER D 33 3.30 2.73 -4.57
CA SER D 33 3.59 1.36 -4.99
C SER D 33 2.84 1.07 -6.28
N VAL D 34 3.18 -0.05 -6.90
CA VAL D 34 2.55 -0.46 -8.14
C VAL D 34 1.20 -1.13 -7.83
N ALA D 35 0.12 -0.59 -8.36
CA ALA D 35 -1.20 -1.16 -8.14
C ALA D 35 -1.43 -2.45 -8.90
N SER D 36 -2.04 -3.44 -8.21
CA SER D 36 -2.40 -4.74 -8.77
C SER D 36 -3.59 -5.32 -8.09
N GLY D 37 -4.12 -6.40 -8.65
CA GLY D 37 -5.20 -7.11 -7.96
C GLY D 37 -6.38 -6.20 -7.65
N TYR D 38 -6.98 -6.47 -6.50
CA TYR D 38 -8.05 -5.64 -5.96
C TYR D 38 -7.73 -4.19 -5.74
N THR D 39 -6.49 -3.91 -5.44
CA THR D 39 -6.05 -2.53 -5.32
C THR D 39 -6.22 -1.71 -6.65
N LEU D 40 -5.96 -2.35 -7.77
CA LEU D 40 -6.21 -1.80 -9.07
C LEU D 40 -7.72 -1.71 -9.35
N LEU D 41 -8.48 -2.76 -9.07
CA LEU D 41 -9.94 -2.77 -9.38
C LEU D 41 -10.73 -1.74 -8.58
N ARG D 42 -10.32 -1.50 -7.36
CA ARG D 42 -11.05 -0.60 -6.49
C ARG D 42 -10.60 0.82 -6.48
N ASP D 43 -9.59 1.12 -7.32
CA ASP D 43 -9.09 2.45 -7.53
C ASP D 43 -9.78 3.01 -8.80
N PRO D 44 -10.74 3.94 -8.64
CA PRO D 44 -11.43 4.53 -9.76
C PRO D 44 -10.61 5.19 -10.80
N HIS D 45 -9.46 5.74 -10.43
CA HIS D 45 -8.55 6.38 -11.38
C HIS D 45 -7.91 5.35 -12.36
N HIS D 46 -7.64 4.12 -11.93
CA HIS D 46 -7.01 3.13 -12.77
C HIS D 46 -7.95 2.04 -13.24
N ASN D 47 -9.04 1.81 -12.52
CA ASN D 47 -9.88 0.67 -12.84
C ASN D 47 -10.49 0.78 -14.23
N LYS D 48 -10.28 -0.24 -15.04
CA LYS D 48 -10.86 -0.39 -16.36
C LYS D 48 -11.96 -1.44 -16.41
N GLY D 49 -12.22 -2.13 -15.31
CA GLY D 49 -13.18 -3.27 -15.35
C GLY D 49 -12.88 -4.32 -16.42
N LEU D 50 -13.88 -4.66 -17.23
CA LEU D 50 -13.71 -5.71 -18.24
C LEU D 50 -12.87 -5.29 -19.45
N ALA D 51 -12.50 -4.00 -19.53
CA ALA D 51 -11.53 -3.53 -20.51
C ALA D 51 -10.10 -3.79 -20.18
N PHE D 52 -9.76 -4.27 -18.99
CA PHE D 52 -8.37 -4.69 -18.80
C PHE D 52 -8.07 -5.75 -19.85
N THR D 53 -6.96 -5.60 -20.56
CA THR D 53 -6.55 -6.55 -21.60
C THR D 53 -5.92 -7.76 -21.01
N GLU D 54 -5.75 -8.79 -21.86
CA GLU D 54 -5.18 -10.02 -21.47
C GLU D 54 -3.85 -9.84 -20.76
N GLU D 55 -3.02 -8.98 -21.32
CA GLU D 55 -1.68 -8.77 -20.85
C GLU D 55 -1.66 -7.98 -19.52
N GLU D 56 -2.45 -6.91 -19.44
CA GLU D 56 -2.70 -6.23 -18.19
C GLU D 56 -3.21 -7.21 -17.08
N ARG D 57 -4.16 -8.09 -17.42
CA ARG D 57 -4.62 -9.04 -16.43
C ARG D 57 -3.57 -10.00 -15.97
N ASP D 58 -2.83 -10.56 -16.91
CA ASP D 58 -1.73 -11.47 -16.56
C ASP D 58 -0.56 -10.81 -15.81
N GLY D 59 -0.33 -9.53 -16.03
CA GLY D 59 0.73 -8.86 -15.32
C GLY D 59 0.28 -8.21 -14.01
N HIS D 60 -1.03 -8.16 -13.70
CA HIS D 60 -1.48 -7.47 -12.47
C HIS D 60 -2.37 -8.32 -11.60
N TYR D 61 -2.22 -9.61 -11.67
CA TYR D 61 -2.84 -10.53 -10.74
C TYR D 61 -4.35 -10.42 -10.80
N LEU D 62 -4.89 -10.18 -12.00
CA LEU D 62 -6.30 -10.03 -12.20
C LEU D 62 -6.97 -11.23 -12.79
N ARG D 63 -6.22 -12.20 -13.26
CA ARG D 63 -6.81 -13.42 -13.85
C ARG D 63 -7.64 -14.13 -12.78
N GLY D 64 -8.82 -14.50 -13.20
CA GLY D 64 -9.75 -15.06 -12.25
C GLY D 64 -10.60 -14.07 -11.51
N LEU D 65 -10.10 -12.86 -11.26
CA LEU D 65 -10.90 -11.91 -10.53
C LEU D 65 -11.95 -11.27 -11.46
N LEU D 66 -11.70 -11.36 -12.75
CA LEU D 66 -12.58 -10.91 -13.78
C LEU D 66 -12.93 -12.13 -14.63
N PRO D 67 -14.10 -12.14 -15.24
CA PRO D 67 -14.44 -13.25 -16.11
C PRO D 67 -13.65 -13.19 -17.40
N PRO D 68 -13.65 -14.25 -18.22
CA PRO D 68 -12.70 -14.35 -19.36
C PRO D 68 -12.80 -13.21 -20.40
N ALA D 69 -14.00 -12.69 -20.66
CA ALA D 69 -14.12 -11.75 -21.77
C ALA D 69 -13.51 -10.36 -21.53
N VAL D 70 -13.09 -9.76 -22.62
CA VAL D 70 -12.46 -8.46 -22.68
C VAL D 70 -13.46 -7.64 -23.45
N LEU D 71 -13.87 -6.55 -22.88
CA LEU D 71 -14.83 -5.71 -23.50
C LEU D 71 -14.18 -4.35 -23.72
N SER D 72 -14.36 -3.74 -24.88
CA SER D 72 -13.80 -2.42 -25.16
C SER D 72 -14.44 -1.29 -24.30
N GLN D 73 -13.77 -0.15 -24.24
CA GLN D 73 -14.35 1.02 -23.66
C GLN D 73 -15.73 1.41 -24.22
N GLU D 74 -15.86 1.37 -25.54
CA GLU D 74 -17.13 1.75 -26.25
C GLU D 74 -18.26 0.78 -25.90
N LEU D 75 -17.96 -0.50 -25.83
CA LEU D 75 -18.99 -1.47 -25.45
C LEU D 75 -19.41 -1.31 -23.96
N GLN D 76 -18.49 -0.87 -23.09
CA GLN D 76 -18.84 -0.53 -21.74
C GLN D 76 -19.79 0.65 -21.69
N ILE D 77 -19.60 1.61 -22.58
CA ILE D 77 -20.46 2.79 -22.62
C ILE D 77 -21.84 2.36 -23.05
N LYS D 78 -21.91 1.62 -24.16
CA LYS D 78 -23.20 1.11 -24.63
C LYS D 78 -23.92 0.32 -23.54
N LYS D 79 -23.24 -0.61 -22.91
CA LYS D 79 -23.80 -1.40 -21.80
C LYS D 79 -24.40 -0.49 -20.70
N PHE D 80 -23.67 0.57 -20.31
CA PHE D 80 -24.08 1.38 -19.21
C PHE D 80 -25.30 2.28 -19.63
N MET D 81 -25.29 2.84 -20.83
CA MET D 81 -26.42 3.61 -21.32
C MET D 81 -27.67 2.77 -21.36
N ASN D 82 -27.57 1.49 -21.74
CA ASN D 82 -28.73 0.63 -21.80
C ASN D 82 -29.39 0.50 -20.44
N THR D 83 -28.64 0.19 -19.38
CA THR D 83 -29.26 0.06 -18.02
C THR D 83 -29.69 1.43 -17.50
N LEU D 84 -28.91 2.45 -17.83
CA LEU D 84 -29.23 3.80 -17.38
C LEU D 84 -30.64 4.27 -17.81
N ARG D 85 -30.94 4.06 -19.07
CA ARG D 85 -32.25 4.39 -19.61
C ARG D 85 -33.39 3.57 -19.08
N GLN D 86 -33.13 2.46 -18.42
CA GLN D 86 -34.24 1.74 -17.72
C GLN D 86 -34.58 2.27 -16.31
N TYR D 87 -33.80 3.20 -15.75
CA TYR D 87 -34.19 3.75 -14.44
C TYR D 87 -35.32 4.75 -14.72
N GLN D 88 -36.30 4.75 -13.86
CA GLN D 88 -37.56 5.41 -14.10
C GLN D 88 -37.46 6.84 -13.66
N THR D 89 -36.64 7.14 -12.64
CA THR D 89 -36.58 8.53 -12.14
C THR D 89 -35.25 9.22 -12.48
N PRO D 90 -35.27 10.56 -12.72
CA PRO D 90 -34.02 11.30 -12.91
C PRO D 90 -32.98 11.10 -11.78
N LEU D 91 -33.43 11.11 -10.53
CA LEU D 91 -32.58 10.92 -9.37
C LEU D 91 -31.84 9.55 -9.32
N GLN D 92 -32.50 8.50 -9.78
CA GLN D 92 -31.92 7.21 -9.89
C GLN D 92 -30.83 7.18 -10.93
N ARG D 93 -31.00 7.90 -12.05
CA ARG D 93 -29.93 8.04 -12.97
C ARG D 93 -28.73 8.85 -12.42
N TYR D 94 -28.94 9.90 -11.69
CA TYR D 94 -27.90 10.67 -11.03
C TYR D 94 -27.08 9.75 -10.13
N ILE D 95 -27.80 8.97 -9.34
CA ILE D 95 -27.20 8.00 -8.45
C ILE D 95 -26.37 6.98 -9.19
N ALA D 96 -26.91 6.38 -10.26
CA ALA D 96 -26.08 5.44 -11.01
C ALA D 96 -24.82 6.17 -11.60
N MET D 97 -24.94 7.42 -12.04
CA MET D 97 -23.80 8.13 -12.63
CA MET D 97 -23.81 8.17 -12.62
C MET D 97 -22.73 8.47 -11.57
N MET D 98 -23.11 8.97 -10.38
CA MET D 98 -22.13 9.18 -9.26
CA MET D 98 -22.10 9.19 -9.31
C MET D 98 -21.36 7.89 -8.90
N ASN D 99 -22.11 6.80 -8.83
CA ASN D 99 -21.54 5.57 -8.51
C ASN D 99 -20.56 5.17 -9.61
N LEU D 100 -20.85 5.48 -10.88
CA LEU D 100 -19.90 5.19 -11.96
C LEU D 100 -18.63 6.10 -11.87
N GLN D 101 -18.82 7.36 -11.59
CA GLN D 101 -17.69 8.28 -11.39
C GLN D 101 -16.76 7.79 -10.28
N GLU D 102 -17.33 7.19 -9.25
CA GLU D 102 -16.52 6.62 -8.17
C GLU D 102 -16.06 5.18 -8.32
N THR D 103 -16.23 4.57 -9.48
CA THR D 103 -15.73 3.23 -9.69
CA THR D 103 -15.74 3.19 -9.67
C THR D 103 -14.88 3.13 -10.92
N ASP D 104 -15.16 3.92 -11.97
CA ASP D 104 -14.32 3.92 -13.18
C ASP D 104 -14.38 5.27 -13.82
N GLU D 105 -13.45 6.09 -13.42
CA GLU D 105 -13.39 7.53 -13.78
C GLU D 105 -13.35 7.77 -15.28
N ARG D 106 -12.46 7.10 -15.95
CA ARG D 106 -12.32 7.26 -17.38
CA ARG D 106 -12.31 7.24 -17.39
C ARG D 106 -13.57 6.82 -18.14
N LEU D 107 -14.22 5.75 -17.69
CA LEU D 107 -15.45 5.36 -18.27
C LEU D 107 -16.56 6.45 -18.05
N PHE D 108 -16.70 6.94 -16.82
CA PHE D 108 -17.61 8.02 -16.54
C PHE D 108 -17.45 9.20 -17.47
N TYR D 109 -16.23 9.69 -17.67
CA TYR D 109 -15.99 10.92 -18.42
C TYR D 109 -16.17 10.69 -19.90
N LYS D 110 -15.81 9.54 -20.40
CA LYS D 110 -16.12 9.24 -21.80
C LYS D 110 -17.59 9.02 -22.10
N LEU D 111 -18.29 8.34 -21.22
CA LEU D 111 -19.72 8.20 -21.32
C LEU D 111 -20.41 9.59 -21.34
N LEU D 112 -19.99 10.45 -20.43
CA LEU D 112 -20.60 11.73 -20.31
C LEU D 112 -20.34 12.63 -21.53
N ILE D 113 -19.08 12.74 -21.95
CA ILE D 113 -18.70 13.51 -23.14
C ILE D 113 -19.41 13.01 -24.42
N ASP D 114 -19.45 11.72 -24.66
CA ASP D 114 -20.16 11.15 -25.84
C ASP D 114 -21.69 11.14 -25.76
N ASN D 115 -22.28 11.41 -24.61
CA ASN D 115 -23.73 11.44 -24.47
C ASN D 115 -24.19 12.65 -23.77
N VAL D 116 -23.50 13.74 -24.05
CA VAL D 116 -23.60 14.93 -23.23
C VAL D 116 -24.94 15.59 -23.25
N VAL D 117 -25.63 15.57 -24.41
CA VAL D 117 -26.95 16.22 -24.47
C VAL D 117 -27.99 15.47 -23.61
N GLU D 118 -27.97 14.15 -23.77
CA GLU D 118 -28.83 13.26 -23.01
C GLU D 118 -28.51 13.32 -21.51
N LEU D 119 -27.23 13.36 -21.13
CA LEU D 119 -26.87 13.14 -19.69
C LEU D 119 -26.78 14.37 -18.81
N LEU D 120 -26.57 15.52 -19.39
CA LEU D 120 -26.49 16.77 -18.66
C LEU D 120 -27.64 17.07 -17.70
N PRO D 121 -28.89 16.83 -18.12
CA PRO D 121 -29.98 17.07 -17.21
C PRO D 121 -30.00 16.13 -15.95
N PHE D 122 -29.24 15.06 -15.98
CA PHE D 122 -29.15 14.06 -14.90
C PHE D 122 -27.99 14.25 -13.97
N VAL D 123 -26.86 14.72 -14.47
CA VAL D 123 -25.74 15.07 -13.61
C VAL D 123 -25.62 16.54 -13.29
N TYR D 124 -26.38 17.40 -13.97
CA TYR D 124 -26.33 18.81 -13.68
C TYR D 124 -27.80 19.31 -13.50
N THR D 125 -28.08 20.57 -13.78
CA THR D 125 -29.45 21.05 -13.65
C THR D 125 -30.36 20.38 -14.65
N PRO D 126 -31.56 19.95 -14.28
CA PRO D 126 -32.20 20.16 -13.00
C PRO D 126 -31.98 19.10 -11.93
N THR D 127 -31.53 17.92 -12.30
CA THR D 127 -31.52 16.80 -11.34
C THR D 127 -30.58 17.05 -10.15
N VAL D 128 -29.51 17.80 -10.37
CA VAL D 128 -28.56 18.09 -9.28
C VAL D 128 -29.21 18.82 -8.14
N GLY D 129 -30.19 19.65 -8.45
CA GLY D 129 -30.97 20.32 -7.43
C GLY D 129 -31.66 19.36 -6.46
N GLU D 130 -32.38 18.39 -7.03
CA GLU D 130 -33.03 17.32 -6.24
C GLU D 130 -32.04 16.49 -5.45
N ALA D 131 -30.90 16.19 -6.07
CA ALA D 131 -29.85 15.48 -5.40
C ALA D 131 -29.36 16.19 -4.18
N CYS D 132 -29.14 17.48 -4.27
CA CYS D 132 -28.75 18.28 -3.09
C CYS D 132 -29.86 18.28 -2.01
N GLN D 133 -31.09 18.47 -2.43
CA GLN D 133 -32.19 18.42 -1.47
C GLN D 133 -32.23 17.04 -0.76
N LYS D 134 -31.90 15.97 -1.42
CA LYS D 134 -31.99 14.64 -0.82
C LYS D 134 -30.64 13.97 -0.56
N TYR D 135 -29.60 14.77 -0.46
CA TYR D 135 -28.26 14.20 -0.52
C TYR D 135 -27.97 13.25 0.63
N GLY D 136 -28.47 13.54 1.82
CA GLY D 136 -28.21 12.70 2.95
C GLY D 136 -28.91 11.37 2.73
N SER D 137 -30.11 11.43 2.21
CA SER D 137 -30.87 10.20 2.01
C SER D 137 -30.32 9.28 0.90
N ILE D 138 -29.53 9.80 -0.04
CA ILE D 138 -28.96 9.00 -1.13
C ILE D 138 -27.47 8.87 -1.03
N PHE D 139 -26.86 9.37 0.06
CA PHE D 139 -25.38 9.34 0.20
C PHE D 139 -24.81 7.90 0.06
N GLY D 140 -23.97 7.65 -0.94
CA GLY D 140 -23.22 6.41 -1.13
C GLY D 140 -21.71 6.59 -1.07
N ARG D 141 -21.07 6.66 -2.23
CA ARG D 141 -19.62 6.78 -2.33
C ARG D 141 -19.21 8.20 -1.97
N PRO D 142 -18.19 8.36 -1.10
CA PRO D 142 -17.75 9.72 -0.74
C PRO D 142 -17.17 10.51 -1.92
N GLN D 143 -17.54 11.77 -2.04
CA GLN D 143 -16.96 12.71 -3.07
C GLN D 143 -16.71 14.05 -2.45
N GLY D 144 -15.56 14.62 -2.77
CA GLY D 144 -15.14 15.87 -2.27
C GLY D 144 -14.64 15.91 -0.84
N LEU D 145 -14.28 17.12 -0.45
CA LEU D 145 -13.70 17.36 0.84
C LEU D 145 -14.61 18.31 1.60
N TYR D 146 -14.93 17.98 2.84
CA TYR D 146 -15.75 18.75 3.74
C TYR D 146 -14.86 19.39 4.82
N VAL D 147 -14.97 20.70 4.96
CA VAL D 147 -14.24 21.49 5.92
C VAL D 147 -15.29 22.13 6.80
N SER D 148 -15.35 21.79 8.08
CA SER D 148 -16.37 22.37 8.98
C SER D 148 -15.81 23.33 10.04
N LEU D 149 -16.72 24.05 10.72
CA LEU D 149 -16.40 24.80 11.91
C LEU D 149 -15.58 23.99 12.94
N LYS D 150 -15.88 22.71 13.10
CA LYS D 150 -15.06 21.85 14.01
C LYS D 150 -13.57 21.65 13.59
N ASP D 151 -13.22 22.05 12.37
CA ASP D 151 -11.86 22.03 11.85
C ASP D 151 -11.13 23.34 12.05
N LYS D 152 -11.72 24.27 12.79
CA LYS D 152 -11.09 25.54 13.06
C LYS D 152 -9.75 25.33 13.73
N GLY D 153 -8.76 26.01 13.23
CA GLY D 153 -7.35 25.86 13.66
C GLY D 153 -6.63 24.69 12.96
N LYS D 154 -7.37 23.84 12.26
CA LYS D 154 -6.84 22.61 11.68
C LYS D 154 -7.19 22.41 10.20
N VAL D 155 -7.46 23.51 9.47
CA VAL D 155 -7.95 23.37 8.07
C VAL D 155 -6.88 22.73 7.19
N LEU D 156 -5.64 23.16 7.40
CA LEU D 156 -4.51 22.68 6.63
C LEU D 156 -4.39 21.16 6.79
N GLU D 157 -4.52 20.67 8.02
CA GLU D 157 -4.49 19.23 8.34
C GLU D 157 -5.59 18.45 7.56
N VAL D 158 -6.77 19.03 7.41
CA VAL D 158 -7.82 18.41 6.60
C VAL D 158 -7.45 18.36 5.13
N LEU D 159 -6.88 19.45 4.60
CA LEU D 159 -6.41 19.44 3.17
C LEU D 159 -5.37 18.37 2.89
N ARG D 160 -4.52 18.10 3.88
CA ARG D 160 -3.48 17.10 3.69
CA ARG D 160 -3.47 17.06 3.75
C ARG D 160 -4.06 15.65 3.55
N ASN D 161 -5.32 15.44 3.94
CA ASN D 161 -5.96 14.13 3.77
C ASN D 161 -6.38 13.84 2.32
N TRP D 162 -6.44 14.85 1.45
CA TRP D 162 -6.84 14.64 0.07
C TRP D 162 -5.73 13.97 -0.67
N PRO D 163 -5.96 12.83 -1.31
CA PRO D 163 -4.77 12.12 -1.82
C PRO D 163 -4.22 12.57 -3.19
N HIS D 164 -4.70 13.67 -3.73
CA HIS D 164 -4.17 14.16 -5.03
C HIS D 164 -3.50 15.44 -4.74
N ARG D 165 -2.20 15.48 -4.98
CA ARG D 165 -1.37 16.58 -4.50
C ARG D 165 -1.34 17.83 -5.37
N ASN D 166 -1.44 17.69 -6.68
CA ASN D 166 -1.23 18.83 -7.57
C ASN D 166 -2.63 19.37 -7.87
N ILE D 167 -3.22 20.19 -7.00
CA ILE D 167 -4.57 20.70 -7.22
C ILE D 167 -4.42 22.03 -7.97
N GLN D 168 -5.16 22.20 -9.06
CA GLN D 168 -5.19 23.42 -9.84
C GLN D 168 -6.54 24.09 -9.88
N VAL D 169 -7.62 23.35 -9.65
CA VAL D 169 -8.96 23.94 -9.60
C VAL D 169 -9.74 23.46 -8.39
N ILE D 170 -10.11 24.41 -7.52
CA ILE D 170 -11.02 24.20 -6.42
C ILE D 170 -12.40 24.80 -6.76
N CYS D 171 -13.47 24.05 -6.54
CA CYS D 171 -14.83 24.58 -6.57
C CYS D 171 -15.40 24.37 -5.20
N VAL D 172 -15.77 25.49 -4.55
CA VAL D 172 -16.16 25.55 -3.17
C VAL D 172 -17.54 26.23 -2.99
N THR D 173 -18.36 25.66 -2.09
CA THR D 173 -19.63 26.24 -1.67
C THR D 173 -19.79 26.19 -0.16
N ASP D 174 -20.63 27.07 0.42
CA ASP D 174 -21.14 26.79 1.77
C ASP D 174 -22.61 26.34 1.81
N GLY D 175 -23.18 26.12 0.62
CA GLY D 175 -24.54 25.63 0.51
C GLY D 175 -25.65 26.60 0.89
N GLU D 176 -25.33 27.86 1.10
CA GLU D 176 -26.35 28.81 1.49
C GLU D 176 -27.37 29.17 0.38
N ARG D 177 -26.98 29.21 -0.89
CA ARG D 177 -27.92 29.55 -1.97
CA ARG D 177 -27.91 29.56 -1.96
C ARG D 177 -27.76 28.58 -3.12
N ILE D 178 -28.35 27.37 -2.99
CA ILE D 178 -28.16 26.33 -3.99
C ILE D 178 -29.25 26.52 -5.06
N LEU D 179 -28.83 26.88 -6.26
CA LEU D 179 -29.74 27.29 -7.34
C LEU D 179 -30.82 28.29 -6.81
N GLY D 180 -32.10 28.06 -7.04
CA GLY D 180 -33.17 28.90 -6.41
C GLY D 180 -33.81 28.11 -5.22
N LEU D 181 -33.13 27.09 -4.72
CA LEU D 181 -33.67 26.16 -3.74
C LEU D 181 -33.35 26.57 -2.32
N GLY D 182 -32.47 27.55 -2.14
CA GLY D 182 -32.15 28.08 -0.80
C GLY D 182 -31.04 27.29 -0.09
N ASP D 183 -31.12 27.30 1.21
CA ASP D 183 -30.04 26.91 2.08
C ASP D 183 -30.19 25.42 2.23
N LEU D 184 -29.19 24.66 1.77
CA LEU D 184 -29.19 23.22 1.88
C LEU D 184 -28.01 22.73 2.69
N GLY D 185 -27.29 23.66 3.28
CA GLY D 185 -26.21 23.39 4.17
C GLY D 185 -25.16 22.52 3.53
N CYS D 186 -24.76 21.52 4.28
CA CYS D 186 -23.67 20.65 3.85
C CYS D 186 -24.06 19.75 2.66
N GLN D 187 -25.36 19.58 2.41
CA GLN D 187 -25.85 18.86 1.23
C GLN D 187 -25.64 19.62 -0.07
N GLY D 188 -25.11 20.82 -0.01
CA GLY D 188 -24.68 21.53 -1.18
C GLY D 188 -23.53 20.94 -1.97
N MET D 189 -22.85 19.94 -1.39
CA MET D 189 -21.76 19.26 -2.03
C MET D 189 -21.97 18.87 -3.47
N GLY D 190 -23.20 18.50 -3.81
CA GLY D 190 -23.54 18.08 -5.14
C GLY D 190 -23.15 19.08 -6.19
N ILE D 191 -23.20 20.39 -5.86
CA ILE D 191 -22.91 21.45 -6.81
C ILE D 191 -21.43 21.46 -7.25
N PRO D 192 -20.49 21.66 -6.33
CA PRO D 192 -19.09 21.62 -6.75
C PRO D 192 -18.67 20.30 -7.41
N VAL D 193 -19.23 19.21 -6.93
CA VAL D 193 -18.94 17.96 -7.52
C VAL D 193 -19.39 17.95 -8.98
N GLY D 194 -20.58 18.46 -9.25
CA GLY D 194 -21.09 18.47 -10.61
C GLY D 194 -20.33 19.46 -11.48
N LYS D 195 -20.07 20.65 -10.92
CA LYS D 195 -19.26 21.69 -11.60
C LYS D 195 -17.89 21.13 -12.06
N LEU D 196 -17.19 20.40 -11.17
CA LEU D 196 -15.90 19.87 -11.54
C LEU D 196 -15.99 18.81 -12.61
N ALA D 197 -16.97 17.92 -12.55
CA ALA D 197 -17.20 17.00 -13.66
C ALA D 197 -17.35 17.70 -15.03
N LEU D 198 -18.04 18.84 -15.04
CA LEU D 198 -18.13 19.65 -16.25
C LEU D 198 -16.83 20.31 -16.66
N TYR D 199 -16.00 20.75 -15.71
CA TYR D 199 -14.66 21.22 -16.01
C TYR D 199 -13.90 20.18 -16.79
N THR D 200 -14.03 18.92 -16.36
CA THR D 200 -13.37 17.82 -17.06
C THR D 200 -14.06 17.43 -18.38
N ALA D 201 -15.35 17.16 -18.33
CA ALA D 201 -16.03 16.69 -19.51
C ALA D 201 -16.10 17.78 -20.65
N LEU D 202 -16.46 19.00 -20.27
CA LEU D 202 -16.73 20.09 -21.19
C LEU D 202 -15.52 20.95 -21.49
N GLY D 203 -14.60 21.13 -20.52
CA GLY D 203 -13.43 21.97 -20.64
C GLY D 203 -12.08 21.25 -20.77
N GLY D 204 -12.07 19.94 -20.65
CA GLY D 204 -10.82 19.18 -20.68
C GLY D 204 -9.83 19.37 -19.53
N VAL D 205 -10.25 19.84 -18.36
CA VAL D 205 -9.32 19.87 -17.23
C VAL D 205 -9.23 18.46 -16.69
N ASP D 206 -8.02 18.06 -16.36
CA ASP D 206 -7.71 16.76 -15.81
C ASP D 206 -8.42 16.61 -14.40
N PRO D 207 -9.30 15.59 -14.24
CA PRO D 207 -10.03 15.43 -12.97
C PRO D 207 -9.13 15.27 -11.73
N SER D 208 -7.90 14.73 -11.87
CA SER D 208 -6.98 14.62 -10.79
C SER D 208 -6.56 15.94 -10.19
N VAL D 209 -6.60 17.00 -10.98
CA VAL D 209 -6.25 18.29 -10.44
C VAL D 209 -7.46 19.11 -9.92
N CYS D 210 -8.64 18.50 -9.79
CA CYS D 210 -9.87 19.15 -9.30
C CYS D 210 -10.23 18.72 -7.87
N LEU D 211 -10.62 19.66 -7.04
CA LEU D 211 -10.93 19.42 -5.67
C LEU D 211 -12.27 20.12 -5.34
N PRO D 212 -13.35 19.36 -5.18
CA PRO D 212 -14.62 19.92 -4.69
C PRO D 212 -14.64 20.00 -3.22
N ILE D 213 -15.10 21.12 -2.70
CA ILE D 213 -15.07 21.43 -1.27
C ILE D 213 -16.39 22.00 -0.85
N THR D 214 -16.83 21.59 0.33
CA THR D 214 -17.98 22.19 0.94
C THR D 214 -17.50 22.66 2.27
N ILE D 215 -17.78 23.91 2.55
CA ILE D 215 -17.55 24.48 3.84
C ILE D 215 -18.85 24.44 4.61
N ASP D 216 -18.86 23.68 5.69
CA ASP D 216 -20.00 23.49 6.58
C ASP D 216 -19.90 24.37 7.83
N VAL D 217 -20.70 25.43 7.85
CA VAL D 217 -20.81 26.30 8.98
C VAL D 217 -22.18 26.25 9.60
N GLY D 218 -22.91 25.20 9.33
CA GLY D 218 -24.30 25.11 9.77
C GLY D 218 -25.27 25.46 8.65
N THR D 219 -26.56 25.41 8.99
CA THR D 219 -27.64 25.63 8.03
C THR D 219 -28.83 26.23 8.74
N ASN D 220 -29.53 27.15 8.09
CA ASN D 220 -30.75 27.69 8.65
C ASN D 220 -31.97 26.93 8.21
N ASN D 221 -31.81 25.85 7.45
CA ASN D 221 -32.95 25.06 7.03
C ASN D 221 -33.41 24.15 8.15
N GLU D 222 -34.53 24.49 8.80
CA GLU D 222 -35.03 23.71 9.94
C GLU D 222 -35.39 22.27 9.55
N LYS D 223 -35.89 22.10 8.34
CA LYS D 223 -36.22 20.78 7.89
C LYS D 223 -34.95 19.89 7.90
N LEU D 224 -33.78 20.43 7.54
CA LEU D 224 -32.57 19.63 7.56
C LEU D 224 -32.08 19.44 8.99
N LEU D 225 -32.13 20.47 9.82
CA LEU D 225 -31.71 20.36 11.20
C LEU D 225 -32.48 19.30 11.97
N ASN D 226 -33.73 19.07 11.60
CA ASN D 226 -34.58 17.98 12.14
C ASN D 226 -34.54 16.64 11.38
N ASP D 227 -33.75 16.53 10.30
CA ASP D 227 -33.77 15.32 9.46
C ASP D 227 -32.70 14.38 9.99
N GLU D 228 -33.08 13.14 10.25
CA GLU D 228 -32.10 12.18 10.81
C GLU D 228 -30.97 11.83 9.81
N PHE D 229 -31.22 12.05 8.54
CA PHE D 229 -30.21 11.77 7.51
C PHE D 229 -29.34 12.96 7.06
N TYR D 230 -29.54 14.13 7.67
CA TYR D 230 -28.76 15.28 7.32
C TYR D 230 -27.30 15.01 7.67
N ILE D 231 -26.41 15.35 6.75
CA ILE D 231 -24.98 14.97 6.88
C ILE D 231 -24.13 16.05 7.51
N GLY D 232 -24.71 17.23 7.77
CA GLY D 232 -23.95 18.39 8.27
C GLY D 232 -23.91 18.61 9.76
N LEU D 233 -23.27 19.67 10.18
CA LEU D 233 -23.40 20.18 11.52
C LEU D 233 -24.83 20.56 11.87
N ARG D 234 -25.30 20.09 13.00
CA ARG D 234 -26.65 20.31 13.45
C ARG D 234 -26.74 21.60 14.24
N GLN D 235 -26.49 22.70 13.56
CA GLN D 235 -26.61 24.04 14.12
C GLN D 235 -27.01 25.04 13.07
N LYS D 236 -27.53 26.17 13.51
CA LYS D 236 -27.76 27.32 12.63
C LYS D 236 -26.42 27.91 12.11
N ARG D 237 -26.49 28.58 10.97
CA ARG D 237 -25.28 29.10 10.34
C ARG D 237 -24.51 30.07 11.20
N ALA D 238 -23.19 29.84 11.25
CA ALA D 238 -22.29 30.81 11.84
C ALA D 238 -22.24 32.04 10.95
N THR D 239 -22.12 33.21 11.59
CA THR D 239 -22.05 34.51 10.92
C THR D 239 -20.97 35.36 11.55
N GLY D 240 -20.78 36.58 11.03
CA GLY D 240 -19.87 37.56 11.61
C GLY D 240 -18.41 37.09 11.64
N GLU D 241 -17.72 37.44 12.70
CA GLU D 241 -16.30 37.12 12.81
C GLU D 241 -15.99 35.61 12.77
N GLU D 242 -16.82 34.82 13.44
CA GLU D 242 -16.72 33.36 13.46
C GLU D 242 -16.72 32.78 12.04
N TYR D 243 -17.68 33.21 11.20
CA TYR D 243 -17.70 32.78 9.79
C TYR D 243 -16.44 33.24 9.08
N ASP D 244 -16.16 34.54 9.19
CA ASP D 244 -14.99 35.12 8.47
C ASP D 244 -13.60 34.52 8.82
N GLU D 245 -13.43 34.15 10.08
CA GLU D 245 -12.23 33.48 10.53
C GLU D 245 -12.01 32.13 9.86
N LEU D 246 -13.07 31.33 9.74
CA LEU D 246 -12.96 30.04 9.06
C LEU D 246 -12.61 30.21 7.60
N ILE D 247 -13.26 31.15 6.92
CA ILE D 247 -13.00 31.40 5.54
C ILE D 247 -11.57 31.92 5.36
N GLU D 248 -11.11 32.80 6.22
CA GLU D 248 -9.73 33.31 6.13
C GLU D 248 -8.69 32.17 6.30
N GLU D 249 -8.91 31.31 7.30
CA GLU D 249 -7.98 30.17 7.53
C GLU D 249 -7.99 29.28 6.29
N PHE D 250 -9.18 29.09 5.70
CA PHE D 250 -9.32 28.27 4.52
C PHE D 250 -8.55 28.84 3.34
N MET D 251 -8.77 30.10 3.04
CA MET D 251 -8.07 30.76 1.93
C MET D 251 -6.56 30.87 2.12
N SER D 252 -6.14 31.11 3.35
CA SER D 252 -4.71 31.07 3.68
C SER D 252 -4.12 29.62 3.55
N ALA D 253 -4.88 28.62 3.95
CA ALA D 253 -4.41 27.24 3.81
C ALA D 253 -4.25 26.79 2.37
N VAL D 254 -5.20 27.17 1.54
CA VAL D 254 -5.15 26.82 0.15
C VAL D 254 -3.92 27.45 -0.52
N LYS D 255 -3.64 28.71 -0.20
CA LYS D 255 -2.44 29.42 -0.74
C LYS D 255 -1.16 28.70 -0.29
N GLN D 256 -1.03 28.43 1.02
CA GLN D 256 0.18 27.78 1.53
C GLN D 256 0.37 26.40 0.94
N PHE D 257 -0.70 25.65 0.75
CA PHE D 257 -0.58 24.25 0.33
C PHE D 257 -0.53 24.11 -1.19
N TYR D 258 -1.30 24.88 -1.94
CA TYR D 258 -1.41 24.71 -3.41
C TYR D 258 -0.76 25.83 -4.19
N GLY D 259 -0.30 26.87 -3.50
CA GLY D 259 0.45 27.93 -4.13
C GLY D 259 -0.43 29.06 -4.67
N GLU D 260 0.24 29.96 -5.36
CA GLU D 260 -0.37 31.19 -5.91
C GLU D 260 -1.30 30.97 -7.12
N LYS D 261 -1.07 29.96 -7.94
CA LYS D 261 -1.78 29.81 -9.21
C LYS D 261 -3.07 28.94 -9.15
N VAL D 262 -3.44 28.46 -7.96
CA VAL D 262 -4.65 27.60 -7.83
C VAL D 262 -5.92 28.46 -8.06
N LEU D 263 -6.79 27.97 -8.93
CA LEU D 263 -8.07 28.65 -9.21
C LEU D 263 -9.10 28.27 -8.13
N ILE D 264 -9.67 29.25 -7.46
CA ILE D 264 -10.76 29.01 -6.51
C ILE D 264 -12.06 29.58 -7.11
N GLN D 265 -12.97 28.67 -7.52
CA GLN D 265 -14.27 28.99 -8.00
C GLN D 265 -15.31 28.88 -6.88
N PHE D 266 -15.90 30.02 -6.56
CA PHE D 266 -16.92 30.15 -5.54
C PHE D 266 -18.26 29.87 -6.21
N GLU D 267 -19.06 29.00 -5.57
CA GLU D 267 -20.42 28.59 -6.02
C GLU D 267 -21.42 28.67 -4.90
N ASP D 268 -22.54 29.31 -5.20
CA ASP D 268 -23.76 29.18 -4.40
C ASP D 268 -23.61 29.66 -2.97
N PHE D 269 -22.89 30.76 -2.84
CA PHE D 269 -22.88 31.55 -1.64
C PHE D 269 -24.07 32.48 -1.66
N ALA D 270 -24.55 32.88 -0.48
CA ALA D 270 -25.52 33.97 -0.43
C ALA D 270 -24.88 35.19 -1.07
N ASN D 271 -25.72 36.09 -1.54
CA ASN D 271 -25.27 37.20 -2.37
C ASN D 271 -24.33 38.16 -1.62
N HIS D 272 -24.63 38.43 -0.36
CA HIS D 272 -23.79 39.31 0.45
C HIS D 272 -22.39 38.65 0.63
N ASN D 273 -22.34 37.37 0.99
CA ASN D 273 -21.05 36.68 1.13
C ASN D 273 -20.36 36.57 -0.18
N ALA D 274 -21.10 36.32 -1.26
CA ALA D 274 -20.52 36.14 -2.55
C ALA D 274 -19.70 37.35 -2.96
N PHE D 275 -20.25 38.51 -2.69
CA PHE D 275 -19.66 39.76 -3.07
C PHE D 275 -18.45 40.10 -2.20
N ASP D 276 -18.64 40.02 -0.88
CA ASP D 276 -17.57 40.27 0.10
C ASP D 276 -16.37 39.36 -0.17
N LEU D 277 -16.58 38.06 -0.39
CA LEU D 277 -15.44 37.17 -0.64
C LEU D 277 -14.70 37.54 -1.94
N LEU D 278 -15.47 37.85 -2.97
CA LEU D 278 -14.91 38.25 -4.26
C LEU D 278 -14.13 39.52 -4.04
N GLU D 279 -14.67 40.44 -3.24
CA GLU D 279 -14.00 41.70 -2.98
C GLU D 279 -12.67 41.50 -2.26
N LYS D 280 -12.73 40.82 -1.12
CA LYS D 280 -11.57 40.59 -0.29
C LYS D 280 -10.46 39.73 -1.02
N TYR D 281 -10.84 38.61 -1.61
CA TYR D 281 -9.84 37.61 -2.09
C TYR D 281 -9.37 37.79 -3.55
N SER D 282 -10.07 38.62 -4.31
CA SER D 282 -9.63 39.08 -5.66
C SER D 282 -8.25 39.72 -5.77
N LYS D 283 -7.83 40.34 -4.70
CA LYS D 283 -6.55 41.01 -4.61
C LYS D 283 -5.43 40.06 -4.22
N SER D 284 -5.76 38.94 -3.56
CA SER D 284 -4.77 38.01 -3.00
C SER D 284 -4.68 36.60 -3.66
N HIS D 285 -5.68 36.20 -4.45
CA HIS D 285 -5.79 34.83 -4.99
C HIS D 285 -6.37 34.90 -6.38
N LEU D 286 -6.22 33.81 -7.11
CA LEU D 286 -6.92 33.66 -8.37
C LEU D 286 -8.33 33.11 -8.09
N VAL D 287 -9.36 33.99 -8.16
CA VAL D 287 -10.72 33.67 -7.79
C VAL D 287 -11.72 34.07 -8.85
N PHE D 288 -12.83 33.35 -8.84
CA PHE D 288 -13.90 33.45 -9.81
C PHE D 288 -15.17 33.03 -9.11
N ASN D 289 -16.18 33.87 -9.12
CA ASN D 289 -17.53 33.51 -8.63
C ASN D 289 -18.38 33.15 -9.83
N ASP D 290 -18.81 31.92 -9.90
CA ASP D 290 -19.55 31.46 -11.06
C ASP D 290 -20.90 32.20 -11.18
N ASP D 291 -21.50 32.52 -10.06
CA ASP D 291 -22.84 33.10 -10.07
C ASP D 291 -22.85 34.58 -10.48
N ILE D 292 -21.87 35.37 -10.03
CA ILE D 292 -21.75 36.77 -10.35
C ILE D 292 -21.01 37.02 -11.67
N GLN D 293 -19.93 36.30 -11.94
CA GLN D 293 -19.11 36.52 -13.15
C GLN D 293 -19.41 35.57 -14.28
N GLY D 294 -19.60 34.28 -13.97
CA GLY D 294 -19.89 33.27 -14.97
C GLY D 294 -21.24 33.53 -15.62
N THR D 295 -22.23 33.76 -14.79
CA THR D 295 -23.57 33.93 -15.27
C THR D 295 -23.58 35.26 -16.05
N ALA D 296 -22.92 36.29 -15.54
CA ALA D 296 -22.77 37.55 -16.28
C ALA D 296 -22.19 37.31 -17.68
N SER D 297 -21.15 36.50 -17.76
CA SER D 297 -20.54 36.25 -19.04
C SER D 297 -21.38 35.42 -19.99
N VAL D 298 -22.11 34.40 -19.51
CA VAL D 298 -22.89 33.62 -20.45
C VAL D 298 -24.10 34.48 -20.97
N VAL D 299 -24.63 35.36 -20.12
CA VAL D 299 -25.75 36.20 -20.50
C VAL D 299 -25.35 37.23 -21.60
N LEU D 300 -24.21 37.92 -21.40
CA LEU D 300 -23.67 38.81 -22.39
C LEU D 300 -23.49 38.09 -23.68
N ALA D 301 -22.93 36.87 -23.65
CA ALA D 301 -22.74 36.15 -24.89
C ALA D 301 -24.07 35.82 -25.59
N GLY D 302 -25.09 35.58 -24.78
CA GLY D 302 -26.40 35.25 -25.29
C GLY D 302 -26.99 36.48 -25.97
N LEU D 303 -26.81 37.63 -25.35
CA LEU D 303 -27.28 38.88 -25.94
C LEU D 303 -26.52 39.27 -27.20
N LEU D 304 -25.22 38.98 -27.26
CA LEU D 304 -24.46 39.23 -28.48
C LEU D 304 -24.90 38.32 -29.57
N ALA D 305 -25.18 37.04 -29.26
CA ALA D 305 -25.72 36.19 -30.30
C ALA D 305 -27.10 36.67 -30.76
N ALA D 306 -27.97 37.00 -29.81
CA ALA D 306 -29.37 37.33 -30.11
C ALA D 306 -29.47 38.51 -31.06
N LEU D 307 -28.62 39.52 -30.86
CA LEU D 307 -28.58 40.68 -31.73
C LEU D 307 -27.95 40.38 -33.09
N LYS D 308 -27.03 39.42 -33.18
CA LYS D 308 -26.62 38.94 -34.50
C LYS D 308 -27.80 38.32 -35.23
N MET D 309 -28.75 37.74 -34.50
CA MET D 309 -29.86 37.04 -35.15
C MET D 309 -31.08 37.94 -35.51
N VAL D 310 -31.29 39.07 -34.84
CA VAL D 310 -32.43 39.98 -35.12
C VAL D 310 -32.05 41.44 -35.33
N GLY D 311 -30.76 41.69 -35.58
CA GLY D 311 -30.24 43.02 -35.72
C GLY D 311 -30.18 43.86 -34.45
N GLY D 312 -29.31 44.87 -34.49
CA GLY D 312 -29.28 45.91 -33.48
C GLY D 312 -28.02 45.82 -32.65
N THR D 313 -27.96 46.75 -31.71
CA THR D 313 -26.76 47.06 -30.99
C THR D 313 -27.12 46.92 -29.50
N LEU D 314 -26.12 46.54 -28.74
CA LEU D 314 -26.23 46.41 -27.31
C LEU D 314 -26.59 47.74 -26.67
N ALA D 315 -25.99 48.82 -27.18
CA ALA D 315 -26.28 50.17 -26.65
C ALA D 315 -27.70 50.65 -26.90
N GLU D 316 -28.37 50.13 -27.89
CA GLU D 316 -29.73 50.65 -28.17
C GLU D 316 -30.86 49.86 -27.49
N GLN D 317 -30.51 48.83 -26.73
CA GLN D 317 -31.49 48.07 -25.97
C GLN D 317 -31.84 48.75 -24.69
N THR D 318 -32.98 48.33 -24.16
CA THR D 318 -33.49 48.74 -22.89
C THR D 318 -33.69 47.39 -22.10
N TYR D 319 -33.05 47.31 -20.94
CA TYR D 319 -32.88 46.04 -20.25
C TYR D 319 -33.68 46.14 -19.00
N LEU D 320 -34.49 45.12 -18.72
CA LEU D 320 -35.21 45.06 -17.39
C LEU D 320 -34.91 43.74 -16.67
N PHE D 321 -34.48 43.81 -15.42
CA PHE D 321 -34.14 42.60 -14.62
C PHE D 321 -35.19 42.38 -13.57
N LEU D 322 -35.63 41.14 -13.39
CA LEU D 322 -36.28 40.73 -12.14
C LEU D 322 -35.24 40.06 -11.23
N GLY D 323 -34.94 40.71 -10.13
CA GLY D 323 -33.95 40.20 -9.13
C GLY D 323 -32.73 41.09 -9.18
N ALA D 324 -32.54 41.82 -8.12
CA ALA D 324 -31.41 42.72 -7.95
C ALA D 324 -30.46 42.27 -6.85
N GLY D 325 -30.27 40.96 -6.71
CA GLY D 325 -29.13 40.44 -6.00
C GLY D 325 -27.80 40.91 -6.63
N GLU D 326 -26.71 40.71 -5.89
CA GLU D 326 -25.36 40.92 -6.40
C GLU D 326 -25.11 40.01 -7.65
N ALA D 327 -25.88 38.93 -7.89
CA ALA D 327 -25.88 38.30 -9.26
C ALA D 327 -26.57 39.06 -10.47
N GLY D 328 -27.70 39.69 -10.18
CA GLY D 328 -28.42 40.45 -11.22
C GLY D 328 -27.64 41.71 -11.56
N THR D 329 -27.16 42.38 -10.52
CA THR D 329 -26.37 43.57 -10.70
C THR D 329 -25.04 43.24 -11.34
N GLY D 330 -24.58 42.02 -11.16
CA GLY D 330 -23.35 41.55 -11.78
C GLY D 330 -23.53 41.37 -13.25
N ILE D 331 -24.64 40.75 -13.66
CA ILE D 331 -24.96 40.65 -15.07
C ILE D 331 -25.12 42.07 -15.71
N ALA D 332 -25.89 42.90 -15.02
CA ALA D 332 -26.13 44.25 -15.46
C ALA D 332 -24.80 44.98 -15.64
N GLU D 333 -23.91 44.85 -14.66
CA GLU D 333 -22.61 45.59 -14.68
C GLU D 333 -21.77 45.17 -15.87
N LEU D 334 -21.81 43.90 -16.25
CA LEU D 334 -21.03 43.43 -17.38
C LEU D 334 -21.67 43.92 -18.70
N ILE D 335 -23.01 44.00 -18.77
CA ILE D 335 -23.66 44.54 -20.00
C ILE D 335 -23.21 46.01 -20.11
N ALA D 336 -23.30 46.78 -19.05
CA ALA D 336 -22.88 48.18 -19.06
C ALA D 336 -21.40 48.31 -19.42
N LEU D 337 -20.59 47.42 -18.91
CA LEU D 337 -19.19 47.41 -19.29
C LEU D 337 -18.97 47.17 -20.77
N GLU D 338 -19.61 46.18 -21.36
CA GLU D 338 -19.39 45.97 -22.80
C GLU D 338 -19.94 47.14 -23.65
N ILE D 339 -21.08 47.73 -23.27
CA ILE D 339 -21.59 48.95 -23.96
C ILE D 339 -20.51 50.05 -23.92
N SER D 340 -19.94 50.29 -22.76
CA SER D 340 -18.81 51.21 -22.56
CA SER D 340 -18.81 51.22 -22.58
C SER D 340 -17.67 50.96 -23.55
N LYS D 341 -17.31 49.71 -23.75
CA LYS D 341 -16.23 49.36 -24.65
C LYS D 341 -16.60 49.63 -26.08
N GLN D 342 -17.87 49.40 -26.45
CA GLN D 342 -18.32 49.48 -27.85
C GLN D 342 -18.59 50.89 -28.35
N THR D 343 -18.94 51.77 -27.41
CA THR D 343 -19.31 53.13 -27.67
C THR D 343 -18.37 54.20 -27.11
N ASN D 344 -17.62 53.86 -26.09
CA ASN D 344 -16.70 54.75 -25.43
C ASN D 344 -17.33 55.65 -24.44
N ALA D 345 -18.60 55.49 -24.18
CA ALA D 345 -19.25 56.34 -23.24
C ALA D 345 -18.81 55.94 -21.87
N PRO D 346 -18.90 56.92 -20.89
CA PRO D 346 -18.50 56.46 -19.55
C PRO D 346 -19.45 55.33 -19.07
N ILE D 347 -18.99 54.45 -18.18
CA ILE D 347 -19.76 53.29 -17.69
C ILE D 347 -21.09 53.78 -17.09
N GLU D 348 -21.05 54.86 -16.35
CA GLU D 348 -22.26 55.49 -15.78
C GLU D 348 -23.44 55.72 -16.76
N GLU D 349 -23.10 56.26 -17.91
CA GLU D 349 -24.12 56.51 -18.94
C GLU D 349 -24.57 55.24 -19.61
N CYS D 350 -23.68 54.24 -19.66
CA CYS D 350 -24.03 52.94 -20.17
C CYS D 350 -25.02 52.17 -19.27
N ARG D 351 -25.24 52.64 -18.04
CA ARG D 351 -26.23 52.05 -17.12
C ARG D 351 -27.66 52.58 -17.25
N LYS D 352 -27.82 53.71 -17.94
CA LYS D 352 -29.09 54.50 -17.97
C LYS D 352 -30.28 53.72 -18.49
N LYS D 353 -30.05 52.83 -19.43
CA LYS D 353 -31.10 51.97 -19.97
C LYS D 353 -31.11 50.54 -19.36
N VAL D 354 -30.58 50.39 -18.15
CA VAL D 354 -30.52 49.09 -17.50
C VAL D 354 -31.28 49.26 -16.21
N TRP D 355 -32.42 48.53 -16.08
CA TRP D 355 -33.26 48.67 -14.89
C TRP D 355 -33.39 47.36 -14.13
N LEU D 356 -33.58 47.44 -12.81
CA LEU D 356 -33.73 46.26 -11.95
C LEU D 356 -34.88 46.45 -11.01
N VAL D 357 -35.63 45.34 -10.86
CA VAL D 357 -36.73 45.23 -9.94
C VAL D 357 -36.29 44.27 -8.80
N ASP D 358 -36.33 44.77 -7.55
CA ASP D 358 -36.11 43.94 -6.33
C ASP D 358 -37.48 43.61 -5.69
N SER D 359 -37.47 43.02 -4.47
CA SER D 359 -38.69 42.71 -3.71
C SER D 359 -39.56 43.94 -3.35
N LYS D 360 -39.02 45.13 -3.22
CA LYS D 360 -39.87 46.28 -2.93
C LYS D 360 -40.27 47.03 -4.22
N GLY D 361 -39.86 46.56 -5.38
CA GLY D 361 -40.16 47.27 -6.66
C GLY D 361 -38.96 47.70 -7.49
N LEU D 362 -39.23 48.54 -8.48
CA LEU D 362 -38.19 49.11 -9.33
C LEU D 362 -37.18 49.96 -8.51
N ILE D 363 -35.90 49.77 -8.81
CA ILE D 363 -34.84 50.51 -8.19
C ILE D 363 -34.75 51.87 -8.88
N VAL D 364 -35.05 52.91 -8.11
CA VAL D 364 -35.20 54.26 -8.66
C VAL D 364 -34.59 55.31 -7.71
N ASP D 365 -34.24 56.45 -8.27
CA ASP D 365 -33.49 57.50 -7.55
C ASP D 365 -34.11 57.92 -6.21
N SER D 366 -35.43 58.07 -6.17
CA SER D 366 -36.13 58.49 -4.94
C SER D 366 -36.01 57.48 -3.78
N ARG D 367 -35.60 56.25 -4.10
CA ARG D 367 -35.33 55.22 -3.10
C ARG D 367 -33.83 55.26 -2.63
N LYS D 368 -32.99 55.97 -3.38
CA LYS D 368 -31.52 55.77 -3.33
C LYS D 368 -30.91 55.90 -1.93
N GLY D 369 -31.39 56.91 -1.19
CA GLY D 369 -31.02 57.14 0.19
C GLY D 369 -31.14 55.88 1.07
N SER D 370 -32.11 55.01 0.79
CA SER D 370 -32.28 53.85 1.63
C SER D 370 -31.88 52.48 0.98
N LEU D 371 -31.12 52.51 -0.12
CA LEU D 371 -30.70 51.26 -0.76
C LEU D 371 -29.37 50.83 -0.21
N GLN D 372 -29.13 49.52 -0.24
CA GLN D 372 -27.76 48.98 -0.13
C GLN D 372 -26.86 49.59 -1.21
N PRO D 373 -25.60 49.94 -0.87
CA PRO D 373 -24.71 50.65 -1.84
C PRO D 373 -24.58 50.06 -3.25
N PHE D 374 -24.60 48.73 -3.38
CA PHE D 374 -24.45 48.10 -4.68
C PHE D 374 -25.65 48.31 -5.66
N LYS D 375 -26.80 48.72 -5.14
CA LYS D 375 -28.00 48.92 -5.94
C LYS D 375 -28.06 50.34 -6.47
N LYS D 376 -27.29 51.23 -5.84
CA LYS D 376 -27.31 52.68 -6.10
C LYS D 376 -26.94 53.10 -7.49
N PRO D 377 -25.95 52.44 -8.13
CA PRO D 377 -25.61 52.82 -9.54
C PRO D 377 -26.78 52.56 -10.54
N TRP D 378 -27.78 51.77 -10.13
CA TRP D 378 -28.90 51.43 -10.99
C TRP D 378 -30.12 52.28 -10.63
N ALA D 379 -30.01 53.11 -9.60
CA ALA D 379 -31.12 53.88 -9.12
C ALA D 379 -31.40 55.16 -9.98
N HIS D 380 -31.88 54.95 -11.20
CA HIS D 380 -32.12 56.09 -12.13
C HIS D 380 -33.39 56.83 -11.76
N GLU D 381 -33.53 58.06 -12.26
CA GLU D 381 -34.74 58.85 -11.95
C GLU D 381 -35.99 58.25 -12.65
N HIS D 382 -37.05 58.03 -11.89
CA HIS D 382 -38.25 57.44 -12.42
C HIS D 382 -39.29 57.36 -11.36
N GLU D 383 -40.54 57.42 -11.78
CA GLU D 383 -41.69 57.17 -10.90
CA GLU D 383 -41.64 57.21 -10.82
C GLU D 383 -41.54 55.81 -10.17
N PRO D 384 -41.78 55.75 -8.85
CA PRO D 384 -41.71 54.44 -8.15
C PRO D 384 -42.83 53.50 -8.58
N LEU D 385 -42.46 52.25 -8.85
CA LEU D 385 -43.37 51.21 -9.37
C LEU D 385 -43.16 49.95 -8.52
N LYS D 386 -44.27 49.36 -8.07
CA LYS D 386 -44.23 48.22 -7.15
C LYS D 386 -44.02 46.88 -7.80
N THR D 387 -44.54 46.67 -9.00
CA THR D 387 -44.62 45.32 -9.61
C THR D 387 -43.87 45.26 -10.89
N LEU D 388 -43.42 44.06 -11.21
CA LEU D 388 -42.70 43.78 -12.43
C LEU D 388 -43.52 44.19 -13.65
N TYR D 389 -44.81 43.90 -13.64
CA TYR D 389 -45.68 44.09 -14.79
C TYR D 389 -45.76 45.59 -15.09
N ASP D 390 -46.00 46.40 -14.08
CA ASP D 390 -46.01 47.86 -14.23
C ASP D 390 -44.69 48.37 -14.78
N ALA D 391 -43.58 47.84 -14.29
CA ALA D 391 -42.28 48.20 -14.77
C ALA D 391 -42.14 47.78 -16.23
N VAL D 392 -42.59 46.57 -16.61
CA VAL D 392 -42.53 46.14 -18.00
C VAL D 392 -43.35 47.14 -18.90
N GLN D 393 -44.58 47.45 -18.50
CA GLN D 393 -45.39 48.43 -19.28
C GLN D 393 -44.81 49.88 -19.25
N SER D 394 -44.22 50.33 -18.15
CA SER D 394 -43.62 51.68 -18.14
C SER D 394 -42.25 51.79 -18.89
N ILE D 395 -41.33 50.87 -18.65
CA ILE D 395 -39.97 50.97 -19.20
C ILE D 395 -39.95 50.50 -20.66
N LYS D 396 -40.73 49.49 -20.99
CA LYS D 396 -40.81 48.95 -22.33
C LYS D 396 -39.48 48.40 -22.80
N PRO D 397 -38.91 47.50 -21.98
CA PRO D 397 -37.63 46.93 -22.38
C PRO D 397 -37.70 46.10 -23.65
N THR D 398 -36.58 46.03 -24.35
CA THR D 398 -36.41 45.12 -25.39
C THR D 398 -35.87 43.78 -24.89
N VAL D 399 -35.33 43.78 -23.65
CA VAL D 399 -34.73 42.59 -23.05
C VAL D 399 -35.25 42.45 -21.65
N LEU D 400 -35.71 41.25 -21.33
CA LEU D 400 -36.19 40.97 -19.95
C LEU D 400 -35.39 39.80 -19.44
N ILE D 401 -34.71 39.97 -18.31
CA ILE D 401 -33.86 38.94 -17.76
C ILE D 401 -34.28 38.55 -16.34
N GLY D 402 -34.52 37.26 -16.08
CA GLY D 402 -35.02 36.86 -14.75
C GLY D 402 -33.96 36.18 -13.93
N THR D 403 -33.66 36.73 -12.75
CA THR D 403 -32.67 36.13 -11.79
C THR D 403 -33.26 35.86 -10.39
N SER D 404 -34.58 35.88 -10.28
CA SER D 404 -35.27 35.90 -8.97
CA SER D 404 -35.30 35.88 -8.99
C SER D 404 -35.10 34.63 -8.09
N GLY D 405 -34.94 33.47 -8.70
CA GLY D 405 -35.08 32.20 -7.96
C GLY D 405 -36.56 31.82 -7.71
N VAL D 406 -37.52 32.53 -8.31
CA VAL D 406 -38.96 32.29 -8.03
C VAL D 406 -39.57 31.87 -9.35
N GLY D 407 -40.18 30.70 -9.36
CA GLY D 407 -40.80 30.21 -10.58
C GLY D 407 -42.05 30.99 -11.01
N ARG D 408 -42.27 31.03 -12.30
CA ARG D 408 -43.59 31.42 -12.80
CA ARG D 408 -43.54 31.47 -12.90
C ARG D 408 -43.86 32.92 -12.66
N THR D 409 -42.80 33.73 -12.53
CA THR D 409 -42.95 35.17 -12.37
C THR D 409 -43.03 35.96 -13.68
N PHE D 410 -42.62 35.34 -14.77
CA PHE D 410 -42.88 35.86 -16.12
C PHE D 410 -44.22 35.26 -16.56
N THR D 411 -45.28 36.00 -16.22
CA THR D 411 -46.65 35.56 -16.41
C THR D 411 -47.10 35.77 -17.84
N LYS D 412 -48.30 35.30 -18.16
CA LYS D 412 -48.90 35.58 -19.48
C LYS D 412 -48.99 37.10 -19.78
N GLU D 413 -49.39 37.87 -18.81
CA GLU D 413 -49.58 39.27 -18.99
C GLU D 413 -48.23 39.95 -19.34
N ILE D 414 -47.19 39.61 -18.58
CA ILE D 414 -45.81 40.09 -18.83
C ILE D 414 -45.30 39.71 -20.20
N ILE D 415 -45.47 38.47 -20.61
CA ILE D 415 -44.93 38.06 -21.90
C ILE D 415 -45.74 38.63 -23.06
N GLU D 416 -47.05 38.56 -22.97
CA GLU D 416 -47.89 39.28 -23.91
C GLU D 416 -47.49 40.77 -24.01
N ALA D 417 -47.22 41.47 -22.91
CA ALA D 417 -46.82 42.87 -22.97
C ALA D 417 -45.52 43.06 -23.72
N MET D 418 -44.48 42.32 -23.31
CA MET D 418 -43.20 42.31 -24.00
C MET D 418 -43.37 42.10 -25.52
N SER D 419 -44.31 41.27 -25.92
CA SER D 419 -44.52 40.90 -27.33
C SER D 419 -45.40 41.93 -28.12
N SER D 420 -46.00 42.89 -27.42
CA SER D 420 -46.85 43.89 -28.05
C SER D 420 -46.03 45.12 -28.43
N PHE D 421 -44.99 45.47 -27.66
CA PHE D 421 -44.12 46.63 -28.06
C PHE D 421 -42.74 46.23 -28.56
N ASN D 422 -42.46 44.93 -28.72
CA ASN D 422 -41.27 44.49 -29.43
C ASN D 422 -41.68 43.50 -30.48
N GLU D 423 -41.07 43.61 -31.66
CA GLU D 423 -41.16 42.61 -32.73
CA GLU D 423 -41.23 42.57 -32.72
C GLU D 423 -40.60 41.24 -32.29
N ARG D 424 -39.39 41.26 -31.71
CA ARG D 424 -38.71 40.03 -31.21
C ARG D 424 -38.24 40.21 -29.74
N PRO D 425 -39.19 40.12 -28.76
CA PRO D 425 -38.81 40.33 -27.36
C PRO D 425 -37.75 39.32 -26.91
N ILE D 426 -36.72 39.83 -26.24
CA ILE D 426 -35.65 38.95 -25.80
C ILE D 426 -35.92 38.56 -24.34
N ILE D 427 -36.08 37.26 -24.08
CA ILE D 427 -36.49 36.84 -22.72
C ILE D 427 -35.55 35.75 -22.18
N PHE D 428 -34.88 36.03 -21.06
CA PHE D 428 -33.92 35.11 -20.46
C PHE D 428 -34.48 34.83 -19.08
N SER D 429 -34.78 33.57 -18.91
CA SER D 429 -35.40 33.06 -17.72
C SER D 429 -34.29 32.20 -17.09
N LEU D 430 -33.45 32.83 -16.29
CA LEU D 430 -32.19 32.18 -15.82
C LEU D 430 -32.27 31.31 -14.57
N SER D 431 -33.39 31.34 -13.83
CA SER D 431 -33.44 30.69 -12.53
C SER D 431 -33.55 29.17 -12.69
N ASN D 432 -32.82 28.45 -11.86
CA ASN D 432 -32.76 26.97 -11.86
C ASN D 432 -33.24 26.45 -10.48
N PRO D 433 -33.65 25.17 -10.38
CA PRO D 433 -33.90 24.27 -11.50
C PRO D 433 -35.26 24.56 -12.22
N THR D 434 -35.64 23.71 -13.15
CA THR D 434 -36.83 23.92 -13.95
C THR D 434 -38.00 24.46 -13.18
N SER D 435 -38.19 23.95 -11.97
CA SER D 435 -39.37 24.34 -11.21
C SER D 435 -39.32 25.79 -10.72
N HIS D 436 -38.13 26.38 -10.67
CA HIS D 436 -37.98 27.76 -10.33
C HIS D 436 -37.77 28.69 -11.57
N SER D 437 -37.91 28.18 -12.78
CA SER D 437 -37.73 28.97 -13.99
C SER D 437 -38.83 30.05 -14.06
N GLU D 438 -38.47 31.27 -14.45
CA GLU D 438 -39.42 32.39 -14.55
C GLU D 438 -40.63 32.07 -15.49
N CYS D 439 -40.37 31.30 -16.54
CA CYS D 439 -41.41 30.72 -17.36
C CYS D 439 -40.81 29.57 -18.11
N THR D 440 -41.64 28.78 -18.77
CA THR D 440 -41.17 27.66 -19.55
C THR D 440 -41.03 28.12 -21.01
N ALA D 441 -40.40 27.31 -21.83
CA ALA D 441 -40.26 27.59 -23.24
C ALA D 441 -41.60 27.56 -23.97
N GLU D 442 -42.43 26.57 -23.63
CA GLU D 442 -43.81 26.49 -24.14
C GLU D 442 -44.51 27.83 -23.90
N GLN D 443 -44.47 28.32 -22.68
CA GLN D 443 -45.10 29.59 -22.35
C GLN D 443 -44.48 30.74 -23.13
N ALA D 444 -43.14 30.77 -23.18
CA ALA D 444 -42.48 31.89 -23.87
C ALA D 444 -42.95 32.03 -25.33
N TYR D 445 -42.87 30.93 -26.07
CA TYR D 445 -43.19 30.92 -27.49
C TYR D 445 -44.71 31.03 -27.74
N THR D 446 -45.53 30.45 -26.88
CA THR D 446 -46.96 30.56 -27.01
C THR D 446 -47.48 31.97 -26.75
N TRP D 447 -47.15 32.54 -25.60
CA TRP D 447 -47.66 33.84 -25.26
C TRP D 447 -47.06 34.98 -26.08
N SER D 448 -45.96 34.72 -26.79
CA SER D 448 -45.40 35.67 -27.69
C SER D 448 -45.75 35.40 -29.17
N GLN D 449 -46.58 34.40 -29.48
CA GLN D 449 -46.92 34.04 -30.86
C GLN D 449 -45.72 33.66 -31.75
N GLY D 450 -44.75 32.96 -31.17
CA GLY D 450 -43.58 32.47 -31.93
C GLY D 450 -42.46 33.47 -32.07
N ARG D 451 -42.56 34.61 -31.40
CA ARG D 451 -41.70 35.75 -31.67
C ARG D 451 -40.57 35.98 -30.63
N SER D 452 -40.69 35.44 -29.39
CA SER D 452 -39.66 35.62 -28.34
C SER D 452 -38.37 34.99 -28.77
N ILE D 453 -37.26 35.67 -28.53
CA ILE D 453 -35.97 34.96 -28.50
C ILE D 453 -35.79 34.58 -27.03
N PHE D 454 -35.89 33.29 -26.77
CA PHE D 454 -35.92 32.74 -25.45
C PHE D 454 -34.69 31.89 -25.19
N ALA D 455 -34.18 32.05 -23.98
CA ALA D 455 -33.17 31.13 -23.45
C ALA D 455 -33.41 30.96 -21.96
N SER D 456 -32.90 29.85 -21.37
CA SER D 456 -33.21 29.50 -19.96
C SER D 456 -32.03 28.88 -19.26
N GLY D 457 -32.04 28.97 -17.93
CA GLY D 457 -31.04 28.28 -17.12
C GLY D 457 -31.08 26.77 -17.16
N SER D 458 -32.28 26.21 -17.22
CA SER D 458 -32.50 24.78 -17.21
C SER D 458 -33.02 24.37 -18.56
N PRO D 459 -32.84 23.11 -18.92
CA PRO D 459 -33.16 22.69 -20.30
C PRO D 459 -34.66 22.48 -20.49
N PHE D 460 -35.15 22.79 -21.70
CA PHE D 460 -36.50 22.48 -22.11
C PHE D 460 -36.45 21.74 -23.45
N ALA D 461 -37.42 20.87 -23.63
CA ALA D 461 -37.62 20.14 -24.88
C ALA D 461 -37.96 21.11 -26.06
N PRO D 462 -37.74 20.69 -27.33
CA PRO D 462 -38.24 21.48 -28.47
C PRO D 462 -39.71 21.88 -28.39
N VAL D 463 -40.02 23.10 -28.81
CA VAL D 463 -41.43 23.58 -28.80
C VAL D 463 -42.01 23.67 -30.24
N GLU D 464 -43.16 23.03 -30.48
CA GLU D 464 -43.87 23.11 -31.79
C GLU D 464 -44.91 24.21 -31.70
N TYR D 465 -44.90 25.17 -32.62
CA TYR D 465 -45.91 26.25 -32.61
C TYR D 465 -46.26 26.62 -34.07
N GLU D 466 -47.53 26.41 -34.45
CA GLU D 466 -48.03 26.74 -35.79
C GLU D 466 -47.06 26.27 -36.87
N GLY D 467 -46.73 24.99 -36.81
CA GLY D 467 -45.78 24.38 -37.74
C GLY D 467 -44.29 24.70 -37.68
N LYS D 468 -43.86 25.65 -36.85
CA LYS D 468 -42.41 25.93 -36.67
C LYS D 468 -41.85 25.17 -35.45
N THR D 469 -40.59 24.76 -35.51
CA THR D 469 -39.92 24.16 -34.33
C THR D 469 -38.92 25.15 -33.74
N PHE D 470 -39.10 25.42 -32.44
CA PHE D 470 -38.16 26.24 -31.63
C PHE D 470 -37.34 25.35 -30.70
N VAL D 471 -36.03 25.54 -30.74
CA VAL D 471 -35.07 24.81 -29.89
C VAL D 471 -34.39 25.86 -28.99
N PRO D 472 -34.98 26.11 -27.84
CA PRO D 472 -34.45 27.18 -26.97
C PRO D 472 -33.00 26.91 -26.43
N GLY D 473 -32.18 27.94 -26.41
CA GLY D 473 -30.86 27.84 -25.87
C GLY D 473 -30.89 27.80 -24.35
N GLN D 474 -29.82 27.26 -23.81
CA GLN D 474 -29.57 27.25 -22.38
C GLN D 474 -28.50 28.29 -22.00
N SER D 475 -28.99 29.40 -21.46
CA SER D 475 -28.14 30.46 -20.96
CA SER D 475 -28.18 30.49 -20.94
C SER D 475 -27.73 30.06 -19.55
N ASN D 476 -26.85 29.09 -19.52
CA ASN D 476 -26.30 28.54 -18.27
C ASN D 476 -24.78 28.69 -18.34
N ASN D 477 -24.18 29.05 -17.21
CA ASN D 477 -22.73 29.24 -17.10
C ASN D 477 -21.84 28.01 -17.39
N ALA D 478 -22.39 26.81 -17.50
CA ALA D 478 -21.67 25.68 -18.11
C ALA D 478 -21.08 25.93 -19.51
N TYR D 479 -21.66 26.90 -20.27
CA TYR D 479 -21.03 27.26 -21.53
C TYR D 479 -19.69 28.00 -21.35
N ILE D 480 -19.54 28.71 -20.22
CA ILE D 480 -18.43 29.61 -19.96
C ILE D 480 -17.36 29.10 -18.97
N PHE D 481 -17.75 28.57 -17.82
CA PHE D 481 -16.74 28.32 -16.78
C PHE D 481 -15.70 27.29 -17.21
N PRO D 482 -16.11 26.27 -17.94
CA PRO D 482 -15.11 25.28 -18.37
C PRO D 482 -13.92 25.82 -19.21
N GLY D 483 -14.18 26.60 -20.24
CA GLY D 483 -13.10 27.20 -21.03
C GLY D 483 -12.39 28.30 -20.30
N LEU D 484 -13.11 29.00 -19.46
CA LEU D 484 -12.57 30.15 -18.82
C LEU D 484 -11.55 29.71 -17.82
N GLY D 485 -11.90 28.74 -16.98
CA GLY D 485 -10.90 28.15 -16.04
C GLY D 485 -9.76 27.47 -16.81
N LEU D 486 -10.05 26.75 -17.88
CA LEU D 486 -8.95 26.19 -18.64
C LEU D 486 -8.02 27.29 -19.14
N GLY D 487 -8.60 28.42 -19.60
CA GLY D 487 -7.80 29.57 -20.01
C GLY D 487 -6.91 30.13 -18.92
N LEU D 488 -7.44 30.23 -17.71
CA LEU D 488 -6.66 30.70 -16.58
C LEU D 488 -5.48 29.70 -16.28
N VAL D 489 -5.81 28.42 -16.30
CA VAL D 489 -4.88 27.42 -15.90
C VAL D 489 -3.70 27.33 -16.89
N ILE D 490 -4.00 27.25 -18.18
CA ILE D 490 -2.96 27.06 -19.19
C ILE D 490 -2.04 28.26 -19.46
N SER D 491 -2.52 29.45 -19.14
CA SER D 491 -1.75 30.67 -19.23
C SER D 491 -1.07 30.99 -17.90
N GLY D 492 -1.30 30.19 -16.87
CA GLY D 492 -0.71 30.47 -15.59
C GLY D 492 -1.20 31.80 -15.01
N ALA D 493 -2.45 32.15 -15.25
CA ALA D 493 -2.97 33.42 -14.76
C ALA D 493 -2.98 33.46 -13.28
N VAL D 494 -2.71 34.63 -12.70
CA VAL D 494 -2.74 34.80 -11.26
C VAL D 494 -3.91 35.62 -10.73
N ARG D 495 -4.59 36.33 -11.61
CA ARG D 495 -5.82 37.06 -11.24
C ARG D 495 -6.81 36.98 -12.38
N VAL D 496 -8.09 37.07 -12.04
CA VAL D 496 -9.17 37.21 -13.02
C VAL D 496 -9.36 38.74 -13.25
N HIS D 497 -9.48 39.15 -14.50
CA HIS D 497 -9.79 40.53 -14.83
C HIS D 497 -11.16 40.57 -15.50
N GLU D 498 -11.93 41.64 -15.27
CA GLU D 498 -13.22 41.78 -15.96
C GLU D 498 -13.11 41.61 -17.52
N ASP D 499 -11.97 41.98 -18.13
CA ASP D 499 -11.80 41.88 -19.60
C ASP D 499 -11.68 40.48 -20.07
N MET D 500 -11.32 39.57 -19.17
CA MET D 500 -11.35 38.15 -19.48
C MET D 500 -12.80 37.70 -19.63
N LEU D 501 -13.70 38.27 -18.82
CA LEU D 501 -15.13 37.91 -18.88
C LEU D 501 -15.72 38.41 -20.22
N LEU D 502 -15.35 39.61 -20.62
CA LEU D 502 -15.78 40.15 -21.94
C LEU D 502 -15.19 39.31 -23.07
N ALA D 503 -13.94 38.87 -22.93
CA ALA D 503 -13.34 38.07 -23.98
C ALA D 503 -14.03 36.70 -24.11
N ALA D 504 -14.40 36.12 -22.97
CA ALA D 504 -15.10 34.80 -22.98
C ALA D 504 -16.46 34.92 -23.60
N SER D 505 -17.18 35.99 -23.22
CA SER D 505 -18.49 36.23 -23.82
C SER D 505 -18.42 36.30 -25.34
N LYS D 506 -17.44 37.05 -25.84
CA LYS D 506 -17.29 37.26 -27.28
C LYS D 506 -16.87 36.00 -27.93
N ALA D 507 -15.94 35.23 -27.34
CA ALA D 507 -15.59 33.93 -27.95
C ALA D 507 -16.76 32.98 -28.08
N LEU D 508 -17.69 33.02 -27.14
CA LEU D 508 -18.82 32.09 -27.21
C LEU D 508 -19.82 32.53 -28.29
N ALA D 509 -20.18 33.80 -28.26
CA ALA D 509 -21.08 34.39 -29.27
C ALA D 509 -20.51 34.24 -30.68
N ASP D 510 -19.18 34.33 -30.84
CA ASP D 510 -18.53 34.11 -32.17
C ASP D 510 -18.69 32.67 -32.69
N GLN D 511 -18.87 31.70 -31.78
CA GLN D 511 -19.22 30.32 -32.13
C GLN D 511 -20.69 30.07 -32.53
N ALA D 512 -21.61 30.92 -32.10
CA ALA D 512 -23.00 30.87 -32.56
C ALA D 512 -23.04 31.10 -34.07
N THR D 513 -23.72 30.23 -34.81
CA THR D 513 -23.84 30.32 -36.29
C THR D 513 -25.34 30.34 -36.70
N GLN D 514 -25.57 30.55 -37.99
CA GLN D 514 -26.90 30.53 -38.57
C GLN D 514 -27.56 29.13 -38.44
N ASP D 515 -26.77 28.05 -38.44
CA ASP D 515 -27.23 26.68 -38.17
C ASP D 515 -28.06 26.60 -36.86
N ASN D 516 -27.55 27.25 -35.81
CA ASN D 516 -28.24 27.28 -34.53
CA ASN D 516 -28.29 27.25 -34.53
C ASN D 516 -29.33 28.38 -34.48
N PHE D 517 -29.11 29.50 -35.14
CA PHE D 517 -30.12 30.58 -35.18
C PHE D 517 -31.44 30.23 -35.89
N GLU D 518 -31.32 29.44 -36.95
CA GLU D 518 -32.46 28.92 -37.71
C GLU D 518 -33.45 28.12 -36.84
N LYS D 519 -32.96 27.39 -35.82
CA LYS D 519 -33.83 26.68 -34.86
C LYS D 519 -34.31 27.54 -33.69
N GLY D 520 -33.93 28.82 -33.66
CA GLY D 520 -34.12 29.72 -32.50
C GLY D 520 -33.18 29.61 -31.27
N SER D 521 -32.03 28.93 -31.42
CA SER D 521 -31.07 28.69 -30.32
C SER D 521 -30.03 29.72 -30.40
N ILE D 522 -29.88 30.53 -29.38
CA ILE D 522 -28.82 31.51 -29.42
C ILE D 522 -27.39 30.99 -29.21
N PHE D 523 -27.22 29.74 -28.76
CA PHE D 523 -25.91 29.16 -28.56
C PHE D 523 -25.77 27.91 -29.44
N PRO D 524 -24.53 27.58 -29.83
CA PRO D 524 -24.32 26.24 -30.41
C PRO D 524 -24.61 25.13 -29.40
N PRO D 525 -24.95 23.94 -29.91
CA PRO D 525 -25.37 22.89 -29.03
C PRO D 525 -24.17 22.34 -28.23
N PHE D 526 -24.46 21.58 -27.19
CA PHE D 526 -23.39 21.03 -26.33
C PHE D 526 -22.53 20.01 -27.03
N THR D 527 -23.02 19.42 -28.11
CA THR D 527 -22.21 18.56 -28.95
C THR D 527 -20.96 19.30 -29.50
N SER D 528 -20.92 20.64 -29.47
CA SER D 528 -19.68 21.38 -29.85
C SER D 528 -18.84 21.90 -28.70
N ILE D 529 -19.08 21.44 -27.47
CA ILE D 529 -18.58 22.14 -26.24
C ILE D 529 -17.04 22.16 -26.09
N ARG D 530 -16.36 21.13 -26.56
CA ARG D 530 -14.89 21.09 -26.51
C ARG D 530 -14.27 22.13 -27.45
N LYS D 531 -14.82 22.22 -28.65
CA LYS D 531 -14.42 23.29 -29.56
C LYS D 531 -14.74 24.68 -28.95
N ILE D 532 -15.90 24.86 -28.36
CA ILE D 532 -16.25 26.14 -27.72
C ILE D 532 -15.31 26.46 -26.60
N SER D 533 -15.04 25.47 -25.75
CA SER D 533 -14.17 25.69 -24.58
C SER D 533 -12.72 26.05 -25.00
N ALA D 534 -12.19 25.44 -26.08
CA ALA D 534 -10.85 25.78 -26.59
C ALA D 534 -10.75 27.24 -27.06
N HIS D 535 -11.76 27.67 -27.78
CA HIS D 535 -11.88 29.07 -28.14
C HIS D 535 -12.03 30.00 -26.96
N ILE D 536 -12.82 29.63 -25.95
CA ILE D 536 -12.93 30.51 -24.80
C ILE D 536 -11.64 30.56 -24.07
N ALA D 537 -10.98 29.41 -23.92
CA ALA D 537 -9.72 29.35 -23.21
C ALA D 537 -8.65 30.16 -23.95
N ALA D 538 -8.63 30.09 -25.30
CA ALA D 538 -7.62 30.83 -26.08
C ALA D 538 -7.78 32.31 -25.89
N ALA D 539 -9.01 32.77 -25.93
CA ALA D 539 -9.29 34.19 -25.73
C ALA D 539 -9.09 34.64 -24.33
N VAL D 540 -9.37 33.79 -23.34
CA VAL D 540 -9.03 34.17 -21.95
C VAL D 540 -7.49 34.24 -21.70
N ALA D 541 -6.78 33.24 -22.21
CA ALA D 541 -5.33 33.21 -22.08
C ALA D 541 -4.68 34.43 -22.78
N ALA D 542 -5.14 34.76 -23.99
CA ALA D 542 -4.57 35.92 -24.79
C ALA D 542 -4.70 37.12 -23.94
N LYS D 543 -5.87 37.26 -23.36
CA LYS D 543 -6.11 38.42 -22.50
C LYS D 543 -5.23 38.42 -21.24
N ALA D 544 -4.96 37.24 -20.66
CA ALA D 544 -4.01 37.23 -19.53
C ALA D 544 -2.59 37.70 -19.93
N TYR D 545 -2.13 37.27 -21.09
CA TYR D 545 -0.82 37.69 -21.59
C TYR D 545 -0.83 39.19 -21.89
N GLU D 546 -1.87 39.64 -22.57
CA GLU D 546 -2.02 41.03 -22.95
C GLU D 546 -2.02 41.92 -21.71
N LEU D 547 -2.54 41.46 -20.58
CA LEU D 547 -2.63 42.31 -19.41
C LEU D 547 -1.49 42.12 -18.46
N GLY D 548 -0.55 41.23 -18.75
CA GLY D 548 0.53 41.03 -17.76
C GLY D 548 0.13 40.20 -16.56
N LEU D 549 -0.92 39.37 -16.72
CA LEU D 549 -1.37 38.45 -15.65
C LEU D 549 -0.94 37.03 -15.85
N ALA D 550 -0.39 36.67 -17.00
CA ALA D 550 0.06 35.31 -17.25
C ALA D 550 1.47 35.04 -16.73
N THR D 551 1.70 33.83 -16.16
CA THR D 551 3.03 33.37 -15.79
C THR D 551 3.56 32.22 -16.65
N ARG D 552 2.79 31.60 -17.56
CA ARG D 552 3.37 30.54 -18.44
C ARG D 552 4.02 31.19 -19.67
N LEU D 553 5.23 31.67 -19.46
CA LEU D 553 5.95 32.47 -20.46
C LEU D 553 7.02 31.66 -21.25
N PRO D 554 7.25 31.94 -22.54
CA PRO D 554 6.53 32.93 -23.32
C PRO D 554 5.22 32.33 -23.79
N PRO D 555 4.30 33.17 -24.28
CA PRO D 555 3.03 32.66 -24.82
C PRO D 555 3.23 31.76 -26.01
N PRO D 556 2.49 30.64 -26.08
CA PRO D 556 2.48 29.86 -27.34
C PRO D 556 1.81 30.66 -28.46
N SER D 557 2.21 30.43 -29.71
CA SER D 557 1.79 31.36 -30.79
C SER D 557 0.37 31.08 -31.31
N ASP D 558 -0.06 29.80 -31.29
CA ASP D 558 -1.43 29.44 -31.64
C ASP D 558 -2.20 28.98 -30.34
N LEU D 559 -2.91 29.91 -29.68
CA LEU D 559 -3.53 29.63 -28.37
C LEU D 559 -4.67 28.61 -28.42
N VAL D 560 -5.39 28.60 -29.52
CA VAL D 560 -6.50 27.67 -29.72
C VAL D 560 -5.97 26.25 -29.83
N LYS D 561 -4.95 26.06 -30.64
CA LYS D 561 -4.29 24.77 -30.75
C LYS D 561 -3.72 24.33 -29.40
N TYR D 562 -3.02 25.25 -28.70
CA TYR D 562 -2.46 24.89 -27.42
C TYR D 562 -3.58 24.42 -26.42
N ALA D 563 -4.70 25.12 -26.40
CA ALA D 563 -5.82 24.79 -25.51
C ALA D 563 -6.35 23.38 -25.82
N GLU D 564 -6.64 23.10 -27.10
CA GLU D 564 -7.00 21.77 -27.54
C GLU D 564 -6.02 20.69 -27.14
N ASN D 565 -4.70 20.96 -27.21
CA ASN D 565 -3.68 19.96 -26.88
C ASN D 565 -3.52 19.80 -25.39
N CYS D 566 -3.88 20.83 -24.61
CA CYS D 566 -3.91 20.70 -23.16
C CYS D 566 -5.08 19.83 -22.63
N MET D 567 -6.04 19.45 -23.49
CA MET D 567 -7.27 18.89 -22.97
C MET D 567 -7.17 17.41 -22.61
N TYR D 568 -7.68 17.09 -21.43
CA TYR D 568 -7.82 15.69 -20.97
C TYR D 568 -8.64 14.83 -21.88
N THR D 569 -8.15 13.66 -22.23
CA THR D 569 -8.95 12.67 -22.97
C THR D 569 -9.20 11.49 -21.99
N PRO D 570 -10.44 11.00 -21.90
CA PRO D 570 -10.73 9.90 -20.97
C PRO D 570 -10.55 8.53 -21.63
N VAL D 571 -9.85 8.44 -22.74
CA VAL D 571 -9.55 7.15 -23.36
C VAL D 571 -8.64 6.40 -22.40
N TYR D 572 -8.93 5.13 -22.18
CA TYR D 572 -8.12 4.31 -21.28
C TYR D 572 -6.65 4.34 -21.67
N ARG D 573 -5.80 4.32 -20.64
CA ARG D 573 -4.36 4.08 -20.75
C ARG D 573 -4.10 2.61 -20.89
N ASN D 574 -2.97 2.24 -21.48
CA ASN D 574 -2.46 0.88 -21.34
C ASN D 574 -1.47 0.84 -20.20
N TYR D 575 -1.48 -0.24 -19.43
CA TYR D 575 -0.68 -0.40 -18.22
C TYR D 575 0.39 -1.48 -18.44
N ARG D 576 1.63 -1.22 -18.02
CA ARG D 576 2.61 -2.29 -17.97
C ARG D 576 2.62 -3.08 -16.63
NA NA E . 9.38 -15.94 35.13
NA NA F . 6.83 4.74 25.90
NA NA G . 11.86 -15.92 -0.19
K K H . 24.19 -15.77 33.35
NA NA I . 10.40 -2.81 16.10
NA NA J . 26.64 8.34 -2.18
NA NA K . 29.80 24.30 -6.81
NA NA L . 15.19 13.74 1.26
NA NA M . 48.27 15.76 -8.12
NA NA N . -29.86 -23.90 8.09
NA NA O . -44.21 -25.55 -6.55
NA NA P . -26.92 -12.58 -4.63
NA NA Q . -22.73 -29.51 -15.84
NA NA R . -22.21 -32.54 -7.68
NA NA S . -13.71 -11.10 -8.50
NA NA T . -34.54 28.00 -16.08
NA NA U . -19.88 13.71 -0.76
#